data_7ZYF
#
_entry.id   7ZYF
#
_cell.length_a   73.478
_cell.length_b   120.051
_cell.length_c   141.246
_cell.angle_alpha   90.000
_cell.angle_beta   103.281
_cell.angle_gamma   90.000
#
_symmetry.space_group_name_H-M   'P 1 21 1'
#
loop_
_entity.id
_entity.type
_entity.pdbx_description
1 polymer 'Leucyl-cystinyl aminopeptidase, pregnancy serum form'
2 branched alpha-D-mannopyranose-(1-6)-beta-D-mannopyranose-(1-4)-2-acetamido-2-deoxy-beta-D-glucopyranose-(1-4)-2-acetamido-2-deoxy-beta-D-glucopyranose
3 branched 2-acetamido-2-deoxy-beta-D-glucopyranose-(1-4)-2-acetamido-2-deoxy-beta-D-glucopyranose
4 branched beta-D-mannopyranose-(1-4)-2-acetamido-2-deoxy-beta-D-glucopyranose-(1-4)-2-acetamido-2-deoxy-beta-D-glucopyranose
5 branched alpha-D-mannopyranose-(1-3)-[alpha-D-mannopyranose-(1-6)]beta-D-mannopyranose-(1-4)-2-acetamido-2-deoxy-beta-D-glucopyranose-(1-4)-2-acetamido-2-deoxy-beta-D-glucopyranose
6 non-polymer 'ZINC ION'
7 non-polymer 2-acetamido-2-deoxy-beta-D-glucopyranose
8 non-polymer 'methyl (2S)-2-[[(2S)-2-[[(2S,3R)-3-azanyl-2-oxidanyl-4-(4-oxidanylphenoxy)butanoyl]amino]-4-methyl-pentanoyl]amino]-3-(1H-indol-3-yl)propanoate'
9 non-polymer 1,2-ETHANEDIOL
10 non-polymer DI(HYDROXYETHYL)ETHER
11 non-polymer 2-AMINO-2-HYDROXYMETHYL-PROPANE-1,3-DIOL
12 water water
#
_entity_poly.entity_id   1
_entity_poly.type   'polypeptide(L)'
_entity_poly.pdbx_seq_one_letter_code
;ATNGKLFPWAQIRLPTAVVPLRYELSLHPNLTSMTFRGSVTISVQALQVTWNIILHSTGHNISRVTFMSAVSSQEKQAEI
LEYAYHGQIAIVAPEALLAGHNYTLKIEYSANISSSYYGFYGFSYTDESNEKKYFAATQFEPLAARSAFPCFDEPAFKAT
FIIKIIRDEQYTALSNMPKKSSVVLDDGLVQDEFSESVKMSTYLVAFIVGEMKNLSQDVNGTLVSIYAVPEKIGQVHYAL
ETTVKLLEFFQNYFEIQYPLKKLDLVAIPDFEAGAMENWGLLTFREETLLYDSNTSSMADRKLVTKIIAHELAHQWFGNL
VTMKWWNDLWLNEGFATFMEYFSLEKIFKELSSYEDFLDARFKTMKKDSLNSSHPISSSVQSSEQIEEMFDSLSYFKGSS
LLLMLKTYLSEDVFQHAVVLYLHNHSYASIQSDDLWDSFNEVTNQTLDVKRMMKTWTLQKGFPLVTVQKKGKELFIQQER
FFLNMKPEIQPSDTSYLWHIPLSYVTEGRNYSKYQSVSLLDKKSGVINLTEEVLWVKVNINMNGYYIVHYADDDWEALIH
QLKINPYVLSDKDRANLINNIFELAGLGKVPLKRAFDLINYLGNENHTAPITEALFQTDLIYNLLEKLGYMDLASRLVTR
VFKLLQNQIQQQTWTDEGTPSMRELRSALLEFACTHNLGNCSTTAMKLFDDWMASNGTQSLPTDVMTTVFKVGAKTDKGW
SFLLGKYISIGSEAEKNKILEALASSEDVRKLYWLMKSSLNGDNFRTQKLSFIIRTVGRHFPGHLLAWDFVKENWNKLVQ
KFPLGSYTIQNIVAGSTYLFSTKTHLSEVQAFFENQSEATFRLRCVQEALEVIQLNIQWMEKNLKSLTWWL
;
_entity_poly.pdbx_strand_id   A,B
#
# COMPACT_ATOMS: atom_id res chain seq x y z
N GLY A 4 -21.50 -7.78 -54.32
CA GLY A 4 -21.25 -8.84 -53.35
C GLY A 4 -19.84 -9.38 -53.47
N LYS A 5 -18.88 -8.47 -53.68
CA LYS A 5 -17.49 -8.79 -53.97
C LYS A 5 -16.52 -8.62 -52.78
N LEU A 6 -17.00 -8.67 -51.52
CA LEU A 6 -16.09 -8.50 -50.36
C LEU A 6 -15.58 -7.09 -50.12
N PHE A 7 -16.28 -6.29 -49.31
CA PHE A 7 -15.78 -4.98 -48.89
C PHE A 7 -14.27 -5.01 -48.63
N PRO A 8 -13.51 -4.10 -49.26
CA PRO A 8 -12.04 -4.14 -49.22
C PRO A 8 -11.35 -3.43 -48.06
N TRP A 9 -12.00 -3.23 -46.92
CA TRP A 9 -11.39 -2.46 -45.85
C TRP A 9 -12.09 -2.79 -44.54
N ALA A 10 -11.30 -3.12 -43.51
CA ALA A 10 -11.84 -3.62 -42.25
C ALA A 10 -11.44 -2.78 -41.03
N GLN A 11 -10.94 -1.57 -41.24
CA GLN A 11 -10.52 -0.68 -40.17
C GLN A 11 -11.47 0.50 -40.08
N ILE A 12 -11.65 1.02 -38.86
CA ILE A 12 -12.58 2.13 -38.68
C ILE A 12 -12.08 3.36 -39.41
N ARG A 13 -10.78 3.62 -39.34
CA ARG A 13 -10.22 4.83 -39.92
C ARG A 13 -9.91 4.59 -41.38
N LEU A 14 -10.17 5.61 -42.20
CA LEU A 14 -10.06 5.46 -43.63
C LEU A 14 -8.59 5.27 -44.03
N PRO A 15 -8.34 4.73 -45.22
CA PRO A 15 -6.98 4.76 -45.75
C PRO A 15 -6.50 6.19 -45.88
N THR A 16 -5.19 6.33 -46.06
CA THR A 16 -4.58 7.63 -46.27
C THR A 16 -4.15 7.81 -47.72
N ALA A 17 -4.46 6.85 -48.58
CA ALA A 17 -3.95 6.85 -49.95
C ALA A 17 -4.60 7.93 -50.81
N VAL A 18 -5.90 8.17 -50.62
CA VAL A 18 -6.64 9.14 -51.40
C VAL A 18 -7.06 10.28 -50.49
N VAL A 19 -6.75 11.52 -50.90
CA VAL A 19 -7.09 12.69 -50.12
C VAL A 19 -8.11 13.53 -50.87
N PRO A 20 -9.09 14.09 -50.18
CA PRO A 20 -10.05 14.99 -50.83
C PRO A 20 -9.39 16.34 -51.11
N LEU A 21 -9.64 16.86 -52.31
CA LEU A 21 -9.07 18.15 -52.69
C LEU A 21 -10.11 19.23 -52.81
N ARG A 22 -11.29 18.92 -53.35
CA ARG A 22 -12.32 19.90 -53.65
C ARG A 22 -13.66 19.18 -53.60
N TYR A 23 -14.64 19.81 -52.95
CA TYR A 23 -15.98 19.23 -52.80
C TYR A 23 -17.00 20.15 -53.43
N GLU A 24 -17.98 19.56 -54.11
CA GLU A 24 -19.11 20.31 -54.66
C GLU A 24 -20.35 19.46 -54.41
N LEU A 25 -21.19 19.91 -53.50
CA LEU A 25 -22.43 19.20 -53.17
C LEU A 25 -23.62 20.12 -53.40
N SER A 26 -24.49 19.72 -54.32
CA SER A 26 -25.75 20.41 -54.55
C SER A 26 -26.87 19.50 -54.04
N LEU A 27 -27.79 20.09 -53.28
CA LEU A 27 -28.83 19.33 -52.60
C LEU A 27 -30.18 19.93 -52.91
N HIS A 28 -31.18 19.08 -53.11
CA HIS A 28 -32.56 19.52 -53.26
C HIS A 28 -33.40 18.92 -52.14
N PRO A 29 -33.41 19.57 -50.97
CA PRO A 29 -34.28 19.13 -49.88
C PRO A 29 -35.70 19.64 -50.10
N ASN A 30 -36.65 18.91 -49.52
CA ASN A 30 -38.05 19.29 -49.66
C ASN A 30 -38.63 19.90 -48.40
N LEU A 31 -38.59 19.18 -47.27
CA LEU A 31 -39.14 19.56 -45.96
C LEU A 31 -40.66 19.58 -45.99
N THR A 32 -41.22 19.56 -47.18
CA THR A 32 -42.61 19.17 -47.32
C THR A 32 -42.72 17.66 -47.22
N SER A 33 -41.80 16.96 -47.88
CA SER A 33 -41.72 15.52 -47.88
C SER A 33 -40.74 14.99 -46.85
N MET A 34 -39.85 15.85 -46.33
CA MET A 34 -38.84 15.47 -45.35
C MET A 34 -37.91 14.41 -45.93
N THR A 35 -37.61 14.56 -47.23
CA THR A 35 -36.66 13.74 -47.96
C THR A 35 -35.81 14.69 -48.79
N PHE A 36 -34.72 14.18 -49.35
CA PHE A 36 -33.84 15.06 -50.11
C PHE A 36 -33.01 14.23 -51.09
N ARG A 37 -32.56 14.91 -52.14
CA ARG A 37 -31.75 14.33 -53.20
C ARG A 37 -30.49 15.19 -53.35
N GLY A 38 -29.34 14.54 -53.39
CA GLY A 38 -28.07 15.24 -53.36
C GLY A 38 -27.11 14.71 -54.41
N SER A 39 -26.20 15.58 -54.83
CA SER A 39 -25.15 15.27 -55.80
C SER A 39 -23.80 15.69 -55.21
N VAL A 40 -22.92 14.73 -54.97
CA VAL A 40 -21.58 15.02 -54.46
C VAL A 40 -20.55 14.74 -55.54
N THR A 41 -19.82 15.79 -55.93
CA THR A 41 -18.68 15.71 -56.84
C THR A 41 -17.41 15.99 -56.03
N ILE A 42 -16.54 14.99 -55.90
CA ILE A 42 -15.35 15.12 -55.08
C ILE A 42 -14.11 15.02 -55.96
N SER A 43 -13.25 16.02 -55.88
CA SER A 43 -11.94 16.00 -56.50
C SER A 43 -10.96 15.36 -55.53
N VAL A 44 -10.33 14.26 -55.97
CA VAL A 44 -9.45 13.51 -55.09
C VAL A 44 -8.08 13.40 -55.75
N GLN A 45 -7.07 13.22 -54.90
CA GLN A 45 -5.70 12.92 -55.33
C GLN A 45 -5.30 11.60 -54.72
N ALA A 46 -4.79 10.69 -55.55
CA ALA A 46 -4.26 9.43 -55.05
C ALA A 46 -2.78 9.62 -54.77
N LEU A 47 -2.38 9.39 -53.53
CA LEU A 47 -0.98 9.55 -53.15
C LEU A 47 -0.19 8.26 -53.29
N GLN A 48 -0.84 7.18 -53.68
CA GLN A 48 -0.21 5.90 -53.96
C GLN A 48 -1.17 5.09 -54.82
N VAL A 49 -0.68 3.99 -55.37
CA VAL A 49 -1.51 3.15 -56.23
C VAL A 49 -2.71 2.66 -55.43
N THR A 50 -3.90 2.76 -56.03
CA THR A 50 -5.13 2.46 -55.32
C THR A 50 -6.10 1.76 -56.25
N TRP A 51 -6.83 0.80 -55.72
CA TRP A 51 -7.89 0.13 -56.47
C TRP A 51 -9.28 0.41 -55.93
N ASN A 52 -9.40 0.95 -54.71
CA ASN A 52 -10.69 1.22 -54.10
C ASN A 52 -10.62 2.54 -53.36
N ILE A 53 -11.57 3.42 -53.65
CA ILE A 53 -11.77 4.64 -52.88
C ILE A 53 -12.68 4.28 -51.71
N ILE A 54 -12.17 4.44 -50.49
CA ILE A 54 -12.94 4.15 -49.29
C ILE A 54 -13.46 5.47 -48.74
N LEU A 55 -14.78 5.56 -48.60
CA LEU A 55 -15.47 6.77 -48.22
C LEU A 55 -16.44 6.47 -47.10
N HIS A 56 -17.02 7.55 -46.55
CA HIS A 56 -18.02 7.47 -45.50
C HIS A 56 -19.36 7.82 -46.11
N SER A 57 -20.36 6.97 -45.87
CA SER A 57 -21.71 7.23 -46.33
C SER A 57 -22.66 6.48 -45.42
N THR A 58 -23.65 7.20 -44.90
CA THR A 58 -24.61 6.66 -43.96
C THR A 58 -26.01 7.05 -44.40
N GLY A 59 -26.81 6.05 -44.79
CA GLY A 59 -28.20 6.30 -45.06
C GLY A 59 -28.49 6.88 -46.42
N HIS A 60 -27.95 6.28 -47.48
CA HIS A 60 -28.07 6.86 -48.82
C HIS A 60 -28.43 5.81 -49.85
N ASN A 61 -29.42 6.13 -50.69
CA ASN A 61 -29.72 5.37 -51.90
C ASN A 61 -28.94 5.97 -53.07
N ILE A 62 -27.85 5.31 -53.45
CA ILE A 62 -27.00 5.74 -54.56
C ILE A 62 -27.57 5.23 -55.89
N SER A 63 -27.75 6.15 -56.84
CA SER A 63 -28.17 5.81 -58.19
C SER A 63 -27.03 5.76 -59.18
N ARG A 64 -25.96 6.54 -58.96
CA ARG A 64 -24.86 6.63 -59.91
C ARG A 64 -23.58 7.06 -59.22
N VAL A 65 -22.52 6.28 -59.41
CA VAL A 65 -21.15 6.69 -59.10
C VAL A 65 -20.36 6.66 -60.40
N THR A 66 -19.56 7.70 -60.64
CA THR A 66 -18.92 7.88 -61.93
C THR A 66 -17.55 8.53 -61.75
N PHE A 67 -16.69 8.32 -62.74
CA PHE A 67 -15.39 8.96 -62.83
C PHE A 67 -15.37 9.94 -63.99
N MET A 68 -14.57 11.00 -63.85
CA MET A 68 -14.52 12.07 -64.84
C MET A 68 -13.10 12.62 -64.95
N SER A 73 -9.65 10.92 -68.88
CA SER A 73 -10.16 11.38 -70.16
C SER A 73 -11.54 10.78 -70.46
N GLN A 74 -11.89 9.71 -69.75
CA GLN A 74 -13.13 8.99 -69.99
C GLN A 74 -14.05 9.06 -68.78
N GLU A 75 -15.33 9.28 -69.03
CA GLU A 75 -16.37 9.32 -68.01
C GLU A 75 -16.97 7.93 -67.86
N LYS A 76 -16.57 7.22 -66.81
CA LYS A 76 -16.99 5.85 -66.55
C LYS A 76 -17.79 5.72 -65.26
N GLN A 77 -18.61 4.68 -65.20
CA GLN A 77 -19.39 4.34 -64.01
C GLN A 77 -18.58 3.38 -63.15
N ALA A 78 -18.77 3.48 -61.83
CA ALA A 78 -18.01 2.68 -60.87
C ALA A 78 -18.93 1.83 -60.02
N GLU A 79 -18.38 0.70 -59.55
CA GLU A 79 -19.10 -0.15 -58.63
C GLU A 79 -18.92 0.35 -57.21
N ILE A 80 -19.98 0.28 -56.42
CA ILE A 80 -19.97 0.75 -55.04
C ILE A 80 -20.41 -0.39 -54.14
N LEU A 81 -19.68 -0.59 -53.04
CA LEU A 81 -19.98 -1.57 -52.02
C LEU A 81 -20.14 -0.84 -50.70
N GLU A 82 -20.77 -1.52 -49.74
CA GLU A 82 -21.12 -0.84 -48.50
C GLU A 82 -20.91 -1.79 -47.33
N TYR A 83 -20.28 -1.26 -46.29
CA TYR A 83 -20.04 -1.94 -45.02
C TYR A 83 -20.69 -1.05 -43.97
N ALA A 84 -21.96 -1.34 -43.66
CA ALA A 84 -22.75 -0.48 -42.79
C ALA A 84 -22.13 -0.33 -41.41
N TYR A 85 -21.56 -1.41 -40.86
CA TYR A 85 -21.04 -1.41 -39.51
C TYR A 85 -20.12 -0.23 -39.24
N HIS A 86 -19.17 0.01 -40.14
CA HIS A 86 -18.24 1.12 -40.03
C HIS A 86 -18.74 2.38 -40.76
N GLY A 87 -19.96 2.34 -41.28
CA GLY A 87 -20.50 3.47 -42.02
C GLY A 87 -19.67 3.85 -43.23
N GLN A 88 -19.15 2.86 -43.95
CA GLN A 88 -18.20 3.08 -45.02
C GLN A 88 -18.73 2.54 -46.34
N ILE A 89 -18.42 3.26 -47.42
CA ILE A 89 -18.67 2.77 -48.78
C ILE A 89 -17.33 2.66 -49.49
N ALA A 90 -17.20 1.66 -50.34
CA ALA A 90 -16.01 1.44 -51.14
C ALA A 90 -16.38 1.56 -52.61
N ILE A 91 -15.59 2.31 -53.36
CA ILE A 91 -15.83 2.53 -54.78
C ILE A 91 -14.73 1.82 -55.55
N VAL A 92 -15.12 0.74 -56.23
CA VAL A 92 -14.17 -0.13 -56.93
C VAL A 92 -13.76 0.56 -58.22
N ALA A 93 -12.46 0.81 -58.36
CA ALA A 93 -11.96 1.58 -59.49
C ALA A 93 -11.95 0.72 -60.76
N PRO A 94 -12.27 1.30 -61.92
CA PRO A 94 -12.15 0.54 -63.16
C PRO A 94 -10.71 0.29 -63.57
N GLU A 95 -9.85 1.29 -63.39
CA GLU A 95 -8.41 1.14 -63.56
C GLU A 95 -7.70 1.79 -62.39
N ALA A 96 -6.57 1.20 -61.99
CA ALA A 96 -5.91 1.59 -60.75
C ALA A 96 -5.55 3.07 -60.76
N LEU A 97 -5.68 3.71 -59.60
CA LEU A 97 -5.33 5.11 -59.42
C LEU A 97 -3.85 5.23 -59.10
N LEU A 98 -3.19 6.21 -59.71
CA LEU A 98 -1.75 6.35 -59.58
C LEU A 98 -1.38 7.58 -58.76
N ALA A 99 -0.17 7.54 -58.19
CA ALA A 99 0.28 8.59 -57.30
C ALA A 99 0.50 9.91 -58.05
N GLY A 100 0.18 11.01 -57.39
CA GLY A 100 0.29 12.33 -57.97
C GLY A 100 -0.81 12.68 -58.94
N HIS A 101 -1.69 11.75 -59.26
CA HIS A 101 -2.72 11.93 -60.28
C HIS A 101 -4.03 12.35 -59.64
N ASN A 102 -4.62 13.44 -60.13
CA ASN A 102 -5.94 13.86 -59.67
C ASN A 102 -7.03 13.12 -60.44
N TYR A 103 -8.13 12.82 -59.74
CA TYR A 103 -9.28 12.17 -60.31
C TYR A 103 -10.52 12.88 -59.78
N THR A 104 -11.66 12.67 -60.44
CA THR A 104 -12.90 13.31 -60.00
C THR A 104 -14.02 12.27 -60.01
N LEU A 105 -14.62 12.06 -58.84
CA LEU A 105 -15.72 11.14 -58.65
C LEU A 105 -17.01 11.89 -58.35
N LYS A 106 -18.12 11.43 -58.92
CA LYS A 106 -19.44 11.98 -58.66
C LYS A 106 -20.36 10.89 -58.15
N ILE A 107 -21.02 11.15 -57.02
CA ILE A 107 -22.00 10.24 -56.45
C ILE A 107 -23.34 10.96 -56.40
N GLU A 108 -24.37 10.30 -56.92
CA GLU A 108 -25.73 10.81 -56.91
C GLU A 108 -26.58 9.89 -56.03
N TYR A 109 -27.29 10.48 -55.07
CA TYR A 109 -27.95 9.68 -54.06
C TYR A 109 -29.22 10.37 -53.59
N SER A 110 -30.05 9.59 -52.87
CA SER A 110 -31.23 10.10 -52.19
C SER A 110 -31.20 9.67 -50.73
N ALA A 111 -31.84 10.46 -49.88
CA ALA A 111 -31.93 10.15 -48.45
C ALA A 111 -33.10 10.92 -47.85
N ASN A 112 -33.41 10.57 -46.60
CA ASN A 112 -34.42 11.28 -45.80
C ASN A 112 -33.79 12.36 -44.92
N ILE A 113 -34.57 13.42 -44.66
CA ILE A 113 -34.21 14.36 -43.60
C ILE A 113 -34.49 13.67 -42.26
N SER A 114 -33.76 14.07 -41.23
CA SER A 114 -33.61 13.17 -40.09
C SER A 114 -34.69 13.38 -39.02
N SER A 115 -34.84 12.37 -38.17
CA SER A 115 -35.74 12.34 -37.02
C SER A 115 -35.20 13.06 -35.78
N SER A 116 -33.93 13.41 -35.78
CA SER A 116 -33.21 13.80 -34.56
C SER A 116 -32.53 15.14 -34.81
N TYR A 117 -31.66 15.54 -33.88
CA TYR A 117 -30.95 16.80 -33.99
C TYR A 117 -29.62 16.67 -34.71
N TYR A 118 -29.31 15.53 -35.33
CA TYR A 118 -27.98 15.20 -35.86
CA TYR A 118 -27.98 15.29 -35.88
C TYR A 118 -28.05 14.98 -37.37
N GLY A 119 -26.98 15.32 -38.08
CA GLY A 119 -27.07 15.27 -39.55
C GLY A 119 -27.98 16.38 -40.05
N PHE A 120 -28.42 16.25 -41.30
CA PHE A 120 -29.36 17.22 -41.86
C PHE A 120 -30.75 16.85 -41.36
N TYR A 121 -31.32 17.73 -40.53
CA TYR A 121 -32.52 17.40 -39.78
C TYR A 121 -33.57 18.48 -39.96
N GLY A 122 -34.84 18.08 -39.83
CA GLY A 122 -35.95 18.98 -40.06
C GLY A 122 -37.00 18.87 -38.97
N PHE A 123 -37.74 19.96 -38.80
CA PHE A 123 -38.74 20.05 -37.75
C PHE A 123 -39.81 21.04 -38.17
N SER A 124 -40.86 21.11 -37.35
CA SER A 124 -41.98 22.00 -37.58
C SER A 124 -42.26 22.84 -36.35
N TYR A 125 -42.56 24.13 -36.54
CA TYR A 125 -42.98 25.02 -35.48
C TYR A 125 -44.23 25.77 -35.88
N THR A 126 -45.12 25.98 -34.90
CA THR A 126 -46.34 26.75 -35.10
C THR A 126 -46.09 28.23 -34.82
N ASP A 127 -46.49 29.09 -35.74
CA ASP A 127 -46.19 30.52 -35.63
C ASP A 127 -47.14 31.22 -34.66
N GLU A 128 -46.99 32.55 -34.58
CA GLU A 128 -47.86 33.38 -33.77
C GLU A 128 -49.25 33.50 -34.39
N SER A 129 -49.46 32.89 -35.54
CA SER A 129 -50.72 32.98 -36.28
C SER A 129 -51.39 31.62 -36.36
N ASN A 130 -50.92 30.65 -35.57
CA ASN A 130 -51.29 29.23 -35.70
C ASN A 130 -50.90 28.71 -37.08
N GLU A 131 -49.84 29.29 -37.64
CA GLU A 131 -49.31 28.93 -38.94
C GLU A 131 -48.15 27.96 -38.76
N LYS A 132 -48.24 26.79 -39.38
CA LYS A 132 -47.15 25.83 -39.33
C LYS A 132 -46.11 26.14 -40.40
N LYS A 133 -44.86 26.30 -39.96
CA LYS A 133 -43.73 26.62 -40.84
C LYS A 133 -42.58 25.67 -40.56
N TYR A 134 -41.90 25.22 -41.63
CA TYR A 134 -40.89 24.18 -41.55
C TYR A 134 -39.47 24.77 -41.56
N PHE A 135 -38.52 23.95 -41.10
CA PHE A 135 -37.13 24.37 -40.89
C PHE A 135 -36.23 23.16 -40.99
N ALA A 136 -35.11 23.29 -41.71
CA ALA A 136 -34.08 22.26 -41.77
C ALA A 136 -32.73 22.85 -41.41
N ALA A 137 -31.86 22.02 -40.82
CA ALA A 137 -30.57 22.49 -40.33
C ALA A 137 -29.65 21.29 -40.12
N THR A 138 -28.37 21.57 -39.86
CA THR A 138 -27.35 20.55 -39.74
C THR A 138 -26.64 20.62 -38.41
N GLN A 139 -26.35 19.45 -37.85
CA GLN A 139 -25.41 19.27 -36.75
C GLN A 139 -24.52 18.10 -37.15
N PHE A 140 -23.31 18.41 -37.63
CA PHE A 140 -22.43 17.39 -38.19
C PHE A 140 -21.36 16.92 -37.23
N GLU A 141 -20.95 17.75 -36.28
CA GLU A 141 -19.99 17.26 -35.29
C GLU A 141 -20.72 16.41 -34.25
N PRO A 142 -20.14 15.28 -33.83
CA PRO A 142 -18.85 14.76 -34.30
C PRO A 142 -18.81 14.00 -35.62
N LEU A 143 -19.76 13.11 -35.91
CA LEU A 143 -19.59 12.18 -37.01
C LEU A 143 -20.86 12.01 -37.83
N ALA A 144 -21.54 13.11 -38.15
CA ALA A 144 -22.81 13.02 -38.86
C ALA A 144 -22.78 13.60 -40.25
N ALA A 145 -21.66 14.14 -40.72
CA ALA A 145 -21.65 14.65 -42.10
C ALA A 145 -21.77 13.52 -43.10
N ARG A 146 -21.36 12.31 -42.73
CA ARG A 146 -21.56 11.13 -43.56
C ARG A 146 -23.03 10.76 -43.69
N SER A 147 -23.92 11.44 -42.96
CA SER A 147 -25.35 11.24 -43.11
C SER A 147 -25.88 11.92 -44.38
N ALA A 148 -25.32 13.07 -44.74
CA ALA A 148 -25.86 13.95 -45.77
C ALA A 148 -25.13 13.87 -47.09
N PHE A 149 -23.80 13.85 -47.06
CA PHE A 149 -23.05 13.73 -48.30
C PHE A 149 -21.98 12.68 -48.10
N PRO A 150 -21.78 11.80 -49.08
CA PRO A 150 -20.64 10.88 -49.03
C PRO A 150 -19.34 11.67 -48.93
N CYS A 151 -18.53 11.36 -47.92
CA CYS A 151 -17.39 12.21 -47.61
C CYS A 151 -16.30 11.39 -46.94
N PHE A 152 -15.15 12.03 -46.76
CA PHE A 152 -14.09 11.55 -45.88
C PHE A 152 -14.36 12.14 -44.51
N ASP A 153 -15.20 11.47 -43.72
CA ASP A 153 -15.69 12.06 -42.47
C ASP A 153 -14.68 11.89 -41.34
N GLU A 154 -13.50 12.47 -41.55
CA GLU A 154 -12.45 12.53 -40.53
C GLU A 154 -11.86 13.93 -40.58
N PRO A 155 -11.66 14.57 -39.43
CA PRO A 155 -11.31 16.01 -39.43
C PRO A 155 -10.02 16.36 -40.15
N ALA A 156 -9.06 15.43 -40.26
CA ALA A 156 -7.79 15.78 -40.88
C ALA A 156 -7.88 15.94 -42.39
N PHE A 157 -8.90 15.37 -43.03
CA PHE A 157 -9.09 15.51 -44.47
C PHE A 157 -9.75 16.85 -44.82
N LYS A 158 -9.03 17.94 -44.55
CA LYS A 158 -9.55 19.27 -44.85
C LYS A 158 -9.66 19.47 -46.36
N ALA A 159 -10.64 20.28 -46.76
CA ALA A 159 -10.88 20.50 -48.18
C ALA A 159 -11.68 21.80 -48.34
N THR A 160 -11.95 22.13 -49.60
CA THR A 160 -12.78 23.28 -49.95
C THR A 160 -14.13 22.78 -50.45
N PHE A 161 -15.18 23.49 -50.08
CA PHE A 161 -16.55 23.01 -50.25
C PHE A 161 -17.34 24.02 -51.06
N ILE A 162 -18.14 23.51 -51.99
CA ILE A 162 -19.07 24.32 -52.77
C ILE A 162 -20.47 23.75 -52.55
N ILE A 163 -21.31 24.52 -51.86
CA ILE A 163 -22.68 24.15 -51.58
C ILE A 163 -23.58 24.83 -52.61
N LYS A 164 -24.49 24.06 -53.19
CA LYS A 164 -25.53 24.56 -54.09
C LYS A 164 -26.86 24.03 -53.57
N ILE A 165 -27.72 24.89 -53.06
CA ILE A 165 -28.97 24.43 -52.45
C ILE A 165 -30.15 24.97 -53.23
N ILE A 166 -31.10 24.09 -53.54
CA ILE A 166 -32.31 24.42 -54.28
C ILE A 166 -33.43 24.63 -53.27
N ARG A 167 -34.13 25.76 -53.38
CA ARG A 167 -35.11 26.13 -52.37
C ARG A 167 -36.33 26.78 -52.98
N ASP A 168 -37.36 26.92 -52.14
CA ASP A 168 -38.56 27.68 -52.44
C ASP A 168 -38.32 29.13 -52.08
N GLU A 169 -39.02 30.02 -52.78
CA GLU A 169 -38.77 31.46 -52.63
C GLU A 169 -39.05 31.94 -51.21
N GLN A 170 -40.02 31.32 -50.52
CA GLN A 170 -40.36 31.77 -49.17
C GLN A 170 -39.22 31.53 -48.19
N TYR A 171 -38.46 30.46 -48.38
CA TYR A 171 -37.31 30.18 -47.55
C TYR A 171 -36.08 30.99 -47.96
N THR A 172 -35.18 31.18 -46.99
CA THR A 172 -33.83 31.70 -47.22
C THR A 172 -32.87 30.57 -46.85
N ALA A 173 -32.02 30.18 -47.79
CA ALA A 173 -31.01 29.17 -47.53
C ALA A 173 -29.67 29.80 -47.18
N LEU A 174 -29.16 29.49 -45.99
CA LEU A 174 -27.86 29.93 -45.53
C LEU A 174 -26.91 28.74 -45.52
N SER A 175 -25.62 29.06 -45.62
CA SER A 175 -24.56 28.07 -45.56
C SER A 175 -23.31 28.75 -45.00
N ASN A 176 -22.16 28.08 -45.12
CA ASN A 176 -20.94 28.61 -44.52
C ASN A 176 -20.49 29.89 -45.21
N MET A 177 -20.55 29.92 -46.54
CA MET A 177 -20.00 30.99 -47.34
C MET A 177 -21.09 31.92 -47.89
N PRO A 178 -20.71 33.11 -48.33
CA PRO A 178 -21.70 34.03 -48.91
C PRO A 178 -22.19 33.54 -50.26
N LYS A 179 -23.41 33.96 -50.59
CA LYS A 179 -24.08 33.51 -51.79
C LYS A 179 -23.46 34.19 -53.02
N LYS A 180 -23.22 33.41 -54.08
CA LYS A 180 -22.67 33.99 -55.31
C LYS A 180 -23.80 34.60 -56.16
N SER A 181 -24.81 33.80 -56.48
CA SER A 181 -26.10 34.32 -56.93
C SER A 181 -27.09 33.16 -56.98
N SER A 182 -28.35 33.51 -57.20
CA SER A 182 -29.50 32.64 -57.09
C SER A 182 -30.31 32.82 -58.35
N VAL A 183 -30.69 31.72 -58.98
CA VAL A 183 -31.38 31.77 -60.26
C VAL A 183 -32.69 31.01 -60.15
N VAL A 184 -33.75 31.61 -60.69
CA VAL A 184 -35.03 30.95 -60.83
C VAL A 184 -34.86 29.85 -61.87
N LEU A 185 -35.23 28.62 -61.50
CA LEU A 185 -35.14 27.51 -62.42
C LEU A 185 -36.51 27.28 -63.04
N ASP A 186 -36.55 26.43 -64.06
CA ASP A 186 -37.77 26.25 -64.83
C ASP A 186 -38.94 25.74 -64.00
N ASP A 187 -38.68 25.21 -62.80
CA ASP A 187 -39.75 24.73 -61.95
CA ASP A 187 -39.70 24.72 -61.88
C ASP A 187 -40.32 25.82 -61.03
N GLY A 188 -39.88 27.06 -61.19
CA GLY A 188 -40.25 28.10 -60.25
C GLY A 188 -39.48 28.05 -58.95
N LEU A 189 -38.76 26.97 -58.68
CA LEU A 189 -37.91 26.91 -57.52
C LEU A 189 -36.62 27.68 -57.80
N VAL A 190 -35.92 28.02 -56.72
CA VAL A 190 -34.66 28.74 -56.80
C VAL A 190 -33.54 27.81 -56.37
N GLN A 191 -32.41 27.88 -57.08
CA GLN A 191 -31.18 27.23 -56.67
C GLN A 191 -30.19 28.32 -56.29
N ASP A 192 -29.89 28.42 -55.01
CA ASP A 192 -28.85 29.33 -54.55
C ASP A 192 -27.51 28.60 -54.60
N GLU A 193 -26.44 29.37 -54.74
CA GLU A 193 -25.08 28.83 -54.74
C GLU A 193 -24.21 29.72 -53.87
N PHE A 194 -23.26 29.10 -53.18
CA PHE A 194 -22.40 29.82 -52.25
C PHE A 194 -20.96 29.79 -52.76
N SER A 195 -20.27 30.91 -52.56
CA SER A 195 -18.84 31.02 -52.88
C SER A 195 -18.05 29.85 -52.32
N GLU A 196 -16.97 29.49 -53.00
CA GLU A 196 -16.14 28.39 -52.51
C GLU A 196 -15.62 28.71 -51.13
N SER A 197 -15.36 27.66 -50.36
CA SER A 197 -15.01 27.73 -48.95
C SER A 197 -13.50 27.81 -48.75
N VAL A 198 -13.12 28.16 -47.53
CA VAL A 198 -11.74 28.00 -47.11
C VAL A 198 -11.50 26.53 -46.82
N LYS A 199 -10.22 26.14 -46.76
CA LYS A 199 -9.92 24.75 -46.43
C LYS A 199 -10.46 24.43 -45.04
N MET A 200 -11.31 23.40 -44.94
CA MET A 200 -11.97 23.12 -43.68
C MET A 200 -12.31 21.63 -43.55
N SER A 201 -12.80 21.27 -42.37
CA SER A 201 -13.24 19.92 -42.05
C SER A 201 -14.70 19.71 -42.45
N THR A 202 -15.06 18.46 -42.70
CA THR A 202 -16.45 18.15 -43.06
C THR A 202 -17.41 18.46 -41.90
N TYR A 203 -16.98 18.28 -40.65
CA TYR A 203 -17.88 18.47 -39.52
C TYR A 203 -18.25 19.93 -39.30
N LEU A 204 -17.49 20.86 -39.88
CA LEU A 204 -17.79 22.28 -39.73
C LEU A 204 -18.62 22.82 -40.89
N VAL A 205 -18.99 21.94 -41.81
CA VAL A 205 -19.92 22.29 -42.87
C VAL A 205 -21.32 22.47 -42.28
N ALA A 206 -22.09 23.38 -42.86
CA ALA A 206 -23.42 23.66 -42.36
C ALA A 206 -24.25 24.33 -43.45
N PHE A 207 -25.51 23.91 -43.55
CA PHE A 207 -26.49 24.58 -44.40
C PHE A 207 -27.81 24.65 -43.66
N ILE A 208 -28.46 25.81 -43.72
CA ILE A 208 -29.76 26.04 -43.08
C ILE A 208 -30.79 26.36 -44.16
N VAL A 209 -32.01 25.84 -43.99
CA VAL A 209 -33.14 26.13 -44.87
C VAL A 209 -34.35 26.45 -44.00
N GLY A 210 -34.79 27.72 -44.03
CA GLY A 210 -35.93 28.10 -43.22
C GLY A 210 -36.32 29.55 -43.42
N GLU A 211 -37.51 29.88 -42.90
CA GLU A 211 -38.06 31.23 -42.98
C GLU A 211 -37.54 32.05 -41.81
N MET A 212 -36.65 32.99 -42.08
CA MET A 212 -36.02 33.78 -41.04
C MET A 212 -35.97 35.24 -41.48
N LYS A 213 -35.51 36.08 -40.56
CA LYS A 213 -35.23 37.49 -40.81
C LYS A 213 -33.89 37.81 -40.17
N ASN A 214 -33.40 39.03 -40.37
CA ASN A 214 -32.02 39.29 -40.00
C ASN A 214 -31.84 40.75 -39.60
N LEU A 215 -30.87 40.96 -38.72
CA LEU A 215 -30.34 42.27 -38.38
C LEU A 215 -28.82 42.19 -38.47
N SER A 216 -28.20 43.24 -39.02
CA SER A 216 -26.83 43.12 -39.48
C SER A 216 -26.04 44.39 -39.16
N GLN A 217 -24.71 44.25 -39.23
CA GLN A 217 -23.78 45.37 -39.08
C GLN A 217 -22.44 44.95 -39.66
N ASP A 218 -21.75 45.88 -40.33
CA ASP A 218 -20.49 45.59 -40.99
C ASP A 218 -19.33 45.96 -40.09
N VAL A 219 -18.38 45.04 -39.93
CA VAL A 219 -17.16 45.30 -39.16
C VAL A 219 -15.97 45.21 -40.13
N ASN A 220 -15.61 46.34 -40.75
CA ASN A 220 -14.39 46.47 -41.54
C ASN A 220 -14.31 45.50 -42.71
N GLY A 221 -15.46 45.13 -43.28
CA GLY A 221 -15.53 44.24 -44.43
C GLY A 221 -16.33 42.98 -44.19
N THR A 222 -16.38 42.51 -42.96
CA THR A 222 -17.26 41.41 -42.59
C THR A 222 -18.60 41.92 -42.11
N LEU A 223 -19.67 41.46 -42.76
CA LEU A 223 -21.03 41.78 -42.34
C LEU A 223 -21.45 40.73 -41.31
N VAL A 224 -21.63 41.15 -40.07
CA VAL A 224 -22.12 40.27 -39.02
C VAL A 224 -23.65 40.30 -39.08
N SER A 225 -24.24 39.11 -39.18
CA SER A 225 -25.68 38.97 -39.31
C SER A 225 -26.17 38.04 -38.22
N ILE A 226 -27.19 38.47 -37.49
CA ILE A 226 -27.88 37.62 -36.52
C ILE A 226 -29.26 37.33 -37.08
N TYR A 227 -29.58 36.06 -37.26
CA TYR A 227 -30.84 35.65 -37.81
C TYR A 227 -31.74 35.12 -36.69
N ALA A 228 -33.00 34.88 -37.03
CA ALA A 228 -34.04 34.31 -36.17
C ALA A 228 -35.30 34.19 -37.01
N VAL A 229 -36.26 33.42 -36.51
CA VAL A 229 -37.55 33.36 -37.19
C VAL A 229 -38.21 34.72 -37.00
N PRO A 230 -38.96 35.21 -37.98
CA PRO A 230 -39.38 36.63 -37.99
C PRO A 230 -40.08 37.15 -36.75
N GLU A 231 -40.72 36.29 -35.94
CA GLU A 231 -41.45 36.79 -34.78
C GLU A 231 -40.54 37.12 -33.59
N LYS A 232 -39.24 37.20 -33.83
CA LYS A 232 -38.25 37.40 -32.77
C LYS A 232 -37.16 38.40 -33.13
N ILE A 233 -37.12 38.89 -34.38
CA ILE A 233 -35.98 39.64 -34.90
C ILE A 233 -35.65 40.90 -34.09
N GLY A 234 -36.52 41.31 -33.18
CA GLY A 234 -36.23 42.41 -32.28
C GLY A 234 -35.45 41.93 -31.08
N GLN A 235 -35.50 40.62 -30.83
CA GLN A 235 -34.83 39.96 -29.73
C GLN A 235 -33.35 39.66 -30.01
N VAL A 236 -32.70 40.37 -30.94
CA VAL A 236 -31.38 39.94 -31.42
C VAL A 236 -30.36 41.07 -31.35
N HIS A 237 -30.62 42.09 -30.56
CA HIS A 237 -29.70 43.24 -30.53
C HIS A 237 -28.48 42.96 -29.66
N TYR A 238 -28.67 42.32 -28.50
CA TYR A 238 -27.56 42.01 -27.62
C TYR A 238 -26.55 41.08 -28.28
N ALA A 239 -27.02 40.18 -29.13
CA ALA A 239 -26.11 39.23 -29.78
C ALA A 239 -25.20 39.93 -30.79
N LEU A 240 -25.77 40.85 -31.59
CA LEU A 240 -24.98 41.56 -32.59
C LEU A 240 -23.88 42.40 -31.94
N GLU A 241 -24.24 43.23 -30.98
CA GLU A 241 -23.24 44.08 -30.32
C GLU A 241 -22.19 43.25 -29.59
N THR A 242 -22.63 42.19 -28.91
CA THR A 242 -21.65 41.30 -28.27
C THR A 242 -20.79 40.62 -29.33
N THR A 243 -21.42 40.16 -30.42
CA THR A 243 -20.64 39.59 -31.51
C THR A 243 -19.70 40.62 -32.12
N VAL A 244 -20.18 41.85 -32.31
CA VAL A 244 -19.33 42.88 -32.90
C VAL A 244 -18.17 43.18 -31.97
N LYS A 245 -18.45 43.31 -30.66
CA LYS A 245 -17.40 43.66 -29.71
C LYS A 245 -16.43 42.51 -29.49
N LEU A 246 -16.94 41.27 -29.40
CA LEU A 246 -16.04 40.14 -29.21
C LEU A 246 -15.27 39.85 -30.49
N LEU A 247 -15.85 40.16 -31.64
CA LEU A 247 -15.12 40.05 -32.90
C LEU A 247 -13.95 41.02 -32.92
N GLU A 248 -14.18 42.26 -32.48
CA GLU A 248 -13.09 43.22 -32.46
C GLU A 248 -12.03 42.84 -31.45
N PHE A 249 -12.38 42.00 -30.48
CA PHE A 249 -11.42 41.65 -29.43
C PHE A 249 -10.53 40.50 -29.89
N PHE A 250 -11.13 39.51 -30.55
CA PHE A 250 -10.38 38.33 -30.97
C PHE A 250 -9.47 38.62 -32.16
N GLN A 251 -9.89 39.47 -33.08
CA GLN A 251 -9.01 39.82 -34.19
C GLN A 251 -7.84 40.67 -33.74
N ASN A 252 -7.97 41.30 -32.58
CA ASN A 252 -6.87 42.07 -32.00
C ASN A 252 -5.89 41.19 -31.22
N TYR A 253 -6.41 40.34 -30.33
CA TYR A 253 -5.54 39.51 -29.49
C TYR A 253 -4.82 38.42 -30.30
N PHE A 254 -5.55 37.68 -31.14
CA PHE A 254 -4.90 36.66 -31.96
C PHE A 254 -4.12 37.24 -33.13
N GLU A 255 -4.44 38.47 -33.54
CA GLU A 255 -3.77 39.15 -34.65
C GLU A 255 -3.87 38.34 -35.94
N ILE A 256 -5.04 37.78 -36.18
CA ILE A 256 -5.45 37.21 -37.46
C ILE A 256 -6.92 37.56 -37.61
N GLN A 257 -7.35 37.79 -38.84
CA GLN A 257 -8.70 38.32 -39.05
C GLN A 257 -9.64 37.21 -39.43
N TYR A 258 -10.91 37.41 -39.11
CA TYR A 258 -11.93 36.51 -39.58
C TYR A 258 -11.84 36.49 -41.10
N PRO A 259 -11.54 35.34 -41.72
CA PRO A 259 -11.17 35.35 -43.14
C PRO A 259 -12.33 35.52 -44.10
N LEU A 260 -13.57 35.45 -43.63
CA LEU A 260 -14.73 35.48 -44.51
C LEU A 260 -15.42 36.83 -44.40
N LYS A 261 -16.37 37.07 -45.30
CA LYS A 261 -17.09 38.33 -45.35
C LYS A 261 -18.43 38.25 -44.65
N LYS A 262 -18.78 37.11 -44.09
CA LYS A 262 -20.04 36.92 -43.39
C LYS A 262 -19.80 36.16 -42.09
N LEU A 263 -20.17 36.78 -40.99
CA LEU A 263 -20.24 36.12 -39.69
C LEU A 263 -21.72 36.01 -39.35
N ASP A 264 -22.32 34.87 -39.67
CA ASP A 264 -23.75 34.66 -39.49
C ASP A 264 -24.02 33.83 -38.24
N LEU A 265 -24.89 34.34 -37.38
CA LEU A 265 -25.34 33.65 -36.16
C LEU A 265 -26.85 33.46 -36.26
N VAL A 266 -27.30 32.19 -36.23
CA VAL A 266 -28.71 31.84 -36.41
C VAL A 266 -29.27 31.23 -35.13
N ALA A 267 -30.49 31.62 -34.76
CA ALA A 267 -31.23 31.04 -33.63
C ALA A 267 -32.24 30.04 -34.16
N ILE A 268 -32.05 28.77 -33.82
CA ILE A 268 -32.82 27.65 -34.37
C ILE A 268 -33.79 27.14 -33.31
N PRO A 269 -35.08 26.97 -33.63
CA PRO A 269 -36.06 26.52 -32.61
C PRO A 269 -35.77 25.15 -31.99
N ASP A 270 -35.38 24.14 -32.78
CA ASP A 270 -35.12 22.80 -32.26
C ASP A 270 -33.66 22.40 -32.53
N PHE A 271 -32.83 22.52 -31.49
CA PHE A 271 -31.39 22.29 -31.52
C PHE A 271 -31.04 21.68 -30.16
N GLU A 272 -30.30 20.57 -30.13
CA GLU A 272 -30.07 19.94 -28.83
C GLU A 272 -28.91 20.54 -28.07
N ALA A 273 -27.82 20.91 -28.75
CA ALA A 273 -26.74 21.58 -28.04
C ALA A 273 -27.07 23.07 -27.88
N GLY A 274 -26.27 23.75 -27.06
CA GLY A 274 -26.47 25.18 -26.91
C GLY A 274 -26.04 25.98 -28.12
N ALA A 275 -24.98 25.55 -28.79
CA ALA A 275 -24.50 26.27 -29.96
C ALA A 275 -23.50 25.40 -30.71
N MET A 276 -23.16 25.86 -31.91
CA MET A 276 -22.19 25.21 -32.78
C MET A 276 -21.39 26.28 -33.51
N GLU A 277 -20.17 25.93 -33.89
CA GLU A 277 -19.21 26.86 -34.47
C GLU A 277 -19.08 26.75 -35.99
N ASN A 278 -20.08 26.16 -36.66
CA ASN A 278 -20.04 26.00 -38.11
C ASN A 278 -19.51 27.26 -38.80
N TRP A 279 -18.35 27.12 -39.45
CA TRP A 279 -17.61 28.27 -39.97
C TRP A 279 -18.50 29.14 -40.83
N GLY A 280 -18.62 30.41 -40.46
CA GLY A 280 -19.44 31.35 -41.20
C GLY A 280 -20.89 31.36 -40.77
N LEU A 281 -21.42 30.19 -40.37
CA LEU A 281 -22.82 30.03 -39.97
C LEU A 281 -22.92 29.42 -38.57
N LEU A 282 -22.84 30.24 -37.53
CA LEU A 282 -22.83 29.75 -36.16
C LEU A 282 -24.26 29.45 -35.72
N THR A 283 -24.58 28.18 -35.46
CA THR A 283 -25.93 27.83 -35.05
C THR A 283 -26.07 27.90 -33.53
N PHE A 284 -27.31 28.05 -33.08
CA PHE A 284 -27.59 28.29 -31.67
C PHE A 284 -28.95 27.71 -31.32
N ARG A 285 -29.27 27.77 -30.04
CA ARG A 285 -30.61 27.52 -29.54
C ARG A 285 -31.22 28.89 -29.30
N GLU A 286 -32.51 29.02 -29.59
CA GLU A 286 -33.13 30.33 -29.47
C GLU A 286 -32.98 30.85 -28.04
N GLU A 287 -32.91 29.95 -27.06
CA GLU A 287 -32.70 30.33 -25.67
C GLU A 287 -31.29 30.82 -25.37
N THR A 288 -30.31 30.50 -26.24
CA THR A 288 -28.92 30.84 -25.94
C THR A 288 -28.42 32.06 -26.70
N LEU A 289 -29.19 32.58 -27.65
CA LEU A 289 -28.79 33.75 -28.42
C LEU A 289 -29.71 34.95 -28.23
N LEU A 290 -31.01 34.73 -28.06
CA LEU A 290 -31.95 35.82 -27.90
C LEU A 290 -31.92 36.31 -26.45
N TYR A 291 -32.35 37.55 -26.27
CA TYR A 291 -32.33 38.16 -24.94
C TYR A 291 -33.32 39.32 -24.91
N ASP A 292 -34.04 39.44 -23.80
CA ASP A 292 -34.89 40.61 -23.57
C ASP A 292 -34.66 41.19 -22.20
N SER A 293 -34.41 42.50 -22.15
CA SER A 293 -34.17 43.20 -20.91
C SER A 293 -35.26 42.92 -19.87
N ASN A 294 -36.46 42.57 -20.31
CA ASN A 294 -37.60 42.50 -19.39
C ASN A 294 -37.93 41.09 -18.90
N THR A 295 -37.61 40.05 -19.67
CA THR A 295 -37.99 38.68 -19.32
C THR A 295 -36.78 37.75 -19.14
N SER A 296 -35.57 38.30 -19.06
CA SER A 296 -34.38 37.46 -19.02
C SER A 296 -33.54 37.79 -17.80
N SER A 297 -33.05 36.75 -17.15
CA SER A 297 -32.20 36.87 -15.98
C SER A 297 -30.85 37.47 -16.35
N MET A 298 -30.10 37.85 -15.31
CA MET A 298 -28.69 38.07 -15.54
C MET A 298 -28.00 36.79 -15.96
N ALA A 299 -28.44 35.64 -15.43
CA ALA A 299 -27.87 34.36 -15.80
C ALA A 299 -28.19 33.98 -17.24
N ASP A 300 -29.22 34.59 -17.83
CA ASP A 300 -29.52 34.36 -19.24
C ASP A 300 -28.68 35.26 -20.13
N ARG A 301 -28.40 36.48 -19.66
CA ARG A 301 -27.48 37.37 -20.36
C ARG A 301 -26.04 36.86 -20.20
N LYS A 302 -25.74 36.24 -19.07
CA LYS A 302 -24.45 35.62 -18.78
C LYS A 302 -24.26 34.30 -19.50
N LEU A 303 -25.16 33.95 -20.41
CA LEU A 303 -25.03 32.77 -21.24
C LEU A 303 -24.96 33.11 -22.72
N VAL A 304 -25.63 34.18 -23.14
CA VAL A 304 -25.56 34.60 -24.54
C VAL A 304 -24.19 35.18 -24.85
N THR A 305 -23.63 35.96 -23.91
CA THR A 305 -22.29 36.47 -24.08
C THR A 305 -21.25 35.35 -23.96
N LYS A 306 -21.53 34.35 -23.13
CA LYS A 306 -20.62 33.23 -22.98
C LYS A 306 -20.61 32.38 -24.25
N ILE A 307 -21.80 32.03 -24.73
CA ILE A 307 -21.91 31.13 -25.87
C ILE A 307 -21.46 31.80 -27.16
N ILE A 308 -21.58 33.13 -27.25
CA ILE A 308 -21.06 33.82 -28.42
C ILE A 308 -19.55 33.84 -28.39
N ALA A 309 -18.97 34.01 -27.18
CA ALA A 309 -17.52 34.04 -27.07
C ALA A 309 -16.92 32.65 -27.29
N HIS A 310 -17.64 31.60 -26.91
CA HIS A 310 -17.12 30.24 -27.10
C HIS A 310 -17.03 29.89 -28.57
N GLU A 311 -18.07 30.19 -29.34
CA GLU A 311 -18.10 29.77 -30.73
C GLU A 311 -17.38 30.76 -31.65
N LEU A 312 -17.17 32.00 -31.21
CA LEU A 312 -16.34 32.91 -32.00
C LEU A 312 -14.87 32.61 -31.84
N ALA A 313 -14.48 32.01 -30.71
CA ALA A 313 -13.10 31.59 -30.54
C ALA A 313 -12.82 30.26 -31.22
N HIS A 314 -13.88 29.50 -31.52
CA HIS A 314 -13.72 28.31 -32.35
C HIS A 314 -13.42 28.65 -33.79
N GLN A 315 -13.64 29.91 -34.21
CA GLN A 315 -13.32 30.30 -35.58
C GLN A 315 -11.82 30.34 -35.80
N TRP A 316 -11.06 30.51 -34.72
CA TRP A 316 -9.62 30.32 -34.74
C TRP A 316 -9.23 28.96 -34.19
N PHE A 317 -9.74 28.60 -33.01
CA PHE A 317 -9.40 27.35 -32.33
C PHE A 317 -10.45 26.29 -32.67
N GLY A 318 -10.30 25.68 -33.83
CA GLY A 318 -11.23 24.66 -34.25
C GLY A 318 -11.58 24.68 -35.72
N ASN A 319 -11.58 25.87 -36.34
CA ASN A 319 -11.85 26.00 -37.76
C ASN A 319 -10.59 26.35 -38.55
N LEU A 320 -9.92 27.46 -38.20
CA LEU A 320 -8.65 27.79 -38.83
C LEU A 320 -7.59 26.76 -38.44
N VAL A 321 -7.48 26.47 -37.15
CA VAL A 321 -6.61 25.42 -36.63
C VAL A 321 -7.49 24.32 -36.04
N THR A 322 -7.31 23.09 -36.53
CA THR A 322 -8.18 21.97 -36.16
C THR A 322 -7.34 20.78 -35.72
N MET A 323 -7.91 19.98 -34.82
CA MET A 323 -7.18 18.81 -34.33
C MET A 323 -7.13 17.73 -35.41
N LYS A 324 -6.06 16.93 -35.38
CA LYS A 324 -5.88 15.87 -36.36
C LYS A 324 -6.86 14.73 -36.12
N TRP A 325 -7.02 14.31 -34.87
CA TRP A 325 -7.99 13.30 -34.48
C TRP A 325 -8.69 13.74 -33.21
N TRP A 326 -9.78 13.05 -32.87
CA TRP A 326 -10.62 13.45 -31.75
C TRP A 326 -9.94 13.25 -30.40
N ASN A 327 -8.81 12.52 -30.37
CA ASN A 327 -8.04 12.40 -29.14
C ASN A 327 -7.61 13.76 -28.59
N ASP A 328 -7.48 14.76 -29.46
CA ASP A 328 -7.04 16.10 -29.07
C ASP A 328 -8.17 17.12 -29.18
N LEU A 329 -9.40 16.70 -28.89
CA LEU A 329 -10.52 17.63 -28.94
C LEU A 329 -10.36 18.75 -27.92
N TRP A 330 -9.54 18.54 -26.89
CA TRP A 330 -9.31 19.58 -25.89
C TRP A 330 -8.52 20.74 -26.46
N LEU A 331 -7.79 20.53 -27.56
CA LEU A 331 -7.10 21.63 -28.23
C LEU A 331 -8.07 22.53 -28.99
N ASN A 332 -9.30 22.07 -29.19
CA ASN A 332 -10.36 22.89 -29.78
C ASN A 332 -11.29 23.43 -28.71
N GLU A 333 -11.87 22.54 -27.89
CA GLU A 333 -12.87 22.91 -26.91
C GLU A 333 -12.26 23.49 -25.63
N GLY A 334 -11.00 23.18 -25.34
CA GLY A 334 -10.36 23.70 -24.16
C GLY A 334 -9.77 25.08 -24.40
N PHE A 335 -9.31 25.32 -25.63
CA PHE A 335 -8.90 26.67 -26.00
C PHE A 335 -10.11 27.60 -26.13
N ALA A 336 -11.24 27.07 -26.60
CA ALA A 336 -12.42 27.90 -26.79
C ALA A 336 -13.03 28.30 -25.45
N THR A 337 -13.00 27.39 -24.47
CA THR A 337 -13.46 27.72 -23.13
C THR A 337 -12.55 28.74 -22.47
N PHE A 338 -11.24 28.58 -22.65
CA PHE A 338 -10.30 29.55 -22.10
C PHE A 338 -10.52 30.93 -22.69
N MET A 339 -10.51 31.02 -24.02
CA MET A 339 -10.75 32.30 -24.69
C MET A 339 -12.12 32.87 -24.37
N GLU A 340 -13.07 32.02 -23.96
CA GLU A 340 -14.41 32.51 -23.65
C GLU A 340 -14.38 33.31 -22.35
N TYR A 341 -13.74 32.77 -21.32
CA TYR A 341 -13.70 33.44 -20.03
C TYR A 341 -12.65 34.54 -19.99
N PHE A 342 -11.61 34.43 -20.82
CA PHE A 342 -10.62 35.48 -20.96
C PHE A 342 -11.24 36.72 -21.58
N SER A 343 -11.99 36.54 -22.67
CA SER A 343 -12.74 37.64 -23.26
C SER A 343 -13.67 38.28 -22.23
N LEU A 344 -14.40 37.46 -21.47
CA LEU A 344 -15.41 38.00 -20.56
C LEU A 344 -14.83 38.67 -19.33
N GLU A 345 -13.57 38.43 -18.99
CA GLU A 345 -12.94 39.13 -17.87
CA GLU A 345 -12.95 39.14 -17.87
C GLU A 345 -12.40 40.49 -18.28
N LYS A 346 -12.12 40.69 -19.57
CA LYS A 346 -11.56 41.93 -20.10
C LYS A 346 -12.63 42.90 -20.60
N ILE A 347 -13.56 42.45 -21.45
CA ILE A 347 -14.53 43.35 -22.06
C ILE A 347 -15.95 43.15 -21.51
N PHE A 348 -16.17 42.22 -20.57
CA PHE A 348 -17.46 42.06 -19.91
C PHE A 348 -17.28 41.78 -18.42
N LYS A 349 -16.35 42.50 -17.77
CA LYS A 349 -15.95 42.15 -16.41
C LYS A 349 -17.11 42.16 -15.41
N GLU A 350 -18.05 43.08 -15.55
CA GLU A 350 -19.05 43.26 -14.49
C GLU A 350 -20.04 42.10 -14.41
N LEU A 351 -19.95 41.13 -15.32
CA LEU A 351 -20.78 39.94 -15.25
C LEU A 351 -20.17 38.87 -14.35
N SER A 352 -18.94 39.06 -13.89
CA SER A 352 -18.28 38.11 -13.00
C SER A 352 -18.33 36.69 -13.55
N SER A 353 -18.05 36.57 -14.87
CA SER A 353 -18.02 35.28 -15.54
C SER A 353 -17.03 34.29 -14.93
N TYR A 354 -16.05 34.77 -14.16
CA TYR A 354 -15.11 33.87 -13.51
C TYR A 354 -15.78 32.94 -12.52
N GLU A 355 -16.94 33.33 -11.97
CA GLU A 355 -17.61 32.47 -11.00
C GLU A 355 -18.11 31.18 -11.65
N ASP A 356 -18.58 31.25 -12.90
CA ASP A 356 -18.97 30.04 -13.61
C ASP A 356 -17.75 29.18 -13.93
N PHE A 357 -16.67 29.82 -14.42
CA PHE A 357 -15.45 29.09 -14.73
C PHE A 357 -14.89 28.42 -13.48
N LEU A 358 -14.91 29.13 -12.36
CA LEU A 358 -14.42 28.55 -11.11
C LEU A 358 -15.30 27.40 -10.68
N ASP A 359 -16.62 27.61 -10.68
CA ASP A 359 -17.55 26.54 -10.32
C ASP A 359 -17.39 25.32 -11.23
N ALA A 360 -17.22 25.54 -12.53
CA ALA A 360 -17.06 24.41 -13.43
C ALA A 360 -15.79 23.63 -13.15
N ARG A 361 -14.73 24.31 -12.72
CA ARG A 361 -13.49 23.61 -12.42
C ARG A 361 -13.62 22.73 -11.18
N PHE A 362 -14.30 23.24 -10.14
CA PHE A 362 -14.61 22.40 -8.98
C PHE A 362 -15.23 21.07 -9.39
N LYS A 363 -16.18 21.11 -10.32
CA LYS A 363 -16.92 19.90 -10.68
C LYS A 363 -16.13 18.99 -11.62
N THR A 364 -15.30 19.56 -12.50
CA THR A 364 -14.47 18.71 -13.34
C THR A 364 -13.42 17.99 -12.52
N MET A 365 -12.92 18.63 -11.46
CA MET A 365 -11.89 18.01 -10.64
C MET A 365 -12.44 16.84 -9.83
N LYS A 366 -13.71 16.90 -9.44
CA LYS A 366 -14.30 15.76 -8.74
C LYS A 366 -14.38 14.55 -9.65
N LYS A 367 -14.70 14.75 -10.92
CA LYS A 367 -14.74 13.65 -11.87
C LYS A 367 -13.34 13.19 -12.25
N ASP A 368 -12.38 14.11 -12.31
CA ASP A 368 -11.00 13.74 -12.62
C ASP A 368 -10.30 13.04 -11.47
N SER A 369 -10.86 13.10 -10.26
CA SER A 369 -10.31 12.38 -9.12
C SER A 369 -10.59 10.89 -9.17
N LEU A 370 -11.49 10.45 -10.05
CA LEU A 370 -11.96 9.07 -10.06
C LEU A 370 -11.12 8.23 -11.02
N ASN A 371 -11.13 6.92 -10.77
CA ASN A 371 -10.48 6.00 -11.68
C ASN A 371 -11.26 5.86 -12.99
N SER A 372 -12.49 6.34 -13.02
CA SER A 372 -13.28 6.45 -14.24
C SER A 372 -12.69 7.48 -15.22
N SER A 373 -11.76 8.31 -14.76
CA SER A 373 -11.17 9.36 -15.56
C SER A 373 -10.11 8.78 -16.50
N HIS A 374 -9.66 9.59 -17.44
CA HIS A 374 -8.67 9.22 -18.44
C HIS A 374 -7.78 10.42 -18.70
N PRO A 375 -6.61 10.20 -19.32
CA PRO A 375 -5.80 11.34 -19.75
C PRO A 375 -6.60 12.25 -20.68
N ILE A 376 -6.29 13.54 -20.60
CA ILE A 376 -7.02 14.52 -21.42
C ILE A 376 -6.89 14.16 -22.89
N SER A 377 -5.71 13.73 -23.32
CA SER A 377 -5.46 13.25 -24.67
C SER A 377 -5.26 11.74 -24.59
N SER A 378 -6.32 10.99 -24.83
CA SER A 378 -6.27 9.54 -24.77
C SER A 378 -6.91 8.95 -26.03
N SER A 379 -6.41 7.80 -26.44
CA SER A 379 -6.79 7.25 -27.73
C SER A 379 -8.28 6.88 -27.76
N VAL A 380 -8.92 7.22 -28.88
CA VAL A 380 -10.32 6.89 -29.13
C VAL A 380 -10.40 6.28 -30.53
N GLN A 381 -11.21 5.26 -30.68
CA GLN A 381 -11.37 4.64 -31.98
C GLN A 381 -12.83 4.47 -32.38
N SER A 382 -13.69 4.11 -31.43
CA SER A 382 -15.09 3.85 -31.72
C SER A 382 -15.86 5.17 -31.79
N SER A 383 -17.07 5.09 -32.36
CA SER A 383 -17.91 6.27 -32.42
C SER A 383 -18.34 6.71 -31.04
N GLU A 384 -18.59 5.75 -30.14
CA GLU A 384 -19.00 6.10 -28.78
C GLU A 384 -17.90 6.84 -28.05
N GLN A 385 -16.66 6.39 -28.21
CA GLN A 385 -15.53 7.07 -27.56
C GLN A 385 -15.33 8.48 -28.11
N ILE A 386 -15.57 8.68 -29.41
CA ILE A 386 -15.49 10.02 -29.97
C ILE A 386 -16.58 10.92 -29.41
N GLU A 387 -17.76 10.35 -29.13
CA GLU A 387 -18.85 11.15 -28.61
C GLU A 387 -18.68 11.46 -27.13
N GLU A 388 -17.90 10.66 -26.41
CA GLU A 388 -17.67 10.85 -24.99
C GLU A 388 -16.50 11.78 -24.70
N MET A 389 -15.79 12.23 -25.75
CA MET A 389 -14.73 13.21 -25.56
C MET A 389 -15.29 14.61 -25.37
N PHE A 390 -16.56 14.81 -25.73
CA PHE A 390 -17.23 16.09 -25.47
C PHE A 390 -17.71 16.11 -24.02
N ASP A 391 -16.74 16.08 -23.12
CA ASP A 391 -16.96 15.98 -21.68
C ASP A 391 -16.27 17.14 -20.97
N SER A 392 -16.50 17.20 -19.66
CA SER A 392 -15.96 18.30 -18.87
C SER A 392 -14.44 18.32 -18.91
N LEU A 393 -13.80 17.14 -19.02
CA LEU A 393 -12.35 17.07 -19.03
C LEU A 393 -11.77 17.77 -20.24
N SER A 394 -12.35 17.56 -21.42
CA SER A 394 -11.82 18.21 -22.61
C SER A 394 -12.08 19.70 -22.60
N TYR A 395 -13.06 20.15 -21.82
CA TYR A 395 -13.46 21.54 -21.79
C TYR A 395 -12.82 22.32 -20.65
N PHE A 396 -12.94 21.82 -19.43
CA PHE A 396 -12.52 22.58 -18.26
C PHE A 396 -11.22 22.11 -17.64
N LYS A 397 -10.72 20.94 -18.03
CA LYS A 397 -9.34 20.61 -17.68
C LYS A 397 -8.38 21.13 -18.73
N GLY A 398 -8.81 21.23 -19.99
CA GLY A 398 -7.98 21.87 -20.99
C GLY A 398 -7.89 23.37 -20.77
N SER A 399 -9.00 23.99 -20.38
CA SER A 399 -9.00 25.41 -20.06
C SER A 399 -8.23 25.72 -18.78
N SER A 400 -7.95 24.71 -17.95
CA SER A 400 -7.18 24.94 -16.74
C SER A 400 -5.70 24.69 -16.95
N LEU A 401 -5.34 23.81 -17.88
CA LEU A 401 -3.94 23.71 -18.29
C LEU A 401 -3.47 25.02 -18.91
N LEU A 402 -4.34 25.66 -19.69
CA LEU A 402 -3.97 26.92 -20.32
C LEU A 402 -3.96 28.07 -19.31
N LEU A 403 -4.89 28.07 -18.35
CA LEU A 403 -4.88 29.11 -17.33
C LEU A 403 -3.66 28.98 -16.42
N MET A 404 -3.23 27.74 -16.16
CA MET A 404 -2.02 27.57 -15.37
C MET A 404 -0.79 28.06 -16.13
N LEU A 405 -0.76 27.86 -17.44
CA LEU A 405 0.40 28.28 -18.22
C LEU A 405 0.39 29.78 -18.50
N LYS A 406 -0.78 30.39 -18.64
CA LYS A 406 -0.82 31.84 -18.79
C LYS A 406 -0.40 32.55 -17.51
N THR A 407 -0.69 31.98 -16.34
CA THR A 407 -0.31 32.65 -15.10
C THR A 407 1.10 32.30 -14.65
N TYR A 408 1.63 31.14 -15.04
CA TYR A 408 3.04 30.86 -14.76
C TYR A 408 3.94 31.69 -15.67
N LEU A 409 3.66 31.67 -16.97
CA LEU A 409 4.31 32.55 -17.91
C LEU A 409 3.65 33.92 -17.88
N SER A 410 4.24 34.89 -18.58
CA SER A 410 3.58 36.18 -18.67
C SER A 410 2.29 36.07 -19.49
N GLU A 411 1.43 37.07 -19.35
CA GLU A 411 0.25 37.13 -20.22
C GLU A 411 0.63 37.55 -21.62
N ASP A 412 1.83 38.10 -21.80
CA ASP A 412 2.33 38.47 -23.12
C ASP A 412 3.09 37.34 -23.80
N VAL A 413 3.74 36.47 -23.03
CA VAL A 413 4.37 35.30 -23.62
C VAL A 413 3.31 34.32 -24.07
N PHE A 414 2.20 34.23 -23.34
CA PHE A 414 1.08 33.40 -23.75
C PHE A 414 0.51 33.89 -25.08
N GLN A 415 0.40 35.21 -25.24
CA GLN A 415 -0.14 35.76 -26.48
C GLN A 415 0.74 35.41 -27.67
N HIS A 416 2.05 35.39 -27.48
CA HIS A 416 2.97 35.11 -28.59
C HIS A 416 2.91 33.65 -29.02
N ALA A 417 2.76 32.73 -28.06
CA ALA A 417 2.58 31.33 -28.44
C ALA A 417 1.26 31.14 -29.17
N VAL A 418 0.25 31.90 -28.80
CA VAL A 418 -1.02 31.88 -29.53
C VAL A 418 -0.82 32.39 -30.95
N VAL A 419 -0.09 33.51 -31.12
CA VAL A 419 0.06 34.09 -32.45
C VAL A 419 0.92 33.21 -33.34
N LEU A 420 1.96 32.62 -32.77
CA LEU A 420 2.82 31.71 -33.51
C LEU A 420 2.08 30.45 -33.93
N TYR A 421 1.29 29.91 -32.99
CA TYR A 421 0.61 28.63 -33.22
C TYR A 421 -0.54 28.77 -34.20
N LEU A 422 -1.21 29.93 -34.23
CA LEU A 422 -2.30 30.14 -35.18
C LEU A 422 -1.79 30.44 -36.58
N HIS A 423 -0.57 30.97 -36.71
CA HIS A 423 0.06 31.31 -37.98
C HIS A 423 0.77 30.14 -38.65
N ASN A 424 1.56 29.39 -37.88
CA ASN A 424 2.28 28.23 -38.43
C ASN A 424 1.34 27.10 -38.85
N HIS A 425 0.19 26.97 -38.20
CA HIS A 425 -0.72 25.87 -38.45
C HIS A 425 -2.02 26.30 -39.12
N SER A 426 -2.05 27.49 -39.71
CA SER A 426 -3.28 27.99 -40.30
C SER A 426 -3.73 27.10 -41.45
N TYR A 427 -4.99 26.69 -41.40
CA TYR A 427 -5.63 25.82 -42.39
C TYR A 427 -5.05 24.41 -42.39
N ALA A 428 -4.49 23.99 -41.25
CA ALA A 428 -3.84 22.69 -41.11
C ALA A 428 -4.33 22.02 -39.82
N SER A 429 -3.90 20.77 -39.63
CA SER A 429 -4.24 19.99 -38.46
C SER A 429 -3.14 20.09 -37.41
N ILE A 430 -3.48 19.77 -36.16
CA ILE A 430 -2.56 19.92 -35.04
C ILE A 430 -2.75 18.78 -34.05
N GLN A 431 -1.67 18.48 -33.32
CA GLN A 431 -1.68 17.57 -32.19
C GLN A 431 -1.17 18.31 -30.96
N SER A 432 -1.20 17.61 -29.82
CA SER A 432 -0.93 18.27 -28.54
C SER A 432 0.50 18.80 -28.46
N ASP A 433 1.47 18.11 -29.06
CA ASP A 433 2.84 18.56 -28.94
C ASP A 433 3.15 19.74 -29.85
N ASP A 434 2.28 20.02 -30.82
CA ASP A 434 2.47 21.20 -31.67
C ASP A 434 2.29 22.49 -30.89
N LEU A 435 1.36 22.49 -29.93
CA LEU A 435 1.14 23.68 -29.12
C LEU A 435 2.29 23.91 -28.15
N TRP A 436 2.81 22.84 -27.54
CA TRP A 436 3.90 23.01 -26.58
C TRP A 436 5.17 23.46 -27.28
N ASP A 437 5.34 23.08 -28.55
CA ASP A 437 6.48 23.60 -29.30
C ASP A 437 6.35 25.10 -29.50
N SER A 438 5.14 25.59 -29.77
CA SER A 438 4.94 27.03 -29.94
C SER A 438 5.25 27.78 -28.64
N PHE A 439 5.11 27.12 -27.50
CA PHE A 439 5.50 27.75 -26.25
C PHE A 439 7.01 27.70 -26.08
N ASN A 440 7.67 26.68 -26.63
CA ASN A 440 9.11 26.57 -26.53
C ASN A 440 9.84 27.52 -27.46
N GLU A 441 9.20 27.98 -28.55
CA GLU A 441 9.88 28.94 -29.42
C GLU A 441 9.77 30.35 -28.88
N VAL A 442 8.71 30.66 -28.13
CA VAL A 442 8.58 31.98 -27.52
C VAL A 442 9.21 32.02 -26.13
N THR A 443 9.82 30.92 -25.69
CA THR A 443 10.60 30.89 -24.46
C THR A 443 11.99 30.35 -24.73
N THR A 446 15.49 26.99 -22.53
CA THR A 446 15.07 27.82 -21.41
C THR A 446 14.04 27.06 -20.57
N LEU A 447 12.80 27.05 -21.05
CA LEU A 447 11.73 26.26 -20.46
C LEU A 447 11.33 25.18 -21.44
N ASP A 448 11.22 23.94 -20.97
CA ASP A 448 10.69 22.86 -21.79
C ASP A 448 9.23 22.66 -21.40
N VAL A 449 8.38 23.53 -21.93
CA VAL A 449 6.93 23.46 -21.73
C VAL A 449 6.43 22.08 -22.16
N LYS A 450 7.19 21.41 -23.02
CA LYS A 450 6.73 20.13 -23.56
C LYS A 450 6.81 19.02 -22.51
N ARG A 451 7.88 19.00 -21.70
CA ARG A 451 7.98 18.02 -20.64
C ARG A 451 7.29 18.48 -19.36
N MET A 452 7.07 19.79 -19.22
CA MET A 452 6.29 20.31 -18.11
C MET A 452 4.83 19.91 -18.25
N MET A 453 4.36 19.77 -19.48
CA MET A 453 2.97 19.46 -19.78
C MET A 453 2.76 18.02 -20.20
N LYS A 454 3.76 17.15 -20.00
CA LYS A 454 3.62 15.76 -20.41
C LYS A 454 2.79 14.95 -19.43
N THR A 455 2.88 15.27 -18.14
CA THR A 455 2.11 14.56 -17.13
C THR A 455 0.70 15.11 -16.97
N TRP A 456 0.48 16.38 -17.33
CA TRP A 456 -0.86 16.96 -17.30
C TRP A 456 -1.68 16.54 -18.51
N THR A 457 -1.04 15.98 -19.54
CA THR A 457 -1.70 15.58 -20.77
C THR A 457 -1.81 14.08 -20.94
N LEU A 458 -0.88 13.31 -20.37
CA LEU A 458 -0.81 11.88 -20.62
C LEU A 458 -1.14 11.03 -19.41
N GLN A 459 -1.20 11.62 -18.21
CA GLN A 459 -1.64 10.91 -17.04
C GLN A 459 -3.03 11.40 -16.63
N LYS A 460 -3.77 10.53 -15.94
CA LYS A 460 -5.11 10.87 -15.51
C LYS A 460 -5.04 11.49 -14.11
N GLY A 461 -6.07 12.26 -13.78
CA GLY A 461 -6.19 12.98 -12.53
C GLY A 461 -5.27 14.19 -12.40
N PHE A 462 -5.03 14.55 -11.14
CA PHE A 462 -4.25 15.74 -10.83
C PHE A 462 -3.56 15.51 -9.49
N PRO A 463 -2.57 16.36 -9.15
CA PRO A 463 -1.85 16.16 -7.89
C PRO A 463 -2.49 16.80 -6.67
N LEU A 464 -2.19 16.19 -5.52
CA LEU A 464 -2.49 16.73 -4.20
C LEU A 464 -1.21 17.24 -3.57
N VAL A 465 -1.14 18.54 -3.31
CA VAL A 465 0.00 19.16 -2.64
C VAL A 465 -0.32 19.26 -1.16
N THR A 466 0.41 18.49 -0.33
CA THR A 466 0.29 18.60 1.12
C THR A 466 1.36 19.53 1.68
N VAL A 467 0.95 20.39 2.61
CA VAL A 467 1.74 21.56 2.99
C VAL A 467 1.82 21.65 4.51
N GLN A 468 3.01 21.96 5.01
CA GLN A 468 3.29 22.04 6.44
C GLN A 468 4.19 23.25 6.68
N LYS A 469 3.77 24.17 7.53
CA LYS A 469 4.66 25.25 7.96
C LYS A 469 5.38 24.84 9.23
N LYS A 470 6.71 24.77 9.16
CA LYS A 470 7.57 24.43 10.29
C LYS A 470 8.71 25.46 10.36
N GLY A 471 8.46 26.55 11.06
CA GLY A 471 9.45 27.63 11.21
C GLY A 471 9.35 28.68 10.11
N LYS A 472 10.42 28.84 9.33
CA LYS A 472 10.42 29.86 8.27
C LYS A 472 10.44 29.21 6.90
N GLU A 473 10.09 27.94 6.82
CA GLU A 473 10.11 27.16 5.58
C GLU A 473 8.78 26.47 5.38
N LEU A 474 8.36 26.36 4.13
CA LEU A 474 7.20 25.55 3.77
C LEU A 474 7.70 24.22 3.20
N PHE A 475 7.26 23.12 3.79
CA PHE A 475 7.52 21.79 3.26
C PHE A 475 6.36 21.39 2.37
N ILE A 476 6.68 20.95 1.15
CA ILE A 476 5.68 20.65 0.14
C ILE A 476 5.96 19.29 -0.47
N GLN A 477 4.94 18.43 -0.53
CA GLN A 477 5.03 17.12 -1.16
C GLN A 477 3.86 16.98 -2.11
N GLN A 478 4.01 16.09 -3.09
CA GLN A 478 2.97 15.88 -4.08
C GLN A 478 2.57 14.41 -4.14
N GLU A 479 1.28 14.18 -4.35
CA GLU A 479 0.65 12.88 -4.39
C GLU A 479 -0.43 12.93 -5.45
N ARG A 480 -0.83 11.77 -5.95
CA ARG A 480 -2.02 11.70 -6.78
C ARG A 480 -3.26 11.77 -5.89
N PHE A 481 -4.25 12.55 -6.31
CA PHE A 481 -5.49 12.69 -5.56
C PHE A 481 -6.40 11.54 -5.98
N PHE A 482 -6.37 10.45 -5.22
CA PHE A 482 -7.14 9.26 -5.56
C PHE A 482 -7.34 8.38 -4.32
N LEU A 483 -8.48 7.70 -4.30
CA LEU A 483 -8.80 6.69 -3.28
C LEU A 483 -8.94 5.35 -3.99
N ASN A 484 -8.25 4.33 -3.47
CA ASN A 484 -8.39 3.01 -4.05
C ASN A 484 -9.54 2.25 -3.38
N SER A 495 3.56 5.03 -10.99
CA SER A 495 3.28 6.36 -10.46
C SER A 495 4.02 7.42 -11.26
N TYR A 496 3.37 8.55 -11.55
CA TYR A 496 4.02 9.64 -12.24
C TYR A 496 3.83 10.96 -11.49
N LEU A 497 4.85 11.80 -11.54
CA LEU A 497 4.83 13.09 -10.87
C LEU A 497 4.55 14.19 -11.88
N TRP A 498 4.09 15.33 -11.36
CA TRP A 498 3.75 16.47 -12.18
C TRP A 498 4.78 17.58 -11.96
N HIS A 499 4.97 18.41 -12.99
CA HIS A 499 5.76 19.63 -12.85
C HIS A 499 4.77 20.73 -12.50
N ILE A 500 4.51 20.88 -11.22
CA ILE A 500 3.42 21.71 -10.73
C ILE A 500 3.94 23.13 -10.49
N PRO A 501 3.40 24.14 -11.17
CA PRO A 501 3.71 25.52 -10.80
C PRO A 501 2.95 25.91 -9.53
N LEU A 502 3.68 26.05 -8.43
CA LEU A 502 3.07 26.44 -7.18
C LEU A 502 3.03 27.94 -7.03
N SER A 503 1.94 28.43 -6.47
CA SER A 503 1.80 29.83 -6.07
C SER A 503 1.35 29.82 -4.63
N TYR A 504 1.77 30.84 -3.88
CA TYR A 504 1.33 30.93 -2.49
C TYR A 504 1.33 32.38 -2.06
N VAL A 505 0.40 32.71 -1.18
CA VAL A 505 0.34 34.01 -0.53
C VAL A 505 0.45 33.80 0.96
N THR A 506 1.12 34.72 1.65
CA THR A 506 1.42 34.57 3.07
C THR A 506 1.38 35.95 3.74
N GLU A 507 0.99 35.97 5.02
CA GLU A 507 0.96 37.18 5.84
C GLU A 507 1.90 37.03 7.03
N GLY A 508 2.56 38.12 7.41
CA GLY A 508 3.54 38.12 8.47
C GLY A 508 3.03 38.71 9.78
N ARG A 509 3.99 39.06 10.66
CA ARG A 509 3.64 39.61 11.98
C ARG A 509 2.71 40.80 11.87
N ASN A 510 2.63 41.37 10.68
CA ASN A 510 2.09 42.65 10.29
C ASN A 510 0.97 42.29 9.29
N TYR A 511 0.04 43.22 8.99
CA TYR A 511 -0.90 42.69 7.96
C TYR A 511 -0.23 42.52 6.62
N SER A 512 1.08 42.63 6.46
CA SER A 512 1.61 42.64 5.12
C SER A 512 1.56 41.26 4.50
N LYS A 513 1.03 41.23 3.29
CA LYS A 513 0.78 40.00 2.55
C LYS A 513 1.72 39.99 1.37
N TYR A 514 2.45 38.89 1.22
CA TYR A 514 3.40 38.67 0.15
C TYR A 514 2.92 37.51 -0.72
N GLN A 515 3.06 37.66 -2.03
CA GLN A 515 2.76 36.60 -2.99
C GLN A 515 4.06 36.09 -3.59
N SER A 516 4.13 34.78 -3.85
CA SER A 516 5.30 34.23 -4.53
C SER A 516 4.92 32.98 -5.30
N VAL A 517 5.92 32.39 -5.98
CA VAL A 517 5.72 31.28 -6.90
C VAL A 517 6.94 30.36 -6.85
N SER A 518 6.71 29.08 -7.12
CA SER A 518 7.76 28.07 -7.20
C SER A 518 7.31 26.99 -8.18
N LEU A 519 8.23 26.10 -8.54
CA LEU A 519 7.89 24.93 -9.36
C LEU A 519 8.39 23.66 -8.69
N LEU A 520 7.44 22.83 -8.23
CA LEU A 520 7.74 21.52 -7.68
C LEU A 520 7.70 20.47 -8.79
N ASP A 521 8.87 19.94 -9.16
CA ASP A 521 8.96 18.87 -10.16
C ASP A 521 9.41 17.55 -9.54
N LYS A 522 9.56 17.50 -8.22
CA LYS A 522 10.02 16.33 -7.49
C LYS A 522 8.95 15.94 -6.48
N LYS A 523 9.14 14.80 -5.83
CA LYS A 523 8.10 14.31 -4.92
C LYS A 523 7.89 15.27 -3.76
N SER A 524 8.97 15.88 -3.27
CA SER A 524 8.90 16.79 -2.14
C SER A 524 9.87 17.95 -2.35
N GLY A 525 9.60 19.05 -1.64
CA GLY A 525 10.40 20.26 -1.77
C GLY A 525 10.28 21.09 -0.51
N VAL A 526 11.07 22.17 -0.46
CA VAL A 526 11.06 23.12 0.65
C VAL A 526 11.24 24.54 0.13
N ILE A 527 10.32 25.43 0.49
CA ILE A 527 10.39 26.85 0.17
C ILE A 527 10.70 27.61 1.46
N ASN A 528 11.67 28.52 1.40
CA ASN A 528 11.96 29.38 2.55
C ASN A 528 11.22 30.71 2.44
N LEU A 529 10.69 31.17 3.58
CA LEU A 529 10.00 32.46 3.67
C LEU A 529 10.87 33.41 4.47
N THR A 530 11.09 34.62 3.95
CA THR A 530 11.97 35.59 4.60
C THR A 530 11.23 36.43 5.64
N GLU A 531 10.46 35.77 6.50
CA GLU A 531 9.69 36.43 7.55
C GLU A 531 8.96 35.33 8.31
N GLU A 532 8.53 35.64 9.53
CA GLU A 532 7.67 34.73 10.25
C GLU A 532 6.23 35.06 9.86
N VAL A 533 5.47 34.03 9.53
CA VAL A 533 4.19 34.24 8.86
C VAL A 533 3.05 33.87 9.78
N LEU A 534 1.91 34.52 9.57
CA LEU A 534 0.71 34.19 10.32
C LEU A 534 -0.03 32.99 9.74
N TRP A 535 0.00 32.83 8.42
CA TRP A 535 -0.71 31.79 7.72
C TRP A 535 -0.22 31.78 6.29
N VAL A 536 -0.38 30.63 5.63
CA VAL A 536 -0.02 30.48 4.23
C VAL A 536 -1.21 29.94 3.46
N LYS A 537 -1.42 30.48 2.26
CA LYS A 537 -2.47 30.03 1.35
C LYS A 537 -1.83 29.70 0.01
N VAL A 538 -1.90 28.44 -0.40
CA VAL A 538 -1.30 27.98 -1.64
C VAL A 538 -2.35 27.94 -2.75
N ASN A 539 -1.87 28.02 -4.00
CA ASN A 539 -2.71 28.05 -5.20
C ASN A 539 -3.63 29.27 -5.21
N ILE A 540 -3.00 30.42 -5.44
CA ILE A 540 -3.69 31.71 -5.44
C ILE A 540 -4.78 31.69 -6.50
N ASN A 541 -6.03 31.91 -6.06
CA ASN A 541 -7.21 32.01 -6.92
C ASN A 541 -7.44 30.74 -7.72
N MET A 542 -6.86 29.63 -7.24
CA MET A 542 -6.86 28.33 -7.90
C MET A 542 -6.53 28.45 -9.39
N ASN A 543 -5.55 29.29 -9.72
CA ASN A 543 -5.02 29.28 -11.08
C ASN A 543 -4.34 27.95 -11.42
N GLY A 544 -4.18 27.05 -10.45
CA GLY A 544 -3.55 25.77 -10.67
C GLY A 544 -4.56 24.64 -10.59
N TYR A 545 -4.28 23.56 -11.32
CA TYR A 545 -5.15 22.39 -11.37
C TYR A 545 -4.70 21.35 -10.35
N TYR A 546 -4.82 21.73 -9.08
CA TYR A 546 -4.44 20.83 -8.00
C TYR A 546 -5.18 21.22 -6.73
N ILE A 547 -5.24 20.28 -5.80
CA ILE A 547 -5.82 20.47 -4.49
C ILE A 547 -4.70 20.52 -3.46
N VAL A 548 -4.84 21.43 -2.49
CA VAL A 548 -3.86 21.62 -1.43
C VAL A 548 -4.50 21.18 -0.11
N HIS A 549 -3.84 20.25 0.57
CA HIS A 549 -4.18 19.86 1.95
C HIS A 549 -3.07 20.37 2.86
N TYR A 550 -3.46 20.98 3.98
CA TYR A 550 -2.49 21.52 4.91
C TYR A 550 -2.44 20.67 6.18
N ALA A 551 -1.35 20.82 6.93
CA ALA A 551 -1.37 20.27 8.28
C ALA A 551 -2.37 21.08 9.11
N ASP A 552 -2.82 20.49 10.22
CA ASP A 552 -3.97 21.10 10.87
C ASP A 552 -3.62 22.42 11.55
N ASP A 553 -2.39 22.57 12.03
CA ASP A 553 -2.02 23.87 12.58
C ASP A 553 -2.01 24.93 11.50
N ASP A 554 -1.79 24.53 10.25
CA ASP A 554 -1.88 25.43 9.11
C ASP A 554 -3.32 25.57 8.61
N TRP A 555 -4.16 24.55 8.80
CA TRP A 555 -5.58 24.71 8.45
C TRP A 555 -6.29 25.59 9.45
N GLU A 556 -5.98 25.46 10.74
CA GLU A 556 -6.61 26.29 11.76
C GLU A 556 -6.19 27.74 11.62
N ALA A 557 -4.97 27.99 11.14
CA ALA A 557 -4.54 29.36 10.86
C ALA A 557 -5.44 30.00 9.81
N LEU A 558 -5.80 29.24 8.78
CA LEU A 558 -6.66 29.75 7.73
C LEU A 558 -8.11 29.83 8.18
N ILE A 559 -8.50 29.06 9.20
CA ILE A 559 -9.88 29.08 9.66
C ILE A 559 -10.08 30.16 10.71
N HIS A 560 -9.05 30.43 11.51
CA HIS A 560 -9.08 31.56 12.42
C HIS A 560 -9.19 32.87 11.63
N GLN A 561 -8.40 33.01 10.57
CA GLN A 561 -8.45 34.23 9.78
C GLN A 561 -9.82 34.42 9.16
N LEU A 562 -10.40 33.33 8.64
CA LEU A 562 -11.74 33.42 8.07
C LEU A 562 -12.75 33.92 9.11
N LYS A 563 -12.63 33.41 10.34
CA LYS A 563 -13.53 33.80 11.42
C LYS A 563 -13.21 35.18 11.97
N ILE A 564 -12.08 35.78 11.59
CA ILE A 564 -11.67 37.09 12.08
C ILE A 564 -11.99 38.15 11.03
N ASN A 565 -11.36 38.02 9.87
CA ASN A 565 -11.64 38.87 8.71
C ASN A 565 -11.36 38.03 7.46
N PRO A 566 -12.41 37.46 6.86
CA PRO A 566 -12.17 36.60 5.69
C PRO A 566 -11.81 37.38 4.45
N TYR A 567 -12.18 38.67 4.41
CA TYR A 567 -11.98 39.51 3.24
C TYR A 567 -10.51 39.88 3.02
N VAL A 568 -9.58 39.33 3.81
CA VAL A 568 -8.16 39.45 3.47
C VAL A 568 -7.76 38.43 2.43
N LEU A 569 -8.64 37.48 2.11
CA LEU A 569 -8.46 36.53 1.04
C LEU A 569 -9.43 36.88 -0.09
N SER A 570 -9.10 36.43 -1.29
CA SER A 570 -9.93 36.73 -2.45
C SER A 570 -11.23 35.92 -2.42
N ASP A 571 -12.16 36.32 -3.29
CA ASP A 571 -13.40 35.55 -3.46
C ASP A 571 -13.10 34.16 -3.99
N LYS A 572 -12.17 34.07 -4.94
CA LYS A 572 -11.79 32.78 -5.51
C LYS A 572 -11.07 31.91 -4.48
N ASP A 573 -10.21 32.53 -3.66
CA ASP A 573 -9.43 31.75 -2.71
C ASP A 573 -10.29 31.24 -1.56
N ARG A 574 -11.37 31.94 -1.24
CA ARG A 574 -12.24 31.49 -0.15
C ARG A 574 -13.21 30.40 -0.62
N ALA A 575 -13.60 30.43 -1.89
CA ALA A 575 -14.37 29.31 -2.43
C ALA A 575 -13.46 28.11 -2.69
N ASN A 576 -12.18 28.38 -2.98
CA ASN A 576 -11.23 27.28 -3.17
C ASN A 576 -11.04 26.48 -1.90
N LEU A 577 -11.03 27.15 -0.74
CA LEU A 577 -10.83 26.45 0.53
C LEU A 577 -12.06 25.63 0.90
N ILE A 578 -13.25 26.19 0.70
CA ILE A 578 -14.48 25.44 0.97
C ILE A 578 -14.53 24.18 0.12
N ASN A 579 -14.20 24.29 -1.16
CA ASN A 579 -14.27 23.13 -2.03
C ASN A 579 -13.25 22.07 -1.62
N ASN A 580 -11.99 22.50 -1.40
CA ASN A 580 -10.95 21.52 -1.13
C ASN A 580 -11.14 20.84 0.22
N ILE A 581 -11.73 21.54 1.19
CA ILE A 581 -11.89 20.94 2.51
C ILE A 581 -12.96 19.85 2.49
N PHE A 582 -14.06 20.08 1.77
CA PHE A 582 -15.08 19.04 1.65
C PHE A 582 -14.59 17.92 0.73
N GLU A 583 -13.74 18.23 -0.24
CA GLU A 583 -13.18 17.20 -1.11
C GLU A 583 -12.24 16.30 -0.32
N LEU A 584 -11.32 16.89 0.45
CA LEU A 584 -10.41 16.09 1.27
C LEU A 584 -11.12 15.39 2.41
N ALA A 585 -12.38 15.73 2.69
CA ALA A 585 -13.16 15.02 3.69
C ALA A 585 -13.76 13.73 3.17
N GLY A 586 -13.73 13.50 1.85
CA GLY A 586 -14.23 12.27 1.26
C GLY A 586 -13.14 11.22 1.11
N LEU A 587 -12.02 11.62 0.50
CA LEU A 587 -10.83 10.78 0.48
C LEU A 587 -10.40 10.39 1.89
N GLY A 588 -10.83 11.15 2.90
CA GLY A 588 -10.56 10.84 4.29
C GLY A 588 -9.37 11.51 4.93
N LYS A 589 -8.72 12.45 4.22
CA LYS A 589 -7.54 13.12 4.77
C LYS A 589 -7.88 14.03 5.95
N VAL A 590 -9.13 14.46 6.05
CA VAL A 590 -9.55 15.34 7.14
C VAL A 590 -10.91 14.87 7.66
N PRO A 591 -11.21 15.17 8.92
CA PRO A 591 -12.56 14.84 9.42
C PRO A 591 -13.58 15.87 8.96
N LEU A 592 -14.78 15.37 8.61
CA LEU A 592 -15.84 16.24 8.12
C LEU A 592 -16.14 17.39 9.07
N LYS A 593 -15.93 17.17 10.37
CA LYS A 593 -16.03 18.26 11.34
C LYS A 593 -15.15 19.43 10.96
N ARG A 594 -14.00 19.15 10.33
CA ARG A 594 -13.11 20.22 9.92
C ARG A 594 -13.73 21.10 8.84
N ALA A 595 -14.49 20.50 7.92
CA ALA A 595 -15.09 21.28 6.85
C ALA A 595 -16.29 22.08 7.34
N PHE A 596 -16.99 21.58 8.35
CA PHE A 596 -18.03 22.37 8.99
C PHE A 596 -17.43 23.39 9.95
N ASP A 597 -16.23 23.12 10.46
CA ASP A 597 -15.49 24.15 11.19
C ASP A 597 -15.24 25.36 10.30
N LEU A 598 -14.73 25.11 9.08
CA LEU A 598 -14.41 26.19 8.16
C LEU A 598 -15.65 27.02 7.85
N ILE A 599 -16.75 26.37 7.44
CA ILE A 599 -17.91 27.12 6.97
C ILE A 599 -18.72 27.71 8.11
N ASN A 600 -18.26 27.56 9.35
CA ASN A 600 -18.87 28.30 10.44
C ASN A 600 -18.41 29.75 10.43
N TYR A 601 -17.59 30.14 9.44
CA TYR A 601 -17.17 31.51 9.23
C TYR A 601 -18.14 32.28 8.34
N LEU A 602 -19.12 31.59 7.75
CA LEU A 602 -19.95 32.18 6.72
C LEU A 602 -20.90 33.23 7.25
N GLY A 603 -20.88 33.51 8.55
CA GLY A 603 -21.66 34.61 9.09
C GLY A 603 -21.13 35.96 8.68
N ASN A 604 -19.88 36.03 8.24
CA ASN A 604 -19.29 37.27 7.71
C ASN A 604 -19.19 37.29 6.19
N GLU A 605 -19.64 36.24 5.50
CA GLU A 605 -19.54 36.16 4.05
C GLU A 605 -20.78 36.75 3.37
N ASN A 606 -20.55 37.58 2.34
CA ASN A 606 -21.65 38.08 1.53
C ASN A 606 -21.31 38.15 0.04
N HIS A 607 -20.25 37.47 -0.41
CA HIS A 607 -19.93 37.41 -1.82
C HIS A 607 -20.37 36.06 -2.39
N THR A 608 -20.67 36.05 -3.69
CA THR A 608 -21.38 34.91 -4.29
C THR A 608 -20.55 33.63 -4.26
N ALA A 609 -19.39 33.64 -4.93
CA ALA A 609 -18.61 32.41 -5.13
C ALA A 609 -18.46 31.56 -3.87
N PRO A 610 -18.01 32.07 -2.73
CA PRO A 610 -17.97 31.21 -1.53
C PRO A 610 -19.34 30.70 -1.12
N ILE A 611 -20.38 31.54 -1.21
CA ILE A 611 -21.72 31.13 -0.79
C ILE A 611 -22.25 30.01 -1.69
N THR A 612 -22.22 30.22 -3.01
CA THR A 612 -22.67 29.18 -3.95
C THR A 612 -21.94 27.86 -3.72
N GLU A 613 -20.67 27.91 -3.33
CA GLU A 613 -19.93 26.66 -3.15
C GLU A 613 -20.29 25.99 -1.85
N ALA A 614 -20.48 26.77 -0.78
CA ALA A 614 -20.97 26.17 0.46
C ALA A 614 -22.38 25.65 0.29
N LEU A 615 -23.21 26.36 -0.49
CA LEU A 615 -24.56 25.89 -0.76
C LEU A 615 -24.56 24.62 -1.59
N PHE A 616 -23.60 24.47 -2.50
CA PHE A 616 -23.53 23.23 -3.27
C PHE A 616 -23.22 22.04 -2.37
N GLN A 617 -22.17 22.15 -1.55
CA GLN A 617 -21.81 21.04 -0.66
C GLN A 617 -22.92 20.73 0.32
N THR A 618 -23.53 21.75 0.92
CA THR A 618 -24.65 21.51 1.81
C THR A 618 -25.79 20.81 1.08
N ASP A 619 -26.15 21.30 -0.11
CA ASP A 619 -27.26 20.70 -0.84
C ASP A 619 -26.95 19.28 -1.27
N LEU A 620 -25.68 18.98 -1.57
CA LEU A 620 -25.32 17.62 -1.97
C LEU A 620 -25.52 16.65 -0.82
N ILE A 621 -24.99 16.98 0.36
CA ILE A 621 -25.16 16.12 1.53
C ILE A 621 -26.62 16.03 1.90
N TYR A 622 -27.39 17.10 1.70
CA TYR A 622 -28.83 17.02 1.98
C TYR A 622 -29.54 16.15 0.96
N ASN A 623 -29.10 16.17 -0.30
CA ASN A 623 -29.79 15.40 -1.32
C ASN A 623 -29.46 13.91 -1.22
N LEU A 624 -28.30 13.57 -0.68
CA LEU A 624 -27.98 12.16 -0.45
C LEU A 624 -28.75 11.61 0.75
N LEU A 625 -28.74 12.35 1.87
CA LEU A 625 -29.35 11.86 3.10
C LEU A 625 -30.85 11.65 2.93
N GLU A 626 -31.52 12.59 2.27
CA GLU A 626 -32.95 12.48 2.03
C GLU A 626 -33.35 11.16 1.38
N LYS A 627 -32.57 10.71 0.39
CA LYS A 627 -32.93 9.47 -0.30
C LYS A 627 -32.79 8.27 0.61
N LEU A 628 -31.83 8.31 1.54
CA LEU A 628 -31.62 7.22 2.48
C LEU A 628 -32.58 7.26 3.66
N GLY A 629 -33.50 8.21 3.71
CA GLY A 629 -34.50 8.27 4.74
C GLY A 629 -34.14 9.10 5.96
N TYR A 630 -32.93 9.65 6.02
CA TYR A 630 -32.51 10.51 7.12
C TYR A 630 -33.03 11.93 6.86
N MET A 631 -34.32 12.12 7.11
CA MET A 631 -34.97 13.40 6.82
C MET A 631 -34.83 14.42 7.94
N ASP A 632 -34.77 13.97 9.19
CA ASP A 632 -34.57 14.87 10.32
C ASP A 632 -33.10 15.20 10.52
N LEU A 633 -32.20 14.37 9.97
CA LEU A 633 -30.79 14.71 9.94
C LEU A 633 -30.53 15.68 8.80
N ALA A 634 -31.22 15.47 7.66
CA ALA A 634 -31.04 16.34 6.51
C ALA A 634 -31.58 17.74 6.78
N SER A 635 -32.74 17.83 7.45
CA SER A 635 -33.29 19.15 7.72
C SER A 635 -32.56 19.85 8.87
N ARG A 636 -31.81 19.12 9.68
CA ARG A 636 -30.96 19.76 10.67
C ARG A 636 -29.73 20.37 10.03
N LEU A 637 -29.34 19.87 8.86
CA LEU A 637 -28.21 20.45 8.15
C LEU A 637 -28.63 21.72 7.40
N VAL A 638 -29.81 21.74 6.79
CA VAL A 638 -30.19 22.93 6.03
C VAL A 638 -30.53 24.09 6.96
N THR A 639 -30.99 23.81 8.18
CA THR A 639 -31.29 24.96 9.03
C THR A 639 -30.04 25.54 9.68
N ARG A 640 -29.04 24.70 10.00
CA ARG A 640 -27.80 25.26 10.54
C ARG A 640 -27.06 26.09 9.51
N VAL A 641 -27.06 25.65 8.25
CA VAL A 641 -26.51 26.49 7.21
C VAL A 641 -27.39 27.72 7.01
N PHE A 642 -28.71 27.57 7.22
CA PHE A 642 -29.58 28.73 7.20
C PHE A 642 -29.26 29.70 8.33
N LYS A 643 -28.82 29.18 9.49
CA LYS A 643 -28.51 30.06 10.61
C LYS A 643 -27.20 30.81 10.42
N LEU A 644 -26.23 30.20 9.74
CA LEU A 644 -25.02 30.93 9.37
C LEU A 644 -25.36 32.08 8.43
N LEU A 645 -26.19 31.82 7.42
CA LEU A 645 -26.47 32.78 6.37
C LEU A 645 -27.74 33.60 6.60
N GLN A 646 -28.25 33.62 7.84
CA GLN A 646 -29.59 34.15 8.07
C GLN A 646 -29.61 35.65 7.89
N ASN A 647 -28.54 36.34 8.32
CA ASN A 647 -28.47 37.78 8.12
C ASN A 647 -28.46 38.11 6.63
N GLN A 648 -27.73 37.34 5.83
CA GLN A 648 -27.59 37.66 4.42
C GLN A 648 -28.86 37.33 3.65
N ILE A 649 -29.66 36.38 4.12
CA ILE A 649 -30.88 35.97 3.43
C ILE A 649 -32.02 36.94 3.72
N GLN A 650 -32.10 37.43 4.96
CA GLN A 650 -33.19 38.32 5.35
C GLN A 650 -33.04 39.73 4.82
N GLN A 651 -31.82 40.16 4.46
CA GLN A 651 -31.63 41.44 3.80
C GLN A 651 -31.93 41.39 2.32
N GLN A 652 -32.43 40.27 1.82
CA GLN A 652 -32.63 40.13 0.39
C GLN A 652 -33.92 40.78 -0.05
N THR A 653 -33.84 41.46 -1.18
CA THR A 653 -34.96 42.16 -1.77
C THR A 653 -35.50 41.30 -2.91
N TRP A 654 -36.82 41.23 -3.05
CA TRP A 654 -37.42 40.49 -4.16
C TRP A 654 -37.51 41.39 -5.41
N THR A 655 -36.33 41.83 -5.86
CA THR A 655 -36.16 42.72 -7.01
C THR A 655 -35.08 42.26 -7.95
N ASP A 656 -34.78 43.09 -8.94
CA ASP A 656 -33.69 42.88 -9.87
C ASP A 656 -32.58 43.90 -9.64
N GLU A 657 -32.44 44.39 -8.41
CA GLU A 657 -31.49 45.45 -8.15
C GLU A 657 -30.11 44.88 -7.88
N GLY A 658 -29.10 45.67 -8.18
CA GLY A 658 -27.73 45.40 -7.80
C GLY A 658 -26.88 45.01 -9.00
N THR A 659 -25.61 44.73 -8.70
CA THR A 659 -24.68 44.26 -9.71
C THR A 659 -25.04 42.82 -10.13
N PRO A 660 -24.58 42.39 -11.31
CA PRO A 660 -24.86 41.01 -11.74
C PRO A 660 -24.55 39.91 -10.72
N SER A 661 -23.40 40.00 -10.00
CA SER A 661 -23.04 38.96 -9.02
C SER A 661 -23.91 39.07 -7.80
N MET A 662 -24.44 40.29 -7.51
CA MET A 662 -25.35 40.44 -6.39
C MET A 662 -26.74 39.96 -6.76
N ARG A 663 -27.05 39.97 -8.05
CA ARG A 663 -28.29 39.38 -8.53
C ARG A 663 -28.24 37.86 -8.52
N GLU A 664 -27.07 37.27 -8.78
CA GLU A 664 -26.97 35.82 -8.72
C GLU A 664 -27.00 35.33 -7.28
N LEU A 665 -26.50 36.13 -6.35
CA LEU A 665 -26.58 35.77 -4.93
C LEU A 665 -28.01 35.88 -4.41
N ARG A 666 -28.81 36.79 -4.97
CA ARG A 666 -30.18 36.94 -4.51
C ARG A 666 -31.00 35.70 -4.81
N SER A 667 -30.82 35.12 -5.99
CA SER A 667 -31.58 33.93 -6.35
C SER A 667 -31.06 32.67 -5.65
N ALA A 668 -29.76 32.60 -5.39
CA ALA A 668 -29.21 31.46 -4.65
C ALA A 668 -29.78 31.38 -3.23
N LEU A 669 -29.81 32.52 -2.54
CA LEU A 669 -30.24 32.53 -1.14
C LEU A 669 -31.74 32.33 -1.02
N LEU A 670 -32.52 32.85 -1.97
CA LEU A 670 -33.97 32.67 -1.88
C LEU A 670 -34.43 31.32 -2.40
N GLU A 671 -33.65 30.68 -3.29
CA GLU A 671 -33.99 29.32 -3.71
C GLU A 671 -33.61 28.32 -2.64
N PHE A 672 -32.48 28.56 -1.95
CA PHE A 672 -32.12 27.71 -0.81
C PHE A 672 -33.16 27.83 0.30
N ALA A 673 -33.64 29.04 0.56
CA ALA A 673 -34.63 29.25 1.60
C ALA A 673 -35.96 28.61 1.22
N CYS A 674 -36.41 28.80 -0.03
CA CYS A 674 -37.73 28.32 -0.41
C CYS A 674 -37.77 26.83 -0.72
N THR A 675 -36.68 26.27 -1.23
CA THR A 675 -36.67 24.84 -1.55
C THR A 675 -36.78 23.98 -0.29
N HIS A 676 -36.20 24.43 0.82
CA HIS A 676 -36.27 23.70 2.08
C HIS A 676 -37.20 24.37 3.09
N ASN A 677 -38.18 25.14 2.62
CA ASN A 677 -39.21 25.76 3.45
C ASN A 677 -38.62 26.40 4.72
N LEU A 678 -37.71 27.34 4.51
CA LEU A 678 -37.03 28.05 5.58
C LEU A 678 -37.42 29.52 5.53
N GLY A 679 -37.96 30.03 6.64
CA GLY A 679 -38.32 31.43 6.73
C GLY A 679 -39.70 31.70 6.14
N ASN A 680 -40.00 32.99 5.98
CA ASN A 680 -41.26 33.40 5.39
C ASN A 680 -41.18 33.49 3.86
N CYS A 681 -40.06 33.05 3.29
CA CYS A 681 -39.83 33.26 1.86
CA CYS A 681 -39.83 33.26 1.86
C CYS A 681 -40.91 32.62 1.00
N SER A 682 -41.31 31.39 1.33
CA SER A 682 -42.35 30.73 0.55
C SER A 682 -43.68 31.46 0.65
N THR A 683 -43.98 32.06 1.81
CA THR A 683 -45.15 32.91 1.94
C THR A 683 -45.05 34.13 1.02
N THR A 684 -43.84 34.67 0.86
CA THR A 684 -43.64 35.83 0.01
C THR A 684 -43.72 35.46 -1.47
N ALA A 685 -43.14 34.33 -1.86
CA ALA A 685 -43.17 33.92 -3.25
C ALA A 685 -44.56 33.46 -3.67
N MET A 686 -45.32 32.88 -2.73
CA MET A 686 -46.69 32.47 -3.05
C MET A 686 -47.58 33.67 -3.29
N LYS A 687 -47.33 34.79 -2.60
CA LYS A 687 -48.08 36.00 -2.86
C LYS A 687 -47.71 36.61 -4.20
N LEU A 688 -46.42 36.59 -4.56
CA LEU A 688 -46.01 37.09 -5.85
C LEU A 688 -46.54 36.22 -6.99
N PHE A 689 -46.69 34.91 -6.75
CA PHE A 689 -47.28 34.05 -7.76
C PHE A 689 -48.77 34.29 -7.88
N ASP A 690 -49.47 34.41 -6.73
CA ASP A 690 -50.91 34.56 -6.76
C ASP A 690 -51.35 35.89 -7.34
N ASP A 691 -50.45 36.86 -7.44
CA ASP A 691 -50.77 38.13 -8.07
C ASP A 691 -50.49 38.07 -9.55
N TRP A 692 -49.41 37.38 -9.92
CA TRP A 692 -49.07 37.19 -11.31
C TRP A 692 -50.08 36.27 -12.00
N MET A 693 -50.70 35.35 -11.25
CA MET A 693 -51.72 34.48 -11.84
C MET A 693 -53.05 35.21 -12.00
N ALA A 694 -53.43 36.05 -11.03
CA ALA A 694 -54.63 36.85 -11.17
C ALA A 694 -54.49 37.86 -12.31
N SER A 695 -53.27 38.35 -12.54
CA SER A 695 -52.92 39.13 -13.73
C SER A 695 -53.21 38.40 -15.05
N ASN A 696 -53.17 37.05 -15.07
CA ASN A 696 -53.10 36.25 -16.31
C ASN A 696 -51.71 36.33 -16.96
N GLY A 697 -50.66 36.29 -16.14
CA GLY A 697 -49.30 36.31 -16.65
C GLY A 697 -48.86 37.68 -17.07
N THR A 698 -49.52 38.70 -16.56
CA THR A 698 -49.41 40.09 -16.98
C THR A 698 -48.48 40.91 -16.10
N GLN A 699 -48.61 40.77 -14.79
CA GLN A 699 -47.76 41.48 -13.85
C GLN A 699 -46.30 41.17 -14.10
N SER A 700 -45.49 42.21 -14.30
CA SER A 700 -44.07 41.97 -14.50
C SER A 700 -43.48 41.47 -13.18
N LEU A 701 -42.71 40.40 -13.27
CA LEU A 701 -42.02 39.78 -12.15
C LEU A 701 -40.53 40.06 -12.26
N PRO A 702 -39.85 40.37 -11.16
CA PRO A 702 -38.39 40.51 -11.23
C PRO A 702 -37.78 39.21 -11.74
N THR A 703 -36.90 39.34 -12.72
CA THR A 703 -36.35 38.13 -13.35
C THR A 703 -35.47 37.33 -12.40
N ASP A 704 -35.09 37.90 -11.27
CA ASP A 704 -34.24 37.23 -10.31
C ASP A 704 -35.02 36.34 -9.35
N VAL A 705 -36.34 36.46 -9.32
CA VAL A 705 -37.16 35.69 -8.40
C VAL A 705 -38.20 34.84 -9.14
N MET A 706 -38.12 34.79 -10.47
CA MET A 706 -39.15 34.14 -11.27
C MET A 706 -39.15 32.64 -11.05
N THR A 707 -37.98 32.01 -11.08
CA THR A 707 -37.92 30.56 -10.90
C THR A 707 -38.37 30.15 -9.51
N THR A 708 -37.96 30.90 -8.48
CA THR A 708 -38.43 30.67 -7.13
C THR A 708 -39.94 30.87 -7.04
N VAL A 709 -40.46 31.90 -7.70
CA VAL A 709 -41.89 32.18 -7.65
C VAL A 709 -42.65 31.06 -8.35
N PHE A 710 -42.23 30.70 -9.57
CA PHE A 710 -42.92 29.64 -10.30
C PHE A 710 -42.86 28.31 -9.56
N LYS A 711 -41.78 28.06 -8.83
CA LYS A 711 -41.62 26.79 -8.15
C LYS A 711 -42.58 26.68 -6.98
N VAL A 712 -42.85 27.79 -6.30
CA VAL A 712 -43.78 27.76 -5.18
C VAL A 712 -45.21 27.62 -5.69
N GLY A 713 -45.51 28.28 -6.81
CA GLY A 713 -46.84 28.18 -7.39
C GLY A 713 -47.13 26.83 -8.01
N ALA A 714 -46.10 26.16 -8.53
CA ALA A 714 -46.30 24.87 -9.18
C ALA A 714 -46.58 23.75 -8.18
N LYS A 715 -46.46 24.02 -6.88
CA LYS A 715 -46.80 23.01 -5.87
C LYS A 715 -48.29 22.96 -5.60
N THR A 716 -49.08 23.67 -6.40
CA THR A 716 -50.54 23.62 -6.34
C THR A 716 -51.07 23.24 -7.71
N ASP A 717 -52.18 22.52 -7.72
CA ASP A 717 -52.72 22.07 -8.99
C ASP A 717 -53.21 23.24 -9.85
N LYS A 718 -53.64 24.35 -9.22
CA LYS A 718 -54.05 25.54 -9.95
C LYS A 718 -52.83 26.18 -10.61
N GLY A 719 -51.76 26.37 -9.82
CA GLY A 719 -50.57 27.03 -10.32
C GLY A 719 -49.79 26.15 -11.29
N TRP A 720 -49.76 24.84 -11.05
CA TRP A 720 -49.15 23.94 -12.02
C TRP A 720 -49.92 23.93 -13.33
N SER A 721 -51.26 23.98 -13.28
CA SER A 721 -52.03 23.92 -14.51
C SER A 721 -52.02 25.26 -15.25
N PHE A 722 -52.06 26.36 -14.49
CA PHE A 722 -51.92 27.68 -15.10
C PHE A 722 -50.56 27.82 -15.77
N LEU A 723 -49.50 27.40 -15.07
CA LEU A 723 -48.15 27.53 -15.62
C LEU A 723 -47.96 26.70 -16.89
N LEU A 724 -48.66 25.57 -17.02
CA LEU A 724 -48.53 24.80 -18.25
C LEU A 724 -49.23 25.49 -19.42
N GLY A 725 -50.24 26.31 -19.13
CA GLY A 725 -50.88 27.06 -20.19
C GLY A 725 -50.01 28.19 -20.68
N LYS A 726 -49.14 28.71 -19.82
CA LYS A 726 -48.18 29.71 -20.24
C LYS A 726 -47.04 29.08 -21.03
N TYR A 727 -46.69 27.83 -20.70
CA TYR A 727 -45.61 27.17 -21.42
C TYR A 727 -45.94 27.03 -22.89
N ILE A 728 -47.20 26.71 -23.20
CA ILE A 728 -47.60 26.43 -24.57
C ILE A 728 -48.04 27.71 -25.28
N SER A 729 -47.83 28.87 -24.65
CA SER A 729 -48.28 30.11 -25.27
C SER A 729 -47.29 31.26 -25.22
N ILE A 730 -46.32 31.30 -24.30
CA ILE A 730 -45.41 32.43 -24.23
C ILE A 730 -44.26 32.21 -25.21
N GLY A 731 -43.65 33.31 -25.66
CA GLY A 731 -42.62 33.26 -26.68
C GLY A 731 -41.21 33.39 -26.17
N SER A 732 -41.03 33.59 -24.86
CA SER A 732 -39.70 33.49 -24.26
C SER A 732 -39.38 32.02 -24.06
N GLU A 733 -38.27 31.56 -24.64
CA GLU A 733 -37.84 30.19 -24.40
C GLU A 733 -36.91 30.08 -23.19
N ALA A 734 -36.70 31.18 -22.46
CA ALA A 734 -35.95 31.21 -21.22
C ALA A 734 -36.84 31.38 -20.02
N GLU A 735 -37.98 32.07 -20.17
CA GLU A 735 -39.02 32.03 -19.16
C GLU A 735 -39.79 30.71 -19.24
N LYS A 736 -39.81 30.09 -20.42
CA LYS A 736 -40.35 28.74 -20.55
C LYS A 736 -39.44 27.73 -19.86
N ASN A 737 -38.13 27.96 -19.90
CA ASN A 737 -37.20 27.08 -19.20
C ASN A 737 -37.28 27.27 -17.70
N LYS A 738 -37.85 28.39 -17.24
CA LYS A 738 -38.08 28.62 -15.83
C LYS A 738 -39.40 28.02 -15.37
N ILE A 739 -40.37 27.94 -16.27
CA ILE A 739 -41.63 27.28 -15.92
C ILE A 739 -41.46 25.77 -15.92
N LEU A 740 -40.62 25.26 -16.84
CA LEU A 740 -40.38 23.83 -16.90
C LEU A 740 -39.70 23.32 -15.63
N GLU A 741 -38.80 24.12 -15.06
CA GLU A 741 -38.18 23.73 -13.80
C GLU A 741 -39.22 23.67 -12.68
N ALA A 742 -40.13 24.64 -12.65
CA ALA A 742 -41.20 24.62 -11.67
C ALA A 742 -42.11 23.40 -11.86
N LEU A 743 -42.53 23.16 -13.10
CA LEU A 743 -43.37 22.00 -13.40
C LEU A 743 -42.67 20.71 -12.98
N ALA A 744 -41.39 20.56 -13.33
CA ALA A 744 -40.64 19.36 -13.02
C ALA A 744 -40.20 19.29 -11.56
N SER A 745 -40.48 20.31 -10.76
CA SER A 745 -40.21 20.29 -9.32
C SER A 745 -41.47 20.01 -8.51
N SER A 746 -42.55 19.60 -9.17
CA SER A 746 -43.76 19.13 -8.52
C SER A 746 -43.48 17.88 -7.69
N GLU A 747 -44.30 17.68 -6.66
CA GLU A 747 -44.25 16.51 -5.80
C GLU A 747 -45.24 15.44 -6.24
N ASP A 748 -45.96 15.67 -7.33
CA ASP A 748 -46.95 14.74 -7.86
C ASP A 748 -46.26 13.90 -8.93
N VAL A 749 -46.05 12.62 -8.65
CA VAL A 749 -45.25 11.79 -9.56
C VAL A 749 -45.99 11.45 -10.85
N ARG A 750 -47.33 11.58 -10.89
CA ARG A 750 -48.03 11.42 -12.15
C ARG A 750 -47.77 12.59 -13.09
N LYS A 751 -47.64 13.80 -12.53
CA LYS A 751 -47.23 14.94 -13.34
C LYS A 751 -45.77 14.82 -13.75
N LEU A 752 -44.90 14.38 -12.83
CA LEU A 752 -43.49 14.18 -13.16
C LEU A 752 -43.35 13.18 -14.31
N TYR A 753 -44.08 12.08 -14.24
CA TYR A 753 -43.98 11.04 -15.25
C TYR A 753 -44.51 11.53 -16.59
N TRP A 754 -45.61 12.30 -16.59
CA TRP A 754 -46.16 12.76 -17.86
C TRP A 754 -45.26 13.79 -18.53
N LEU A 755 -44.44 14.51 -17.75
CA LEU A 755 -43.51 15.47 -18.35
C LEU A 755 -42.42 14.76 -19.14
N MET A 756 -41.88 13.66 -18.60
CA MET A 756 -40.81 12.95 -19.28
C MET A 756 -41.33 12.21 -20.50
N LYS A 757 -42.50 11.57 -20.38
CA LYS A 757 -43.08 10.83 -21.51
C LYS A 757 -43.40 11.75 -22.68
N SER A 758 -43.75 13.00 -22.41
CA SER A 758 -44.09 13.91 -23.50
C SER A 758 -42.85 14.47 -24.18
N SER A 759 -41.84 14.84 -23.39
CA SER A 759 -40.57 15.26 -23.98
C SER A 759 -39.94 14.14 -24.81
N LEU A 760 -39.99 12.91 -24.30
CA LEU A 760 -39.43 11.78 -25.03
C LEU A 760 -40.08 11.63 -26.40
N ASN A 761 -41.38 11.86 -26.48
CA ASN A 761 -42.11 11.72 -27.74
C ASN A 761 -42.26 13.03 -28.49
N GLY A 762 -41.90 14.16 -27.88
CA GLY A 762 -41.91 15.42 -28.61
C GLY A 762 -43.24 16.14 -28.72
N ASP A 763 -44.19 15.91 -27.80
CA ASP A 763 -45.55 16.39 -28.00
C ASP A 763 -45.77 17.83 -27.55
N ASN A 764 -45.67 18.10 -26.25
CA ASN A 764 -45.77 19.47 -25.77
C ASN A 764 -44.45 20.05 -25.30
N PHE A 765 -43.46 19.20 -25.02
CA PHE A 765 -42.13 19.61 -24.65
C PHE A 765 -41.17 19.01 -25.66
N ARG A 766 -40.24 19.81 -26.15
CA ARG A 766 -39.32 19.28 -27.14
C ARG A 766 -38.32 18.33 -26.47
N THR A 767 -37.85 17.36 -27.24
CA THR A 767 -36.99 16.31 -26.70
C THR A 767 -35.65 16.84 -26.19
N GLN A 768 -35.35 18.12 -26.40
CA GLN A 768 -34.10 18.70 -25.91
C GLN A 768 -34.16 19.07 -24.43
N LYS A 769 -35.36 19.10 -23.85
CA LYS A 769 -35.55 19.38 -22.45
C LYS A 769 -35.71 18.11 -21.62
N LEU A 770 -35.69 16.94 -22.26
CA LEU A 770 -35.86 15.70 -21.52
C LEU A 770 -34.76 15.51 -20.49
N SER A 771 -33.51 15.77 -20.87
CA SER A 771 -32.41 15.68 -19.91
C SER A 771 -32.59 16.66 -18.77
N PHE A 772 -33.04 17.89 -19.08
CA PHE A 772 -33.32 18.87 -18.05
C PHE A 772 -34.45 18.40 -17.13
N ILE A 773 -35.46 17.74 -17.71
CA ILE A 773 -36.56 17.23 -16.90
C ILE A 773 -36.10 16.05 -16.05
N ILE A 774 -35.51 15.03 -16.68
CA ILE A 774 -35.00 13.86 -15.96
C ILE A 774 -34.08 14.29 -14.83
N ARG A 775 -33.32 15.36 -15.04
CA ARG A 775 -32.40 15.86 -14.02
C ARG A 775 -33.17 16.48 -12.85
N THR A 776 -34.10 17.39 -13.15
CA THR A 776 -34.88 18.01 -12.08
C THR A 776 -35.74 16.99 -11.34
N VAL A 777 -36.24 15.98 -12.06
CA VAL A 777 -37.08 14.97 -11.42
C VAL A 777 -36.25 14.11 -10.47
N GLY A 778 -35.12 13.60 -10.95
CA GLY A 778 -34.32 12.69 -10.15
C GLY A 778 -33.58 13.30 -8.98
N ARG A 779 -33.62 14.62 -8.81
CA ARG A 779 -32.85 15.25 -7.74
C ARG A 779 -33.60 15.27 -6.43
N HIS A 780 -34.92 15.31 -6.48
CA HIS A 780 -35.75 15.41 -5.29
C HIS A 780 -36.41 14.07 -4.98
N PHE A 781 -36.85 13.96 -3.74
CA PHE A 781 -37.36 12.68 -3.23
C PHE A 781 -38.55 12.12 -4.03
N PRO A 782 -39.56 12.90 -4.42
CA PRO A 782 -40.71 12.28 -5.11
C PRO A 782 -40.36 11.56 -6.41
N GLY A 783 -39.47 12.11 -7.22
CA GLY A 783 -39.19 11.52 -8.52
C GLY A 783 -37.86 10.82 -8.62
N HIS A 784 -37.18 10.56 -7.49
CA HIS A 784 -35.87 9.92 -7.52
C HIS A 784 -35.90 8.60 -8.26
N LEU A 785 -36.82 7.71 -7.87
CA LEU A 785 -36.90 6.40 -8.50
C LEU A 785 -37.53 6.49 -9.87
N LEU A 786 -38.49 7.40 -10.06
CA LEU A 786 -39.19 7.53 -11.32
C LEU A 786 -38.24 7.85 -12.47
N ALA A 787 -37.24 8.71 -12.23
CA ALA A 787 -36.34 9.12 -13.29
C ALA A 787 -35.40 7.98 -13.70
N TRP A 788 -34.77 7.34 -12.72
CA TRP A 788 -33.90 6.20 -13.01
C TRP A 788 -34.68 5.05 -13.64
N ASP A 789 -35.95 4.88 -13.27
CA ASP A 789 -36.75 3.83 -13.89
C ASP A 789 -37.11 4.19 -15.33
N PHE A 790 -37.42 5.46 -15.58
CA PHE A 790 -37.79 5.91 -16.92
C PHE A 790 -36.59 5.79 -17.87
N VAL A 791 -35.40 6.10 -17.37
CA VAL A 791 -34.19 5.96 -18.17
C VAL A 791 -33.93 4.50 -18.50
N LYS A 792 -33.99 3.63 -17.48
CA LYS A 792 -33.82 2.21 -17.72
C LYS A 792 -34.88 1.66 -18.67
N GLU A 793 -36.15 1.98 -18.43
CA GLU A 793 -37.21 1.38 -19.23
C GLU A 793 -37.21 1.90 -20.66
N ASN A 794 -36.84 3.16 -20.86
CA ASN A 794 -36.81 3.76 -22.19
C ASN A 794 -35.37 3.93 -22.69
N TRP A 795 -34.48 3.02 -22.29
CA TRP A 795 -33.06 3.23 -22.58
C TRP A 795 -32.82 3.27 -24.09
N ASN A 796 -33.40 2.33 -24.83
CA ASN A 796 -33.12 2.25 -26.26
C ASN A 796 -33.92 3.27 -27.07
N LYS A 797 -34.96 3.87 -26.49
CA LYS A 797 -35.56 5.03 -27.13
C LYS A 797 -34.64 6.24 -27.00
N LEU A 798 -33.96 6.36 -25.87
CA LEU A 798 -33.01 7.45 -25.67
C LEU A 798 -31.78 7.27 -26.56
N VAL A 799 -31.35 6.03 -26.76
CA VAL A 799 -30.19 5.74 -27.59
C VAL A 799 -30.50 5.88 -29.08
N GLN A 800 -31.79 5.95 -29.43
CA GLN A 800 -32.22 6.14 -30.81
C GLN A 800 -32.55 7.59 -31.12
N LYS A 801 -32.39 8.48 -30.13
CA LYS A 801 -32.58 9.91 -30.29
C LYS A 801 -31.31 10.70 -29.99
N PHE A 802 -30.49 10.23 -29.05
CA PHE A 802 -29.24 10.88 -28.68
C PHE A 802 -28.15 9.81 -28.79
N PRO A 803 -27.12 10.03 -29.60
CA PRO A 803 -26.09 9.00 -29.81
C PRO A 803 -25.46 8.55 -28.50
N LEU A 804 -24.83 7.38 -28.56
CA LEU A 804 -24.21 6.82 -27.38
C LEU A 804 -22.96 7.62 -27.07
N GLY A 805 -22.79 8.00 -25.81
CA GLY A 805 -21.67 8.79 -25.37
C GLY A 805 -21.89 10.29 -25.49
N SER A 806 -23.01 10.70 -26.08
CA SER A 806 -23.34 12.10 -26.25
C SER A 806 -23.46 12.78 -24.88
N TYR A 807 -23.39 14.12 -24.87
CA TYR A 807 -23.52 14.82 -23.60
C TYR A 807 -24.88 14.53 -22.98
N THR A 808 -25.91 14.44 -23.82
CA THR A 808 -27.26 14.12 -23.33
C THR A 808 -27.27 12.79 -22.59
N ILE A 809 -26.64 11.76 -23.17
CA ILE A 809 -26.62 10.44 -22.57
C ILE A 809 -25.73 10.43 -21.33
N GLN A 810 -24.68 11.25 -21.31
CA GLN A 810 -23.83 11.34 -20.13
C GLN A 810 -24.50 12.12 -19.02
N ASN A 811 -25.25 13.16 -19.39
CA ASN A 811 -25.92 13.97 -18.38
C ASN A 811 -27.04 13.19 -17.70
N ILE A 812 -27.71 12.31 -18.45
CA ILE A 812 -28.83 11.54 -17.92
C ILE A 812 -28.35 10.41 -17.03
N VAL A 813 -27.24 9.76 -17.42
CA VAL A 813 -26.72 8.66 -16.62
C VAL A 813 -26.19 9.16 -15.30
N ALA A 814 -25.47 10.28 -15.30
CA ALA A 814 -24.93 10.85 -14.07
C ALA A 814 -26.03 11.35 -13.15
N GLY A 815 -26.99 12.11 -13.70
CA GLY A 815 -27.98 12.77 -12.86
C GLY A 815 -29.12 11.88 -12.40
N SER A 816 -29.22 10.68 -12.95
CA SER A 816 -30.20 9.72 -12.48
C SER A 816 -29.60 8.73 -11.50
N THR A 817 -28.28 8.72 -11.32
CA THR A 817 -27.60 7.73 -10.49
C THR A 817 -26.67 8.32 -9.43
N TYR A 818 -26.37 9.61 -9.45
CA TYR A 818 -25.33 10.13 -8.56
C TYR A 818 -25.78 10.26 -7.12
N LEU A 819 -27.08 10.17 -6.82
CA LEU A 819 -27.56 10.25 -5.45
C LEU A 819 -27.90 8.90 -4.83
N PHE A 820 -27.51 7.81 -5.48
CA PHE A 820 -27.65 6.48 -4.88
C PHE A 820 -26.47 6.24 -3.95
N SER A 821 -26.73 5.62 -2.79
CA SER A 821 -25.68 5.43 -1.80
C SER A 821 -25.75 4.08 -1.08
N THR A 822 -26.28 3.05 -1.72
CA THR A 822 -26.40 1.74 -1.09
C THR A 822 -25.82 0.66 -2.00
N LYS A 823 -25.26 -0.38 -1.38
CA LYS A 823 -24.76 -1.50 -2.16
C LYS A 823 -25.86 -2.13 -3.00
N THR A 824 -27.12 -2.00 -2.58
CA THR A 824 -28.21 -2.50 -3.39
C THR A 824 -28.30 -1.75 -4.72
N HIS A 825 -28.18 -0.42 -4.67
CA HIS A 825 -28.26 0.35 -5.91
C HIS A 825 -27.03 0.15 -6.78
N LEU A 826 -25.87 -0.08 -6.15
CA LEU A 826 -24.65 -0.28 -6.92
C LEU A 826 -24.74 -1.52 -7.79
N SER A 827 -25.25 -2.62 -7.24
CA SER A 827 -25.44 -3.83 -8.04
C SER A 827 -26.59 -3.67 -9.03
N GLU A 828 -27.63 -2.92 -8.68
CA GLU A 828 -28.73 -2.68 -9.59
C GLU A 828 -28.25 -1.95 -10.85
N VAL A 829 -27.58 -0.80 -10.66
CA VAL A 829 -27.10 -0.02 -11.80
C VAL A 829 -26.07 -0.81 -12.58
N GLN A 830 -25.16 -1.49 -11.88
CA GLN A 830 -24.16 -2.31 -12.56
C GLN A 830 -24.83 -3.39 -13.41
N ALA A 831 -25.79 -4.11 -12.82
CA ALA A 831 -26.45 -5.19 -13.55
C ALA A 831 -27.25 -4.67 -14.74
N PHE A 832 -27.85 -3.49 -14.61
CA PHE A 832 -28.60 -2.94 -15.74
C PHE A 832 -27.67 -2.72 -16.93
N PHE A 833 -26.56 -2.02 -16.72
CA PHE A 833 -25.67 -1.70 -17.83
C PHE A 833 -24.94 -2.92 -18.37
N GLU A 834 -24.75 -3.96 -17.54
CA GLU A 834 -24.19 -5.21 -18.06
C GLU A 834 -25.16 -5.90 -19.01
N ASN A 835 -26.46 -5.77 -18.75
CA ASN A 835 -27.47 -6.33 -19.65
C ASN A 835 -27.47 -5.65 -21.00
N GLN A 836 -26.73 -4.56 -21.16
CA GLN A 836 -26.63 -3.83 -22.41
C GLN A 836 -25.32 -4.16 -23.14
N SER A 837 -25.13 -3.49 -24.27
CA SER A 837 -23.93 -3.64 -25.11
C SER A 837 -22.66 -3.46 -24.30
N GLU A 838 -21.58 -4.12 -24.75
CA GLU A 838 -20.29 -3.88 -24.15
C GLU A 838 -19.87 -2.43 -24.32
N ALA A 839 -20.16 -1.84 -25.48
CA ALA A 839 -19.88 -0.42 -25.69
C ALA A 839 -20.67 0.44 -24.72
N THR A 840 -21.88 0.00 -24.37
CA THR A 840 -22.66 0.74 -23.39
C THR A 840 -22.07 0.60 -21.99
N PHE A 841 -21.61 -0.60 -21.65
CA PHE A 841 -21.03 -0.83 -20.33
C PHE A 841 -19.70 -0.10 -20.16
N ARG A 842 -18.92 -0.02 -21.23
CA ARG A 842 -17.57 0.55 -21.15
C ARG A 842 -17.56 2.07 -21.32
N LEU A 843 -18.72 2.70 -21.41
CA LEU A 843 -18.75 4.16 -21.39
C LEU A 843 -18.17 4.65 -20.07
N ARG A 844 -17.35 5.70 -20.14
CA ARG A 844 -16.78 6.23 -18.92
C ARG A 844 -17.87 6.84 -18.04
N CYS A 845 -18.91 7.42 -18.65
CA CYS A 845 -20.02 7.95 -17.87
C CYS A 845 -20.73 6.85 -17.09
N VAL A 846 -20.69 5.61 -17.58
CA VAL A 846 -21.25 4.49 -16.83
C VAL A 846 -20.30 4.06 -15.71
N GLN A 847 -19.03 3.83 -16.06
CA GLN A 847 -18.04 3.47 -15.04
C GLN A 847 -17.92 4.57 -13.99
N GLU A 848 -18.07 5.83 -14.40
CA GLU A 848 -18.04 6.93 -13.43
C GLU A 848 -19.25 6.89 -12.52
N ALA A 849 -20.43 6.65 -13.09
CA ALA A 849 -21.65 6.63 -12.28
C ALA A 849 -21.55 5.56 -11.19
N LEU A 850 -20.98 4.40 -11.53
CA LEU A 850 -20.77 3.35 -10.54
C LEU A 850 -19.83 3.80 -9.44
N GLU A 851 -18.76 4.51 -9.81
CA GLU A 851 -17.78 4.94 -8.82
C GLU A 851 -18.35 6.06 -7.95
N VAL A 852 -19.19 6.91 -8.54
CA VAL A 852 -19.94 7.90 -7.77
C VAL A 852 -20.75 7.20 -6.68
N ILE A 853 -21.39 6.09 -7.02
CA ILE A 853 -22.21 5.35 -6.06
C ILE A 853 -21.34 4.75 -4.96
N GLN A 854 -20.20 4.15 -5.34
CA GLN A 854 -19.32 3.55 -4.36
C GLN A 854 -18.83 4.59 -3.34
N LEU A 855 -18.49 5.79 -3.81
CA LEU A 855 -18.02 6.81 -2.89
C LEU A 855 -19.14 7.35 -2.02
N ASN A 856 -20.38 7.24 -2.46
CA ASN A 856 -21.49 7.64 -1.60
C ASN A 856 -21.70 6.64 -0.48
N ILE A 857 -21.41 5.37 -0.74
CA ILE A 857 -21.51 4.35 0.30
C ILE A 857 -20.44 4.56 1.36
N GLN A 858 -19.21 4.83 0.95
CA GLN A 858 -18.12 4.97 1.91
C GLN A 858 -18.25 6.26 2.71
N TRP A 859 -18.57 7.37 2.04
CA TRP A 859 -18.79 8.63 2.74
C TRP A 859 -19.86 8.49 3.81
N MET A 860 -20.84 7.62 3.59
CA MET A 860 -21.93 7.47 4.56
C MET A 860 -21.53 6.54 5.69
N GLU A 861 -20.62 5.61 5.46
CA GLU A 861 -20.18 4.80 6.60
C GLU A 861 -19.20 5.56 7.48
N LYS A 862 -18.42 6.46 6.87
CA LYS A 862 -17.39 7.15 7.62
C LYS A 862 -17.99 8.28 8.43
N ASN A 863 -18.89 9.04 7.82
CA ASN A 863 -19.29 10.33 8.36
C ASN A 863 -20.78 10.40 8.70
N LEU A 864 -21.43 9.28 9.04
CA LEU A 864 -22.83 9.34 9.43
C LEU A 864 -23.03 9.27 10.94
N LYS A 865 -22.30 8.41 11.64
CA LYS A 865 -22.45 8.39 13.10
C LYS A 865 -21.93 9.65 13.76
N SER A 866 -20.86 10.27 13.23
CA SER A 866 -20.36 11.52 13.81
C SER A 866 -21.14 12.73 13.31
N LEU A 867 -21.61 12.71 12.05
CA LEU A 867 -22.38 13.87 11.60
C LEU A 867 -23.67 13.94 12.37
N THR A 868 -24.20 12.79 12.79
CA THR A 868 -25.32 12.79 13.73
C THR A 868 -24.90 13.34 15.09
N TRP A 869 -23.59 13.40 15.38
CA TRP A 869 -23.10 13.96 16.63
C TRP A 869 -23.01 15.49 16.55
N TRP A 870 -22.34 16.00 15.52
CA TRP A 870 -22.25 17.45 15.34
C TRP A 870 -23.63 18.08 15.20
N LEU A 871 -24.61 17.32 14.72
CA LEU A 871 -25.97 17.81 14.58
C LEU A 871 -26.91 17.09 15.54
N GLY B 4 20.66 11.43 37.77
CA GLY B 4 20.18 11.68 36.43
C GLY B 4 19.10 12.74 36.33
N LYS B 5 19.22 13.80 37.14
CA LYS B 5 18.22 14.85 37.14
C LYS B 5 18.65 16.03 36.30
N LEU B 6 19.87 16.00 35.77
CA LEU B 6 20.38 17.04 34.88
C LEU B 6 20.65 16.47 33.49
N PHE B 7 20.17 15.24 33.23
CA PHE B 7 20.17 14.60 31.93
C PHE B 7 18.85 14.84 31.23
N PRO B 8 18.86 15.25 29.96
CA PRO B 8 17.61 15.64 29.29
C PRO B 8 16.77 14.49 28.73
N TRP B 9 16.72 13.35 29.43
CA TRP B 9 15.93 12.20 28.99
C TRP B 9 15.81 11.19 30.12
N ALA B 10 14.59 10.69 30.38
CA ALA B 10 14.35 9.84 31.55
C ALA B 10 13.74 8.48 31.19
N GLN B 11 13.80 8.08 29.92
CA GLN B 11 13.25 6.81 29.48
C GLN B 11 14.36 5.88 29.02
N ILE B 12 14.15 4.57 29.19
CA ILE B 12 15.15 3.60 28.74
C ILE B 12 15.24 3.61 27.23
N ARG B 13 14.11 3.72 26.54
CA ARG B 13 14.09 3.68 25.10
C ARG B 13 14.34 5.08 24.54
N LEU B 14 15.12 5.15 23.47
CA LEU B 14 15.56 6.42 22.94
C LEU B 14 14.38 7.19 22.35
N PRO B 15 14.52 8.51 22.19
CA PRO B 15 13.53 9.25 21.41
C PRO B 15 13.47 8.71 20.00
N THR B 16 12.38 9.10 19.31
CA THR B 16 12.21 8.77 17.91
C THR B 16 12.36 10.00 17.03
N ALA B 17 12.74 11.14 17.61
CA ALA B 17 12.78 12.41 16.89
C ALA B 17 13.94 12.46 15.90
N VAL B 18 15.09 11.87 16.25
CA VAL B 18 16.26 11.85 15.39
C VAL B 18 16.51 10.41 14.96
N VAL B 19 16.65 10.19 13.65
CA VAL B 19 16.85 8.84 13.14
C VAL B 19 18.28 8.73 12.61
N PRO B 20 18.95 7.61 12.86
CA PRO B 20 20.27 7.41 12.26
C PRO B 20 20.12 7.06 10.79
N LEU B 21 20.91 7.73 9.95
CA LEU B 21 20.85 7.48 8.51
C LEU B 21 22.09 6.79 8.00
N ARG B 22 23.26 7.17 8.51
CA ARG B 22 24.53 6.66 8.02
C ARG B 22 25.56 6.75 9.13
N TYR B 23 26.37 5.71 9.24
CA TYR B 23 27.40 5.61 10.25
C TYR B 23 28.73 5.50 9.53
N GLU B 24 29.74 6.11 10.12
CA GLU B 24 31.11 6.04 9.62
C GLU B 24 31.95 5.78 10.85
N LEU B 25 32.52 4.58 10.92
CA LEU B 25 33.25 4.16 12.10
C LEU B 25 34.71 4.07 11.75
N SER B 26 35.52 4.93 12.36
CA SER B 26 36.97 4.88 12.25
C SER B 26 37.50 4.48 13.62
N LEU B 27 38.31 3.43 13.64
CA LEU B 27 38.81 2.90 14.88
C LEU B 27 40.27 2.51 14.74
N HIS B 28 41.06 2.79 15.77
CA HIS B 28 42.46 2.35 15.84
C HIS B 28 42.58 1.35 16.98
N PRO B 29 42.30 0.07 16.75
CA PRO B 29 42.47 -0.91 17.82
C PRO B 29 43.92 -1.32 17.94
N ASN B 30 44.39 -1.42 19.17
CA ASN B 30 45.75 -1.89 19.42
C ASN B 30 45.71 -3.13 20.30
N LEU B 31 46.19 -4.24 19.75
CA LEU B 31 46.13 -5.55 20.39
C LEU B 31 47.41 -5.88 21.14
N THR B 32 47.94 -4.93 21.93
CA THR B 32 48.88 -5.25 23.01
C THR B 32 48.57 -4.52 24.32
N SER B 33 48.04 -3.30 24.27
CA SER B 33 47.60 -2.53 25.43
C SER B 33 46.11 -2.69 25.68
N MET B 34 45.38 -3.25 24.70
CA MET B 34 43.94 -3.45 24.80
C MET B 34 43.24 -2.09 24.86
N THR B 35 43.66 -1.20 23.97
CA THR B 35 43.09 0.12 23.86
C THR B 35 42.60 0.32 22.44
N PHE B 36 41.77 1.33 22.24
CA PHE B 36 41.07 1.53 20.99
C PHE B 36 40.78 3.02 20.90
N ARG B 37 40.90 3.56 19.70
CA ARG B 37 40.64 4.97 19.48
C ARG B 37 39.70 5.06 18.30
N GLY B 38 38.57 5.73 18.49
CA GLY B 38 37.53 5.72 17.49
C GLY B 38 36.94 7.09 17.21
N SER B 39 36.49 7.25 15.97
CA SER B 39 35.77 8.43 15.50
C SER B 39 34.52 7.95 14.78
N VAL B 40 33.36 8.28 15.32
CA VAL B 40 32.09 7.93 14.68
C VAL B 40 31.48 9.21 14.13
N THR B 41 31.26 9.22 12.83
CA THR B 41 30.56 10.28 12.12
C THR B 41 29.20 9.73 11.73
N ILE B 42 28.13 10.29 12.29
CA ILE B 42 26.79 9.76 12.08
C ILE B 42 25.97 10.78 11.31
N SER B 43 25.40 10.33 10.20
CA SER B 43 24.42 11.10 9.46
C SER B 43 23.03 10.80 10.03
N VAL B 44 22.36 11.83 10.53
CA VAL B 44 21.06 11.67 11.15
C VAL B 44 20.07 12.64 10.52
N GLN B 45 18.79 12.26 10.59
CA GLN B 45 17.69 13.12 10.22
C GLN B 45 16.75 13.33 11.40
N ALA B 46 16.48 14.59 11.72
CA ALA B 46 15.50 14.95 12.74
C ALA B 46 14.17 15.26 12.09
N LEU B 47 13.12 14.53 12.48
CA LEU B 47 11.76 14.77 12.01
C LEU B 47 10.95 15.63 12.97
N GLN B 48 11.57 16.11 14.05
CA GLN B 48 10.92 17.02 14.98
C GLN B 48 11.99 17.92 15.58
N VAL B 49 11.57 19.13 15.97
CA VAL B 49 12.50 20.11 16.51
C VAL B 49 13.06 19.63 17.85
N THR B 50 14.37 19.70 18.01
CA THR B 50 14.99 19.27 19.26
C THR B 50 16.31 20.02 19.46
N TRP B 51 16.68 20.16 20.73
CA TRP B 51 17.96 20.72 21.12
C TRP B 51 18.93 19.67 21.64
N ASN B 52 18.47 18.42 21.85
CA ASN B 52 19.32 17.37 22.39
C ASN B 52 19.13 16.11 21.58
N ILE B 53 20.24 15.57 21.08
CA ILE B 53 20.29 14.24 20.48
C ILE B 53 20.67 13.24 21.58
N ILE B 54 19.78 12.30 21.88
CA ILE B 54 20.06 11.25 22.87
C ILE B 54 20.42 9.97 22.13
N LEU B 55 21.59 9.45 22.44
CA LEU B 55 22.22 8.32 21.78
C LEU B 55 22.75 7.39 22.86
N HIS B 56 23.29 6.23 22.47
CA HIS B 56 23.81 5.23 23.41
C HIS B 56 25.34 5.17 23.38
N SER B 57 25.97 5.20 24.57
CA SER B 57 27.42 5.01 24.66
C SER B 57 27.83 4.62 26.07
N THR B 58 28.69 3.60 26.19
CA THR B 58 29.20 3.13 27.48
C THR B 58 30.70 2.90 27.39
N GLY B 59 31.45 3.60 28.25
CA GLY B 59 32.88 3.39 28.42
C GLY B 59 33.72 4.15 27.42
N HIS B 60 33.43 5.43 27.25
CA HIS B 60 34.08 6.25 26.23
C HIS B 60 34.48 7.58 26.84
N ASN B 61 35.75 7.97 26.64
CA ASN B 61 36.20 9.32 26.95
C ASN B 61 35.95 10.14 25.70
N ILE B 62 34.90 10.94 25.71
CA ILE B 62 34.57 11.77 24.56
C ILE B 62 35.54 12.93 24.56
N SER B 63 36.32 13.07 23.48
CA SER B 63 37.28 14.14 23.39
C SER B 63 36.80 15.32 22.54
N ARG B 64 35.96 15.06 21.55
CA ARG B 64 35.47 16.13 20.69
C ARG B 64 34.19 15.64 20.02
N VAL B 65 33.11 16.36 20.21
CA VAL B 65 31.90 16.15 19.40
C VAL B 65 31.57 17.44 18.67
N THR B 66 31.17 17.30 17.42
CA THR B 66 31.04 18.42 16.51
C THR B 66 29.88 18.18 15.56
N PHE B 67 29.31 19.25 15.05
CA PHE B 67 28.28 19.15 14.04
C PHE B 67 28.85 19.60 12.71
N MET B 68 28.36 19.02 11.61
CA MET B 68 28.94 19.32 10.30
C MET B 68 27.86 19.25 9.21
N SER B 73 37.63 22.18 8.60
CA SER B 73 37.98 22.00 10.01
C SER B 73 36.77 21.44 10.76
N GLN B 74 35.86 20.98 9.92
CA GLN B 74 34.55 20.33 10.05
C GLN B 74 33.33 21.16 10.44
N GLU B 75 33.39 22.05 11.46
CA GLU B 75 32.32 23.00 11.79
C GLU B 75 32.32 23.38 13.27
N LYS B 76 31.12 23.73 13.76
CA LYS B 76 30.87 24.07 15.16
C LYS B 76 30.93 22.85 16.08
N GLN B 77 31.25 23.12 17.36
CA GLN B 77 31.34 22.13 18.44
C GLN B 77 30.09 22.10 19.32
N ALA B 78 29.81 20.92 19.89
CA ALA B 78 28.68 20.69 20.79
C ALA B 78 29.15 20.10 22.12
N GLU B 79 28.36 20.33 23.17
CA GLU B 79 28.59 19.74 24.49
C GLU B 79 27.91 18.38 24.62
N ILE B 80 28.50 17.50 25.44
CA ILE B 80 28.02 16.14 25.63
C ILE B 80 27.68 15.91 27.10
N LEU B 81 26.55 15.23 27.35
CA LEU B 81 26.12 14.87 28.70
C LEU B 81 25.95 13.36 28.81
N GLU B 82 25.91 12.87 30.05
CA GLU B 82 26.11 11.44 30.32
C GLU B 82 25.16 10.92 31.39
N TYR B 83 24.45 9.82 31.11
CA TYR B 83 23.59 9.13 32.10
C TYR B 83 23.98 7.67 32.08
N ALA B 84 24.87 7.27 32.98
CA ALA B 84 25.42 5.91 32.94
C ALA B 84 24.34 4.87 33.12
N TYR B 85 23.39 5.12 34.03
CA TYR B 85 22.37 4.15 34.39
C TYR B 85 21.67 3.59 33.16
N HIS B 86 21.25 4.48 32.25
CA HIS B 86 20.60 4.07 31.02
C HIS B 86 21.56 3.92 29.85
N GLY B 87 22.86 4.08 30.10
CA GLY B 87 23.85 3.98 29.03
C GLY B 87 23.66 4.94 27.90
N GLN B 88 23.30 6.19 28.20
CA GLN B 88 22.88 7.16 27.21
C GLN B 88 23.80 8.37 27.22
N ILE B 89 24.02 8.94 26.04
CA ILE B 89 24.72 10.21 25.91
C ILE B 89 23.76 11.23 25.29
N ALA B 90 23.92 12.47 25.70
CA ALA B 90 23.15 13.59 25.16
C ALA B 90 24.08 14.58 24.49
N ILE B 91 23.74 14.99 23.27
CA ILE B 91 24.49 15.98 22.53
C ILE B 91 23.63 17.24 22.45
N VAL B 92 24.01 18.25 23.21
CA VAL B 92 23.23 19.48 23.28
C VAL B 92 23.51 20.31 22.03
N ALA B 93 22.44 20.73 21.35
CA ALA B 93 22.61 21.39 20.07
C ALA B 93 23.15 22.80 20.27
N PRO B 94 24.05 23.26 19.39
CA PRO B 94 24.47 24.67 19.49
C PRO B 94 23.36 25.60 19.06
N GLU B 95 22.66 25.24 17.99
CA GLU B 95 21.41 25.87 17.60
C GLU B 95 20.46 24.75 17.21
N ALA B 96 19.18 24.93 17.53
CA ALA B 96 18.21 23.84 17.58
C ALA B 96 18.14 23.06 16.27
N LEU B 97 17.89 21.76 16.38
CA LEU B 97 17.72 20.91 15.22
C LEU B 97 16.27 20.99 14.74
N LEU B 98 16.10 21.10 13.42
CA LEU B 98 14.81 21.36 12.81
C LEU B 98 14.29 20.13 12.08
N ALA B 99 12.97 20.08 11.90
CA ALA B 99 12.34 18.94 11.26
C ALA B 99 12.66 18.91 9.77
N GLY B 100 12.84 17.70 9.24
CA GLY B 100 13.15 17.52 7.84
C GLY B 100 14.58 17.84 7.45
N HIS B 101 15.36 18.38 8.37
CA HIS B 101 16.71 18.81 8.06
C HIS B 101 17.67 17.69 8.44
N ASN B 102 18.51 17.29 7.50
CA ASN B 102 19.52 16.31 7.80
C ASN B 102 20.68 17.01 8.49
N TYR B 103 21.29 16.35 9.47
CA TYR B 103 22.42 16.89 10.20
C TYR B 103 23.47 15.78 10.32
N THR B 104 24.71 16.16 10.61
CA THR B 104 25.77 15.18 10.75
C THR B 104 26.59 15.47 12.00
N LEU B 105 26.67 14.48 12.88
CA LEU B 105 27.40 14.55 14.14
C LEU B 105 28.66 13.68 14.07
N LYS B 106 29.76 14.19 14.62
CA LYS B 106 31.01 13.44 14.72
C LYS B 106 31.45 13.37 16.17
N ILE B 107 31.71 12.15 16.64
CA ILE B 107 32.17 11.91 18.01
C ILE B 107 33.54 11.25 17.95
N GLU B 108 34.48 11.78 18.73
CA GLU B 108 35.81 11.22 18.89
C GLU B 108 35.96 10.75 20.33
N TYR B 109 36.39 9.51 20.50
CA TYR B 109 36.43 8.89 21.81
C TYR B 109 37.59 7.91 21.86
N SER B 110 37.93 7.49 23.07
CA SER B 110 38.93 6.47 23.34
C SER B 110 38.25 5.38 24.17
N ALA B 111 38.81 4.18 24.15
CA ALA B 111 38.21 3.12 24.95
C ALA B 111 39.21 2.03 25.30
N ASN B 112 38.83 1.20 26.28
CA ASN B 112 39.56 -0.02 26.61
C ASN B 112 38.93 -1.19 25.88
N ILE B 113 39.76 -2.11 25.41
CA ILE B 113 39.25 -3.38 24.90
C ILE B 113 38.95 -4.32 26.07
N SER B 114 38.04 -5.26 25.84
CA SER B 114 37.25 -5.82 26.93
C SER B 114 37.87 -7.04 27.59
N SER B 115 37.52 -7.21 28.87
CA SER B 115 37.77 -8.40 29.67
C SER B 115 36.63 -9.41 29.53
N SER B 116 35.83 -9.29 28.48
CA SER B 116 34.55 -9.97 28.37
C SER B 116 34.50 -10.81 27.10
N TYR B 117 33.34 -11.44 26.89
CA TYR B 117 33.04 -12.14 25.66
C TYR B 117 32.12 -11.29 24.79
N TYR B 118 31.89 -10.05 25.20
CA TYR B 118 30.79 -9.19 24.80
C TYR B 118 31.35 -7.90 24.23
N GLY B 119 30.76 -7.39 23.15
CA GLY B 119 31.32 -6.19 22.57
C GLY B 119 32.63 -6.46 21.87
N PHE B 120 33.41 -5.40 21.68
CA PHE B 120 34.72 -5.54 21.06
C PHE B 120 35.70 -6.04 22.11
N TYR B 121 36.17 -7.28 21.96
CA TYR B 121 36.93 -7.96 23.01
C TYR B 121 38.19 -8.59 22.44
N GLY B 122 39.20 -8.76 23.31
CA GLY B 122 40.47 -9.31 22.90
C GLY B 122 40.99 -10.33 23.88
N PHE B 123 41.82 -11.24 23.35
CA PHE B 123 42.39 -12.35 24.12
C PHE B 123 43.69 -12.78 23.46
N SER B 124 44.41 -13.69 24.12
CA SER B 124 45.65 -14.23 23.58
C SER B 124 45.63 -15.77 23.62
N TYR B 125 46.17 -16.38 22.58
CA TYR B 125 46.31 -17.83 22.49
C TYR B 125 47.75 -18.21 22.21
N THR B 126 48.18 -19.33 22.79
CA THR B 126 49.52 -19.86 22.57
C THR B 126 49.54 -20.76 21.34
N ASP B 127 50.48 -20.51 20.43
CA ASP B 127 50.55 -21.25 19.17
C ASP B 127 51.16 -22.63 19.42
N GLU B 128 51.40 -23.38 18.34
CA GLU B 128 52.02 -24.69 18.48
C GLU B 128 53.49 -24.60 18.87
N SER B 129 54.06 -23.40 18.90
CA SER B 129 55.50 -23.21 19.11
C SER B 129 55.79 -22.39 20.36
N ASN B 130 54.82 -22.26 21.26
CA ASN B 130 54.89 -21.30 22.37
C ASN B 130 54.93 -19.86 21.84
N GLU B 131 54.30 -19.65 20.70
CA GLU B 131 54.21 -18.33 20.07
C GLU B 131 52.90 -17.69 20.51
N LYS B 132 52.99 -16.53 21.17
CA LYS B 132 51.78 -15.83 21.59
C LYS B 132 51.22 -15.00 20.45
N LYS B 133 49.93 -15.19 20.16
CA LYS B 133 49.26 -14.48 19.09
C LYS B 133 47.97 -13.88 19.61
N TYR B 134 47.70 -12.64 19.23
CA TYR B 134 46.56 -11.89 19.73
C TYR B 134 45.44 -11.88 18.69
N PHE B 135 44.22 -11.63 19.19
CA PHE B 135 43.01 -11.70 18.39
C PHE B 135 41.97 -10.80 19.03
N ALA B 136 41.27 -9.99 18.23
CA ALA B 136 40.16 -9.19 18.72
C ALA B 136 38.91 -9.45 17.89
N ALA B 137 37.74 -9.28 18.52
CA ALA B 137 36.49 -9.67 17.90
C ALA B 137 35.31 -8.99 18.60
N THR B 138 34.13 -9.18 18.02
CA THR B 138 32.92 -8.49 18.45
C THR B 138 31.79 -9.45 18.80
N GLN B 139 31.08 -9.12 19.88
CA GLN B 139 29.78 -9.70 20.21
C GLN B 139 28.87 -8.56 20.67
N PHE B 140 28.01 -8.07 19.78
CA PHE B 140 27.21 -6.88 20.07
C PHE B 140 25.78 -7.19 20.49
N GLU B 141 25.25 -8.31 20.08
CA GLU B 141 23.91 -8.70 20.48
C GLU B 141 23.91 -9.27 21.90
N PRO B 142 22.95 -8.89 22.74
CA PRO B 142 21.89 -7.93 22.41
C PRO B 142 22.24 -6.43 22.48
N LEU B 143 23.01 -5.96 23.46
CA LEU B 143 23.12 -4.51 23.69
C LEU B 143 24.54 -4.08 23.99
N ALA B 144 25.52 -4.55 23.21
CA ALA B 144 26.92 -4.24 23.49
C ALA B 144 27.58 -3.37 22.44
N ALA B 145 26.86 -2.96 21.38
CA ALA B 145 27.48 -2.11 20.37
C ALA B 145 27.74 -0.70 20.91
N ARG B 146 26.95 -0.25 21.89
CA ARG B 146 27.23 1.05 22.49
C ARG B 146 28.50 1.00 23.34
N SER B 147 29.09 -0.18 23.54
CA SER B 147 30.37 -0.30 24.21
C SER B 147 31.50 0.19 23.31
N ALA B 148 31.35 0.02 22.01
CA ALA B 148 32.44 0.20 21.05
C ALA B 148 32.35 1.53 20.33
N PHE B 149 31.15 1.92 19.89
CA PHE B 149 30.94 3.17 19.21
C PHE B 149 29.63 3.80 19.66
N PRO B 150 29.59 5.13 19.78
CA PRO B 150 28.31 5.81 19.99
C PRO B 150 27.32 5.48 18.88
N CYS B 151 26.12 5.05 19.27
CA CYS B 151 25.12 4.61 18.31
C CYS B 151 23.73 4.75 18.92
N PHE B 152 22.72 4.61 18.07
CA PHE B 152 21.33 4.45 18.50
C PHE B 152 21.10 2.95 18.63
N ASP B 153 21.42 2.41 19.82
CA ASP B 153 21.52 0.96 20.01
C ASP B 153 20.16 0.29 20.25
N GLU B 154 19.30 0.38 19.24
CA GLU B 154 18.02 -0.31 19.23
C GLU B 154 17.80 -0.90 17.85
N PRO B 155 17.34 -2.15 17.77
CA PRO B 155 17.36 -2.87 16.47
C PRO B 155 16.52 -2.21 15.39
N ALA B 156 15.48 -1.47 15.74
CA ALA B 156 14.64 -0.85 14.73
C ALA B 156 15.33 0.33 14.08
N PHE B 157 16.35 0.90 14.73
CA PHE B 157 17.14 2.00 14.18
C PHE B 157 18.18 1.46 13.20
N LYS B 158 17.66 0.88 12.12
CA LYS B 158 18.52 0.35 11.06
C LYS B 158 19.20 1.47 10.30
N ALA B 159 20.40 1.18 9.79
CA ALA B 159 21.18 2.16 9.05
C ALA B 159 22.23 1.43 8.21
N THR B 160 22.99 2.20 7.43
CA THR B 160 24.10 1.70 6.62
C THR B 160 25.43 2.15 7.23
N PHE B 161 26.44 1.29 7.13
CA PHE B 161 27.67 1.42 7.90
C PHE B 161 28.90 1.41 6.97
N ILE B 162 29.88 2.25 7.31
CA ILE B 162 31.20 2.25 6.68
C ILE B 162 32.22 2.08 7.79
N ILE B 163 32.92 0.95 7.79
CA ILE B 163 33.92 0.62 8.80
C ILE B 163 35.32 0.97 8.29
N LYS B 164 36.11 1.64 9.12
CA LYS B 164 37.51 1.93 8.83
C LYS B 164 38.35 1.45 10.01
N ILE B 165 39.15 0.39 9.80
CA ILE B 165 39.87 -0.32 10.85
C ILE B 165 41.38 -0.21 10.65
N ILE B 166 42.10 -0.01 11.76
CA ILE B 166 43.56 0.07 11.77
C ILE B 166 44.15 -1.27 12.16
N ARG B 167 45.17 -1.72 11.41
CA ARG B 167 45.80 -3.00 11.71
C ARG B 167 47.31 -2.91 11.57
N ASP B 168 47.96 -3.91 12.18
CA ASP B 168 49.39 -4.22 12.23
C ASP B 168 49.78 -5.11 11.05
N GLU B 169 50.63 -6.10 11.35
CA GLU B 169 51.26 -7.04 10.44
C GLU B 169 50.18 -7.83 9.71
N GLN B 170 50.50 -8.96 9.09
CA GLN B 170 49.41 -9.62 8.37
C GLN B 170 48.37 -10.16 9.36
N TYR B 171 47.74 -9.23 10.07
CA TYR B 171 46.45 -9.49 10.67
C TYR B 171 45.46 -9.45 9.52
N THR B 172 44.27 -9.99 9.71
CA THR B 172 43.42 -10.02 8.54
C THR B 172 42.30 -8.98 8.55
N ALA B 173 41.88 -8.49 9.72
CA ALA B 173 40.98 -7.34 9.78
C ALA B 173 39.73 -7.54 8.91
N LEU B 174 38.83 -8.38 9.41
CA LEU B 174 37.59 -8.66 8.71
C LEU B 174 36.45 -7.87 9.32
N SER B 175 35.40 -7.69 8.52
CA SER B 175 34.23 -6.94 8.95
C SER B 175 33.01 -7.54 8.26
N ASN B 176 31.88 -6.84 8.34
CA ASN B 176 30.63 -7.37 7.77
C ASN B 176 30.69 -7.40 6.25
N MET B 177 31.15 -6.32 5.66
CA MET B 177 31.17 -6.14 4.23
C MET B 177 32.56 -6.34 3.66
N PRO B 178 32.68 -6.55 2.35
CA PRO B 178 34.01 -6.81 1.78
C PRO B 178 34.94 -5.61 1.81
N LYS B 179 36.23 -5.91 1.97
CA LYS B 179 37.30 -4.93 2.07
C LYS B 179 37.76 -4.43 0.70
N LYS B 180 38.02 -3.12 0.59
CA LYS B 180 38.63 -2.58 -0.61
C LYS B 180 39.96 -1.87 -0.38
N SER B 181 40.01 -0.86 0.50
CA SER B 181 41.05 0.16 0.35
C SER B 181 42.40 -0.28 0.90
N SER B 182 43.44 0.46 0.50
CA SER B 182 44.84 0.13 0.78
C SER B 182 45.55 1.41 1.18
N VAL B 183 46.02 1.48 2.43
CA VAL B 183 46.68 2.69 2.92
C VAL B 183 47.77 2.31 3.90
N VAL B 184 48.94 2.94 3.83
CA VAL B 184 49.89 2.71 4.92
C VAL B 184 50.20 3.99 5.69
N LEU B 185 51.04 4.86 5.12
CA LEU B 185 51.38 6.12 5.78
C LEU B 185 51.07 7.35 4.93
N ASP B 187 52.52 6.43 10.81
CA ASP B 187 53.69 6.05 10.03
C ASP B 187 53.77 4.52 9.87
N GLY B 188 53.51 4.03 8.67
CA GLY B 188 53.34 2.60 8.45
C GLY B 188 51.92 2.20 8.76
N LEU B 189 51.70 0.89 9.00
CA LEU B 189 50.40 0.46 9.52
C LEU B 189 49.19 0.65 8.59
N VAL B 190 48.82 -0.41 7.87
CA VAL B 190 47.66 -0.36 6.97
C VAL B 190 46.37 0.03 7.69
N GLN B 191 45.56 0.89 7.03
CA GLN B 191 44.16 1.16 7.38
C GLN B 191 43.30 0.61 6.26
N ASP B 192 42.61 -0.49 6.53
CA ASP B 192 41.70 -1.04 5.53
C ASP B 192 40.28 -0.48 5.66
N GLU B 193 39.56 -0.55 4.54
CA GLU B 193 38.21 -0.03 4.43
C GLU B 193 37.33 -1.08 3.76
N PHE B 194 36.07 -1.12 4.18
CA PHE B 194 35.13 -2.11 3.70
C PHE B 194 33.99 -1.46 2.94
N SER B 195 33.47 -2.18 1.94
CA SER B 195 32.31 -1.71 1.17
C SER B 195 31.23 -1.22 2.11
N GLU B 196 30.46 -0.23 1.65
CA GLU B 196 29.34 0.21 2.46
C GLU B 196 28.38 -0.95 2.68
N SER B 197 27.68 -0.91 3.80
CA SER B 197 26.85 -2.02 4.21
C SER B 197 25.42 -1.83 3.74
N VAL B 198 24.67 -2.93 3.76
CA VAL B 198 23.24 -2.84 3.56
C VAL B 198 22.57 -2.36 4.85
N LYS B 199 21.34 -1.89 4.72
CA LYS B 199 20.60 -1.39 5.88
C LYS B 199 20.45 -2.50 6.92
N MET B 200 20.96 -2.27 8.13
CA MET B 200 20.96 -3.28 9.16
C MET B 200 20.95 -2.62 10.53
N SER B 201 20.78 -3.45 11.55
CA SER B 201 20.82 -3.03 12.95
C SER B 201 22.24 -3.04 13.50
N THR B 202 22.47 -2.19 14.51
CA THR B 202 23.79 -2.09 15.12
C THR B 202 24.24 -3.41 15.76
N TYR B 203 23.31 -4.25 16.22
CA TYR B 203 23.71 -5.44 16.95
C TYR B 203 24.41 -6.48 16.07
N LEU B 204 24.25 -6.40 14.75
CA LEU B 204 24.91 -7.30 13.80
C LEU B 204 26.13 -6.70 13.16
N VAL B 205 26.48 -5.45 13.48
CA VAL B 205 27.74 -4.92 13.00
C VAL B 205 28.86 -5.67 13.67
N ALA B 206 29.94 -5.93 12.94
CA ALA B 206 30.98 -6.77 13.50
C ALA B 206 32.29 -6.53 12.77
N PHE B 207 33.37 -6.48 13.52
CA PHE B 207 34.70 -6.39 12.96
C PHE B 207 35.63 -7.31 13.73
N ILE B 208 36.43 -8.08 13.00
CA ILE B 208 37.41 -9.00 13.57
C ILE B 208 38.78 -8.52 13.12
N VAL B 209 39.77 -8.57 14.02
CA VAL B 209 41.16 -8.31 13.69
C VAL B 209 42.01 -9.39 14.34
N GLY B 210 42.65 -10.23 13.53
CA GLY B 210 43.44 -11.32 14.07
C GLY B 210 44.17 -12.05 12.96
N GLU B 211 45.12 -12.88 13.38
CA GLU B 211 45.97 -13.62 12.46
C GLU B 211 45.29 -14.94 12.10
N MET B 212 44.80 -15.05 10.86
CA MET B 212 43.99 -16.19 10.43
C MET B 212 44.43 -16.64 9.04
N LYS B 213 43.79 -17.71 8.58
CA LYS B 213 43.94 -18.24 7.23
C LYS B 213 42.54 -18.54 6.69
N ASN B 214 42.47 -18.95 5.43
CA ASN B 214 41.17 -19.01 4.78
C ASN B 214 41.14 -20.09 3.72
N LEU B 215 39.96 -20.67 3.53
CA LEU B 215 39.64 -21.52 2.38
C LEU B 215 38.27 -21.11 1.86
N SER B 216 38.09 -21.09 0.54
CA SER B 216 36.97 -20.40 -0.08
C SER B 216 36.39 -21.22 -1.23
N GLN B 217 35.15 -20.87 -1.60
CA GLN B 217 34.49 -21.40 -2.77
C GLN B 217 33.36 -20.46 -3.15
N ASP B 218 33.20 -20.26 -4.46
CA ASP B 218 32.23 -19.35 -5.05
C ASP B 218 30.97 -20.10 -5.47
N VAL B 219 29.80 -19.49 -5.24
CA VAL B 219 28.55 -20.13 -5.66
C VAL B 219 28.03 -19.50 -6.94
N ASN B 220 27.63 -18.23 -6.90
CA ASN B 220 27.30 -17.47 -8.11
C ASN B 220 28.09 -16.16 -8.22
N GLY B 221 29.20 -16.02 -7.49
CA GLY B 221 29.81 -14.71 -7.30
C GLY B 221 29.91 -14.31 -5.84
N THR B 222 29.07 -14.88 -4.98
CA THR B 222 29.25 -14.70 -3.55
C THR B 222 30.30 -15.72 -3.16
N LEU B 223 31.42 -15.23 -2.66
CA LEU B 223 32.54 -16.09 -2.29
C LEU B 223 32.34 -16.54 -0.85
N VAL B 224 32.03 -17.82 -0.68
CA VAL B 224 31.90 -18.41 0.65
C VAL B 224 33.28 -18.87 1.11
N SER B 225 33.73 -18.34 2.23
CA SER B 225 35.03 -18.67 2.79
C SER B 225 34.89 -18.86 4.30
N ILE B 226 35.47 -19.94 4.83
CA ILE B 226 35.50 -20.19 6.26
C ILE B 226 36.92 -20.00 6.77
N TYR B 227 37.06 -19.22 7.83
CA TYR B 227 38.37 -18.85 8.38
C TYR B 227 38.68 -19.69 9.62
N ALA B 228 39.91 -19.53 10.11
CA ALA B 228 40.41 -20.15 11.34
C ALA B 228 41.84 -19.67 11.58
N VAL B 229 42.34 -19.94 12.77
CA VAL B 229 43.73 -19.70 13.18
C VAL B 229 44.61 -20.65 12.38
N PRO B 230 45.82 -20.25 11.98
CA PRO B 230 46.61 -21.10 11.06
C PRO B 230 46.83 -22.51 11.55
N GLU B 231 46.78 -22.76 12.86
CA GLU B 231 47.01 -24.09 13.40
C GLU B 231 45.78 -24.98 13.26
N LYS B 232 44.80 -24.57 12.46
CA LYS B 232 43.52 -25.24 12.37
C LYS B 232 43.00 -25.40 10.94
N ILE B 233 43.57 -24.72 9.96
CA ILE B 233 42.93 -24.55 8.65
C ILE B 233 42.63 -25.86 7.93
N GLY B 234 43.18 -26.99 8.40
CA GLY B 234 42.78 -28.25 7.79
C GLY B 234 41.47 -28.78 8.34
N GLN B 235 41.08 -28.33 9.53
CA GLN B 235 39.84 -28.74 10.18
C GLN B 235 38.67 -27.90 9.69
N VAL B 236 38.76 -27.35 8.49
CA VAL B 236 37.87 -26.30 8.01
C VAL B 236 37.24 -26.69 6.67
N HIS B 237 37.00 -27.98 6.47
CA HIS B 237 36.42 -28.45 5.23
CA HIS B 237 36.42 -28.45 5.22
C HIS B 237 34.93 -28.79 5.35
N TYR B 238 34.55 -29.52 6.40
CA TYR B 238 33.13 -29.78 6.63
C TYR B 238 32.32 -28.49 6.66
N ALA B 239 32.92 -27.39 7.13
CA ALA B 239 32.19 -26.14 7.25
C ALA B 239 31.87 -25.54 5.88
N LEU B 240 32.86 -25.50 4.99
CA LEU B 240 32.59 -24.97 3.64
C LEU B 240 31.58 -25.84 2.92
N GLU B 241 31.78 -27.15 2.93
CA GLU B 241 30.86 -28.05 2.25
C GLU B 241 29.45 -27.91 2.80
N THR B 242 29.33 -27.89 4.13
CA THR B 242 28.01 -27.72 4.74
C THR B 242 27.47 -26.31 4.51
N THR B 243 28.32 -25.28 4.58
CA THR B 243 27.85 -23.93 4.29
C THR B 243 27.36 -23.80 2.86
N VAL B 244 28.09 -24.38 1.90
CA VAL B 244 27.70 -24.26 0.50
C VAL B 244 26.36 -24.95 0.25
N LYS B 245 26.18 -26.16 0.81
CA LYS B 245 24.97 -26.94 0.52
C LYS B 245 23.74 -26.30 1.13
N LEU B 246 23.85 -25.80 2.37
CA LEU B 246 22.72 -25.11 2.98
C LEU B 246 22.52 -23.72 2.39
N LEU B 247 23.59 -23.11 1.87
CA LEU B 247 23.48 -21.83 1.19
C LEU B 247 22.64 -21.95 -0.08
N GLU B 248 22.99 -22.91 -0.93
CA GLU B 248 22.30 -23.23 -2.18
C GLU B 248 20.91 -23.84 -1.92
N PHE B 249 20.62 -24.09 -0.65
CA PHE B 249 19.31 -24.58 -0.20
C PHE B 249 18.39 -23.48 0.31
N PHE B 250 18.90 -22.54 1.12
CA PHE B 250 18.07 -21.47 1.64
C PHE B 250 17.75 -20.48 0.54
N GLN B 251 18.69 -20.29 -0.39
CA GLN B 251 18.41 -19.55 -1.60
C GLN B 251 17.62 -20.39 -2.58
N ASN B 252 16.67 -21.16 -2.08
CA ASN B 252 15.72 -21.88 -2.93
C ASN B 252 14.33 -21.81 -2.29
N TYR B 253 14.28 -22.12 -0.98
CA TYR B 253 13.03 -22.06 -0.23
C TYR B 253 12.60 -20.62 -0.07
N PHE B 254 13.50 -19.77 0.41
CA PHE B 254 13.32 -18.33 0.30
C PHE B 254 13.78 -17.97 -1.09
N GLU B 255 12.88 -17.42 -1.89
CA GLU B 255 13.23 -17.02 -3.25
C GLU B 255 13.84 -15.63 -3.22
N ILE B 256 14.83 -15.47 -2.33
CA ILE B 256 15.70 -14.30 -2.23
C ILE B 256 17.11 -14.80 -1.98
N GLN B 257 18.09 -14.03 -2.47
CA GLN B 257 19.48 -14.44 -2.48
C GLN B 257 20.28 -13.72 -1.40
N TYR B 258 21.38 -14.34 -0.99
CA TYR B 258 22.33 -13.70 -0.08
C TYR B 258 22.78 -12.39 -0.68
N PRO B 259 22.53 -11.26 -0.03
CA PRO B 259 22.70 -9.95 -0.69
C PRO B 259 24.15 -9.48 -0.80
N LEU B 260 25.08 -10.15 -0.16
CA LEU B 260 26.47 -9.73 -0.13
C LEU B 260 27.33 -10.69 -0.96
N LYS B 261 28.57 -10.29 -1.18
CA LYS B 261 29.52 -11.10 -1.94
C LYS B 261 30.52 -11.81 -1.03
N LYS B 262 30.41 -11.66 0.28
CA LYS B 262 31.31 -12.30 1.23
C LYS B 262 30.45 -12.94 2.31
N LEU B 263 30.44 -14.27 2.34
CA LEU B 263 29.85 -15.07 3.40
C LEU B 263 31.00 -15.74 4.14
N ASP B 264 31.49 -15.07 5.17
CA ASP B 264 32.64 -15.54 5.94
C ASP B 264 32.19 -16.10 7.29
N LEU B 265 32.65 -17.31 7.60
CA LEU B 265 32.40 -17.94 8.89
C LEU B 265 33.75 -18.10 9.58
N VAL B 266 33.92 -17.44 10.71
CA VAL B 266 35.20 -17.41 11.41
C VAL B 266 35.07 -18.17 12.73
N ALA B 267 36.06 -19.02 13.01
CA ALA B 267 36.14 -19.78 14.25
C ALA B 267 37.09 -19.07 15.19
N ILE B 268 36.59 -18.63 16.33
CA ILE B 268 37.32 -17.78 17.26
C ILE B 268 37.74 -18.62 18.47
N PRO B 269 39.00 -18.56 18.88
CA PRO B 269 39.45 -19.38 20.02
C PRO B 269 38.72 -19.11 21.32
N ASP B 270 38.48 -17.84 21.66
CA ASP B 270 37.77 -17.48 22.89
C ASP B 270 36.48 -16.76 22.51
N PHE B 271 35.37 -17.49 22.53
CA PHE B 271 34.07 -16.95 22.14
C PHE B 271 33.00 -17.64 22.98
N GLU B 272 32.18 -16.89 23.70
CA GLU B 272 31.07 -17.50 24.42
C GLU B 272 29.80 -17.43 23.59
N ALA B 273 29.62 -18.47 22.79
CA ALA B 273 28.36 -18.88 22.18
C ALA B 273 28.80 -20.01 21.27
N GLY B 274 27.85 -20.73 20.68
CA GLY B 274 28.26 -21.62 19.62
C GLY B 274 28.53 -20.84 18.35
N ALA B 275 27.75 -19.78 18.11
CA ALA B 275 27.86 -18.99 16.89
C ALA B 275 27.04 -17.71 17.02
N MET B 276 27.20 -16.84 16.03
CA MET B 276 26.46 -15.60 15.90
C MET B 276 26.20 -15.36 14.43
N GLU B 277 25.15 -14.59 14.14
CA GLU B 277 24.70 -14.38 12.78
C GLU B 277 25.16 -13.04 12.20
N ASN B 278 26.20 -12.44 12.78
CA ASN B 278 26.73 -11.16 12.30
C ASN B 278 26.78 -11.17 10.79
N TRP B 279 25.99 -10.30 10.18
CA TRP B 279 25.76 -10.34 8.73
C TRP B 279 27.07 -10.30 7.97
N GLY B 280 27.29 -11.31 7.14
CA GLY B 280 28.48 -11.40 6.31
C GLY B 280 29.66 -12.05 6.96
N LEU B 281 29.84 -11.83 8.27
CA LEU B 281 30.96 -12.37 9.02
C LEU B 281 30.36 -13.20 10.15
N LEU B 282 30.01 -14.44 9.84
CA LEU B 282 29.33 -15.30 10.81
C LEU B 282 30.35 -15.82 11.81
N THR B 283 30.19 -15.43 13.08
CA THR B 283 31.14 -15.80 14.12
C THR B 283 30.75 -17.14 14.75
N PHE B 284 31.76 -17.84 15.27
CA PHE B 284 31.60 -19.21 15.73
C PHE B 284 32.58 -19.47 16.86
N ARG B 285 32.52 -20.68 17.39
CA ARG B 285 33.47 -21.22 18.35
C ARG B 285 34.32 -22.28 17.65
N GLU B 286 35.60 -22.38 18.04
CA GLU B 286 36.49 -23.33 17.35
C GLU B 286 35.97 -24.77 17.44
N GLU B 287 35.30 -25.13 18.53
CA GLU B 287 34.71 -26.46 18.66
C GLU B 287 33.44 -26.64 17.83
N THR B 288 32.84 -25.54 17.37
CA THR B 288 31.53 -25.62 16.74
C THR B 288 31.56 -25.53 15.23
N LEU B 289 32.70 -25.19 14.63
CA LEU B 289 32.79 -25.13 13.19
C LEU B 289 33.82 -26.09 12.62
N LEU B 290 34.91 -26.36 13.34
CA LEU B 290 35.96 -27.24 12.86
C LEU B 290 35.58 -28.70 13.09
N TYR B 291 36.19 -29.57 12.28
CA TYR B 291 35.86 -30.98 12.36
C TYR B 291 36.98 -31.82 11.77
N ASP B 292 37.31 -32.91 12.46
CA ASP B 292 38.16 -33.98 11.95
C ASP B 292 37.46 -35.28 12.29
N SER B 293 37.14 -36.08 11.27
CA SER B 293 36.37 -37.30 11.48
C SER B 293 37.06 -38.34 12.36
N ASN B 294 38.35 -38.20 12.63
CA ASN B 294 39.04 -39.21 13.43
C ASN B 294 39.13 -38.82 14.90
N THR B 295 38.95 -37.54 15.23
CA THR B 295 38.93 -37.09 16.61
C THR B 295 37.57 -36.54 17.01
N SER B 296 36.55 -36.70 16.18
CA SER B 296 35.24 -36.11 16.43
C SER B 296 34.12 -37.14 16.24
N SER B 297 33.17 -37.13 17.17
CA SER B 297 31.95 -37.93 17.19
C SER B 297 30.98 -37.50 16.10
N MET B 298 29.98 -38.36 15.85
CA MET B 298 28.82 -37.96 15.07
C MET B 298 28.05 -36.84 15.76
N ALA B 299 28.00 -36.85 17.10
CA ALA B 299 27.36 -35.76 17.82
C ALA B 299 28.14 -34.46 17.71
N ASP B 300 29.41 -34.53 17.31
CA ASP B 300 30.19 -33.33 17.05
C ASP B 300 29.91 -32.79 15.67
N ARG B 301 29.71 -33.69 14.71
CA ARG B 301 29.31 -33.29 13.37
C ARG B 301 27.86 -32.84 13.32
N LYS B 302 27.01 -33.45 14.16
CA LYS B 302 25.59 -33.11 14.28
C LYS B 302 25.38 -31.82 14.99
N LEU B 303 26.49 -31.14 15.21
CA LEU B 303 26.52 -29.82 15.80
C LEU B 303 27.07 -28.77 14.86
N VAL B 304 28.03 -29.13 14.01
CA VAL B 304 28.53 -28.18 13.02
C VAL B 304 27.49 -27.98 11.93
N THR B 305 26.77 -29.05 11.58
CA THR B 305 25.70 -28.96 10.59
C THR B 305 24.52 -28.18 11.15
N LYS B 306 24.26 -28.31 12.45
CA LYS B 306 23.13 -27.62 13.07
C LYS B 306 23.40 -26.13 13.19
N ILE B 307 24.57 -25.77 13.71
CA ILE B 307 24.88 -24.36 13.95
C ILE B 307 25.10 -23.60 12.66
N ILE B 308 25.52 -24.29 11.59
CA ILE B 308 25.67 -23.61 10.30
C ILE B 308 24.31 -23.24 9.75
N ALA B 309 23.32 -24.13 9.90
CA ALA B 309 21.99 -23.86 9.38
C ALA B 309 21.27 -22.80 10.18
N HIS B 310 21.54 -22.73 11.49
CA HIS B 310 20.86 -21.76 12.34
C HIS B 310 21.27 -20.33 11.99
N GLU B 311 22.56 -20.09 11.84
CA GLU B 311 23.03 -18.73 11.61
C GLU B 311 22.94 -18.30 10.15
N LEU B 312 22.82 -19.26 9.23
CA LEU B 312 22.55 -18.92 7.84
C LEU B 312 21.10 -18.56 7.59
N ALA B 313 20.17 -19.05 8.42
CA ALA B 313 18.77 -18.64 8.30
C ALA B 313 18.51 -17.32 9.00
N HIS B 314 19.40 -16.90 9.88
CA HIS B 314 19.32 -15.55 10.44
C HIS B 314 19.68 -14.50 9.40
N GLN B 315 20.28 -14.91 8.29
CA GLN B 315 20.58 -13.96 7.23
C GLN B 315 19.31 -13.50 6.54
N TRP B 316 18.27 -14.32 6.59
CA TRP B 316 16.92 -13.91 6.21
C TRP B 316 16.04 -13.61 7.42
N PHE B 317 15.96 -14.54 8.37
CA PHE B 317 15.10 -14.37 9.55
C PHE B 317 15.95 -13.79 10.67
N GLY B 318 16.14 -12.47 10.62
CA GLY B 318 16.94 -11.81 11.62
C GLY B 318 17.84 -10.72 11.08
N ASN B 319 18.32 -10.87 9.85
CA ASN B 319 19.14 -9.82 9.23
C ASN B 319 18.34 -9.01 8.22
N LEU B 320 17.76 -9.69 7.22
CA LEU B 320 16.91 -8.98 6.27
C LEU B 320 15.63 -8.50 6.95
N VAL B 321 14.94 -9.40 7.66
CA VAL B 321 13.77 -9.05 8.45
C VAL B 321 14.14 -9.19 9.91
N THR B 322 13.96 -8.12 10.67
CA THR B 322 14.42 -8.04 12.04
C THR B 322 13.28 -7.55 12.93
N MET B 323 13.29 -7.97 14.19
CA MET B 323 12.22 -7.55 15.09
C MET B 323 12.38 -6.09 15.48
N LYS B 324 11.24 -5.45 15.73
CA LYS B 324 11.23 -4.04 16.12
C LYS B 324 11.76 -3.86 17.52
N TRP B 325 11.36 -4.73 18.45
CA TRP B 325 11.87 -4.71 19.81
C TRP B 325 12.18 -6.15 20.23
N TRP B 326 12.92 -6.29 21.34
CA TRP B 326 13.40 -7.60 21.79
C TRP B 326 12.29 -8.50 22.32
N ASN B 327 11.10 -7.96 22.58
CA ASN B 327 9.98 -8.79 22.99
C ASN B 327 9.63 -9.85 21.95
N ASP B 328 9.94 -9.60 20.68
CA ASP B 328 9.61 -10.49 19.58
C ASP B 328 10.85 -11.17 19.02
N LEU B 329 11.80 -11.49 19.90
CA LEU B 329 13.03 -12.17 19.48
C LEU B 329 12.75 -13.55 18.89
N TRP B 330 11.59 -14.15 19.19
CA TRP B 330 11.26 -15.48 18.68
C TRP B 330 11.01 -15.44 17.18
N LEU B 331 10.71 -14.27 16.61
CA LEU B 331 10.57 -14.17 15.17
C LEU B 331 11.91 -14.27 14.46
N ASN B 332 13.00 -14.09 15.20
CA ASN B 332 14.36 -14.27 14.69
C ASN B 332 14.90 -15.63 15.13
N GLU B 333 14.90 -15.88 16.44
CA GLU B 333 15.53 -17.07 17.00
C GLU B 333 14.67 -18.30 16.83
N GLY B 334 13.35 -18.16 16.68
CA GLY B 334 12.48 -19.30 16.49
C GLY B 334 12.32 -19.70 15.04
N PHE B 335 12.34 -18.71 14.13
CA PHE B 335 12.36 -19.03 12.71
C PHE B 335 13.68 -19.66 12.31
N ALA B 336 14.78 -19.25 12.96
CA ALA B 336 16.08 -19.82 12.64
C ALA B 336 16.22 -21.25 13.13
N THR B 337 15.66 -21.55 14.31
CA THR B 337 15.69 -22.91 14.83
C THR B 337 14.84 -23.82 13.95
N PHE B 338 13.69 -23.34 13.50
CA PHE B 338 12.82 -24.11 12.62
C PHE B 338 13.51 -24.41 11.29
N MET B 339 14.00 -23.37 10.63
CA MET B 339 14.68 -23.55 9.34
C MET B 339 15.94 -24.41 9.47
N GLU B 340 16.50 -24.50 10.67
CA GLU B 340 17.69 -25.33 10.85
C GLU B 340 17.34 -26.82 10.80
N TYR B 341 16.27 -27.21 11.49
CA TYR B 341 15.88 -28.61 11.53
C TYR B 341 15.10 -29.00 10.27
N PHE B 342 14.42 -28.03 9.66
CA PHE B 342 13.72 -28.28 8.40
C PHE B 342 14.69 -28.61 7.29
N SER B 343 15.73 -27.78 7.13
CA SER B 343 16.78 -28.07 6.15
C SER B 343 17.42 -29.43 6.43
N LEU B 344 17.72 -29.72 7.70
CA LEU B 344 18.44 -30.94 8.02
C LEU B 344 17.59 -32.19 7.84
N GLU B 345 16.27 -32.05 7.74
CA GLU B 345 15.43 -33.21 7.44
C GLU B 345 15.23 -33.42 5.95
N LYS B 346 15.66 -32.49 5.10
CA LYS B 346 15.66 -32.70 3.66
C LYS B 346 17.04 -33.08 3.11
N ILE B 347 18.06 -32.31 3.44
CA ILE B 347 19.39 -32.46 2.83
C ILE B 347 20.41 -33.08 3.78
N PHE B 348 20.04 -33.39 5.01
CA PHE B 348 20.92 -34.12 5.93
C PHE B 348 20.10 -35.15 6.69
N LYS B 349 19.18 -35.81 5.98
CA LYS B 349 18.17 -36.68 6.59
C LYS B 349 18.78 -37.76 7.47
N GLU B 350 19.93 -38.30 7.07
CA GLU B 350 20.55 -39.43 7.74
C GLU B 350 21.20 -39.07 9.07
N LEU B 351 21.22 -37.79 9.47
CA LEU B 351 21.78 -37.41 10.76
C LEU B 351 20.76 -37.56 11.89
N SER B 352 19.50 -37.87 11.56
CA SER B 352 18.43 -38.05 12.53
C SER B 352 18.40 -36.88 13.52
N SER B 353 18.59 -35.65 12.99
CA SER B 353 18.50 -34.40 13.74
C SER B 353 17.14 -34.12 14.33
N TYR B 354 16.10 -34.85 13.93
CA TYR B 354 14.81 -34.71 14.58
C TYR B 354 14.87 -35.13 16.04
N GLU B 355 15.84 -35.98 16.40
CA GLU B 355 15.98 -36.42 17.80
C GLU B 355 16.39 -35.26 18.71
N ASP B 356 17.25 -34.38 18.22
CA ASP B 356 17.64 -33.19 18.98
C ASP B 356 16.47 -32.23 19.14
N PHE B 357 15.75 -31.96 18.05
CA PHE B 357 14.62 -31.04 18.10
C PHE B 357 13.53 -31.57 19.02
N LEU B 358 13.25 -32.88 18.96
CA LEU B 358 12.19 -33.44 19.81
C LEU B 358 12.56 -33.37 21.29
N ASP B 359 13.77 -33.80 21.65
CA ASP B 359 14.20 -33.76 23.04
C ASP B 359 14.18 -32.33 23.59
N ALA B 360 14.65 -31.37 22.79
CA ALA B 360 14.66 -29.99 23.24
C ALA B 360 13.26 -29.45 23.48
N ARG B 361 12.28 -29.95 22.74
CA ARG B 361 10.90 -29.52 22.97
C ARG B 361 10.38 -30.07 24.30
N PHE B 362 10.71 -31.32 24.63
CA PHE B 362 10.38 -31.87 25.94
C PHE B 362 10.83 -30.94 27.07
N LYS B 363 12.05 -30.42 26.96
CA LYS B 363 12.60 -29.61 28.04
C LYS B 363 12.00 -28.21 28.06
N THR B 364 11.66 -27.66 26.89
CA THR B 364 11.00 -26.36 26.86
C THR B 364 9.59 -26.44 27.43
N MET B 365 8.89 -27.55 27.22
CA MET B 365 7.53 -27.67 27.72
C MET B 365 7.51 -27.83 29.23
N LYS B 366 8.53 -28.44 29.81
CA LYS B 366 8.60 -28.54 31.26
C LYS B 366 8.75 -27.15 31.89
N LYS B 367 9.53 -26.27 31.26
CA LYS B 367 9.67 -24.91 31.75
C LYS B 367 8.45 -24.06 31.45
N ASP B 368 7.79 -24.33 30.32
CA ASP B 368 6.57 -23.61 29.98
C ASP B 368 5.41 -24.04 30.88
N SER B 369 5.58 -25.16 31.58
CA SER B 369 4.59 -25.67 32.52
C SER B 369 4.50 -24.84 33.80
N LEU B 370 5.49 -24.00 34.07
CA LEU B 370 5.61 -23.32 35.36
C LEU B 370 4.99 -21.93 35.31
N ASN B 371 4.62 -21.42 36.49
CA ASN B 371 4.12 -20.06 36.57
C ASN B 371 5.23 -19.05 36.37
N SER B 372 6.48 -19.46 36.49
CA SER B 372 7.62 -18.62 36.12
C SER B 372 7.65 -18.36 34.62
N SER B 373 6.85 -19.07 33.85
CA SER B 373 6.84 -18.89 32.41
C SER B 373 6.11 -17.59 32.07
N HIS B 374 6.28 -17.16 30.83
CA HIS B 374 5.70 -15.91 30.35
C HIS B 374 5.25 -16.12 28.91
N PRO B 375 4.40 -15.25 28.39
CA PRO B 375 4.09 -15.29 26.96
C PRO B 375 5.36 -15.22 26.13
N ILE B 376 5.35 -15.93 24.99
CA ILE B 376 6.50 -15.93 24.11
C ILE B 376 6.83 -14.52 23.64
N SER B 377 5.79 -13.71 23.38
CA SER B 377 5.91 -12.29 23.04
C SER B 377 5.44 -11.50 24.26
N SER B 378 6.38 -11.07 25.10
CA SER B 378 6.07 -10.37 26.34
C SER B 378 6.92 -9.12 26.47
N SER B 379 6.37 -8.13 27.18
CA SER B 379 6.99 -6.81 27.25
C SER B 379 8.35 -6.89 27.96
N VAL B 380 9.34 -6.21 27.37
CA VAL B 380 10.67 -6.13 27.97
C VAL B 380 11.11 -4.67 27.97
N GLN B 381 11.68 -4.24 29.08
CA GLN B 381 12.17 -2.88 29.16
C GLN B 381 13.59 -2.81 29.70
N SER B 382 13.92 -3.62 30.70
CA SER B 382 15.23 -3.58 31.32
C SER B 382 16.24 -4.39 30.50
N SER B 383 17.52 -4.11 30.74
CA SER B 383 18.57 -4.81 30.00
C SER B 383 18.62 -6.29 30.37
N GLU B 384 18.41 -6.62 31.65
CA GLU B 384 18.43 -8.02 32.05
C GLU B 384 17.25 -8.77 31.43
N GLN B 385 16.08 -8.15 31.37
CA GLN B 385 14.94 -8.77 30.72
C GLN B 385 15.22 -9.00 29.24
N ILE B 386 15.93 -8.07 28.61
CA ILE B 386 16.32 -8.26 27.21
C ILE B 386 17.29 -9.43 27.08
N GLU B 387 18.17 -9.63 28.08
CA GLU B 387 19.13 -10.72 27.98
C GLU B 387 18.51 -12.08 28.29
N GLU B 388 17.38 -12.10 29.00
CA GLU B 388 16.70 -13.33 29.38
C GLU B 388 15.74 -13.80 28.29
N MET B 389 15.58 -13.02 27.21
CA MET B 389 14.75 -13.44 26.10
C MET B 389 15.44 -14.50 25.26
N PHE B 390 16.76 -14.64 25.40
CA PHE B 390 17.50 -15.72 24.75
C PHE B 390 17.38 -16.97 25.63
N ASP B 391 16.14 -17.46 25.71
CA ASP B 391 15.76 -18.58 26.57
C ASP B 391 15.10 -19.67 25.73
N SER B 392 14.71 -20.75 26.41
CA SER B 392 14.16 -21.92 25.73
C SER B 392 12.90 -21.59 24.95
N LEU B 393 12.07 -20.68 25.47
CA LEU B 393 10.78 -20.39 24.83
C LEU B 393 10.96 -19.74 23.47
N SER B 394 11.88 -18.79 23.35
CA SER B 394 12.06 -18.08 22.08
C SER B 394 12.64 -18.97 21.00
N TYR B 395 13.27 -20.09 21.37
CA TYR B 395 13.91 -20.97 20.40
C TYR B 395 13.02 -22.16 20.04
N PHE B 396 12.56 -22.91 21.04
CA PHE B 396 11.88 -24.18 20.79
C PHE B 396 10.37 -24.14 20.98
N LYS B 397 9.82 -23.09 21.59
CA LYS B 397 8.38 -22.90 21.53
C LYS B 397 7.98 -22.08 20.32
N GLY B 398 8.84 -21.16 19.88
CA GLY B 398 8.59 -20.46 18.63
C GLY B 398 8.74 -21.37 17.43
N SER B 399 9.71 -22.30 17.48
CA SER B 399 9.88 -23.26 16.40
C SER B 399 8.81 -24.33 16.36
N SER B 400 8.06 -24.52 17.47
CA SER B 400 7.01 -25.52 17.48
C SER B 400 5.67 -24.92 17.12
N LEU B 401 5.46 -23.64 17.39
CA LEU B 401 4.33 -22.92 16.83
C LEU B 401 4.42 -22.89 15.31
N LEU B 402 5.64 -22.78 14.77
CA LEU B 402 5.81 -22.80 13.33
C LEU B 402 5.61 -24.20 12.77
N LEU B 403 6.08 -25.24 13.48
CA LEU B 403 5.86 -26.61 13.04
C LEU B 403 4.40 -27.01 13.16
N MET B 404 3.70 -26.48 14.16
CA MET B 404 2.27 -26.72 14.30
C MET B 404 1.52 -26.11 13.12
N LEU B 405 1.94 -24.93 12.67
CA LEU B 405 1.29 -24.28 11.55
C LEU B 405 1.75 -24.86 10.21
N LYS B 406 3.00 -25.34 10.12
CA LYS B 406 3.43 -26.04 8.92
C LYS B 406 2.74 -27.39 8.77
N THR B 407 2.43 -28.06 9.89
CA THR B 407 1.78 -29.36 9.77
C THR B 407 0.27 -29.22 9.63
N TYR B 408 -0.30 -28.13 10.15
CA TYR B 408 -1.72 -27.85 9.94
C TYR B 408 -1.99 -27.34 8.52
N LEU B 409 -1.23 -26.34 8.09
CA LEU B 409 -1.31 -25.88 6.72
C LEU B 409 -0.46 -26.77 5.83
N SER B 410 -0.59 -26.61 4.53
CA SER B 410 0.30 -27.36 3.65
C SER B 410 1.73 -26.84 3.81
N GLU B 411 2.70 -27.67 3.40
CA GLU B 411 4.06 -27.16 3.35
C GLU B 411 4.24 -26.21 2.17
N ASP B 412 3.24 -26.10 1.29
CA ASP B 412 3.23 -25.18 0.17
C ASP B 412 2.68 -23.81 0.56
N VAL B 413 1.73 -23.76 1.50
CA VAL B 413 1.22 -22.49 2.00
C VAL B 413 2.25 -21.84 2.91
N PHE B 414 3.02 -22.64 3.66
CA PHE B 414 4.01 -22.10 4.57
C PHE B 414 5.10 -21.33 3.84
N GLN B 415 5.65 -21.91 2.76
CA GLN B 415 6.71 -21.26 2.01
C GLN B 415 6.21 -20.01 1.31
N HIS B 416 4.93 -19.99 0.89
CA HIS B 416 4.42 -18.80 0.22
C HIS B 416 4.33 -17.64 1.19
N ALA B 417 3.90 -17.91 2.42
CA ALA B 417 3.95 -16.90 3.46
C ALA B 417 5.38 -16.56 3.84
N VAL B 418 6.29 -17.54 3.79
CA VAL B 418 7.67 -17.28 4.13
C VAL B 418 8.28 -16.28 3.16
N VAL B 419 8.15 -16.53 1.86
CA VAL B 419 8.76 -15.59 0.93
C VAL B 419 7.93 -14.33 0.82
N LEU B 420 6.60 -14.40 0.98
CA LEU B 420 5.82 -13.16 1.01
C LEU B 420 6.28 -12.32 2.18
N TYR B 421 6.47 -12.93 3.34
CA TYR B 421 6.88 -12.21 4.53
C TYR B 421 8.34 -11.78 4.41
N LEU B 422 9.16 -12.55 3.70
CA LEU B 422 10.55 -12.17 3.45
C LEU B 422 10.69 -11.15 2.33
N HIS B 423 9.74 -11.11 1.38
CA HIS B 423 9.85 -10.16 0.28
C HIS B 423 9.38 -8.79 0.73
N ASN B 424 8.20 -8.74 1.32
CA ASN B 424 7.84 -7.58 2.12
C ASN B 424 8.69 -7.61 3.37
N HIS B 425 8.68 -6.52 4.13
CA HIS B 425 9.48 -6.38 5.35
C HIS B 425 10.97 -6.57 5.10
N SER B 426 11.39 -6.60 3.83
CA SER B 426 12.80 -6.76 3.50
C SER B 426 13.55 -5.49 3.88
N TYR B 427 14.63 -5.66 4.65
CA TYR B 427 15.45 -4.56 5.14
C TYR B 427 14.67 -3.66 6.11
N ALA B 428 13.65 -4.22 6.74
CA ALA B 428 12.77 -3.49 7.65
C ALA B 428 12.54 -4.30 8.91
N SER B 429 11.87 -3.66 9.87
CA SER B 429 11.56 -4.27 11.15
C SER B 429 10.17 -4.91 11.14
N ILE B 430 9.92 -5.79 12.10
CA ILE B 430 8.73 -6.63 12.10
C ILE B 430 8.15 -6.77 13.50
N GLN B 431 6.85 -7.06 13.54
CA GLN B 431 6.12 -7.42 14.74
C GLN B 431 5.52 -8.81 14.55
N SER B 432 4.93 -9.33 15.63
CA SER B 432 4.40 -10.69 15.59
C SER B 432 3.21 -10.81 14.64
N ASP B 433 2.38 -9.77 14.56
CA ASP B 433 1.19 -9.83 13.72
C ASP B 433 1.51 -9.65 12.24
N ASP B 434 2.71 -9.16 11.91
CA ASP B 434 3.09 -9.03 10.51
C ASP B 434 3.24 -10.40 9.87
N LEU B 435 3.73 -11.38 10.63
CA LEU B 435 3.82 -12.74 10.12
C LEU B 435 2.44 -13.36 9.99
N TRP B 436 1.55 -13.08 10.95
CA TRP B 436 0.20 -13.64 10.89
C TRP B 436 -0.59 -13.01 9.75
N ASP B 437 -0.29 -11.76 9.41
CA ASP B 437 -0.94 -11.13 8.25
C ASP B 437 -0.49 -11.81 6.96
N SER B 438 0.80 -12.13 6.84
CA SER B 438 1.28 -12.80 5.64
C SER B 438 0.73 -14.20 5.50
N PHE B 439 0.36 -14.83 6.62
CA PHE B 439 -0.29 -16.13 6.55
C PHE B 439 -1.76 -15.98 6.17
N ASN B 440 -2.38 -14.86 6.54
CA ASN B 440 -3.78 -14.65 6.18
C ASN B 440 -3.94 -14.28 4.71
N GLU B 441 -2.85 -13.87 4.05
CA GLU B 441 -2.89 -13.60 2.62
C GLU B 441 -2.76 -14.87 1.78
N VAL B 442 -2.07 -15.89 2.29
CA VAL B 442 -1.86 -17.14 1.56
C VAL B 442 -3.00 -18.10 1.84
N THR B 443 -4.05 -17.60 2.48
CA THR B 443 -5.29 -18.36 2.63
C THR B 443 -6.45 -17.62 1.98
N ASN B 444 -6.22 -16.45 1.38
CA ASN B 444 -7.28 -15.57 0.90
C ASN B 444 -8.18 -15.11 2.05
N GLN B 445 -7.61 -15.07 3.26
CA GLN B 445 -8.27 -14.77 4.53
C GLN B 445 -9.34 -15.79 4.88
N THR B 446 -9.36 -16.93 4.17
CA THR B 446 -10.18 -18.10 4.43
C THR B 446 -10.20 -18.41 5.92
N LEU B 447 -9.01 -18.71 6.43
CA LEU B 447 -8.78 -18.97 7.83
C LEU B 447 -8.11 -17.74 8.43
N ASP B 448 -8.52 -17.40 9.65
CA ASP B 448 -7.97 -16.24 10.35
C ASP B 448 -6.77 -16.69 11.20
N VAL B 449 -5.63 -16.82 10.52
CA VAL B 449 -4.37 -17.20 11.18
C VAL B 449 -4.03 -16.29 12.35
N LYS B 450 -4.49 -15.03 12.32
CA LYS B 450 -4.08 -14.10 13.38
C LYS B 450 -4.82 -14.37 14.68
N ARG B 451 -6.11 -14.72 14.62
CA ARG B 451 -6.84 -15.03 15.83
C ARG B 451 -6.58 -16.46 16.29
N MET B 452 -6.13 -17.32 15.39
CA MET B 452 -5.74 -18.68 15.77
C MET B 452 -4.46 -18.71 16.59
N MET B 453 -3.54 -17.77 16.35
CA MET B 453 -2.24 -17.78 17.01
C MET B 453 -2.17 -16.76 18.13
N LYS B 454 -3.32 -16.25 18.59
CA LYS B 454 -3.31 -15.23 19.63
C LYS B 454 -3.08 -15.84 21.00
N THR B 455 -3.56 -17.07 21.23
CA THR B 455 -3.33 -17.71 22.53
C THR B 455 -1.95 -18.35 22.60
N TRP B 456 -1.40 -18.74 21.46
CA TRP B 456 -0.07 -19.35 21.44
C TRP B 456 1.03 -18.32 21.58
N THR B 457 0.72 -17.04 21.38
CA THR B 457 1.69 -15.95 21.44
C THR B 457 1.50 -15.03 22.63
N LEU B 458 0.28 -14.90 23.15
CA LEU B 458 -0.04 -13.95 24.20
C LEU B 458 -0.33 -14.60 25.55
N GLN B 459 -0.51 -15.91 25.60
CA GLN B 459 -0.68 -16.66 26.83
C GLN B 459 0.61 -17.41 27.16
N LYS B 460 0.73 -17.81 28.43
CA LYS B 460 2.01 -18.28 28.96
C LYS B 460 2.30 -19.77 28.74
N GLY B 461 1.32 -20.65 28.86
CA GLY B 461 1.56 -22.08 28.84
C GLY B 461 1.18 -22.80 27.56
N PHE B 462 0.74 -24.04 27.72
CA PHE B 462 0.27 -24.88 26.63
C PHE B 462 -0.91 -25.68 27.16
N PRO B 463 -1.74 -26.21 26.27
CA PRO B 463 -2.95 -26.92 26.71
C PRO B 463 -2.73 -28.39 27.03
N LEU B 464 -3.62 -28.91 27.87
CA LEU B 464 -3.74 -30.34 28.12
C LEU B 464 -4.96 -30.85 27.40
N VAL B 465 -4.75 -31.74 26.43
CA VAL B 465 -5.84 -32.39 25.72
C VAL B 465 -6.10 -33.72 26.42
N THR B 466 -7.23 -33.83 27.11
CA THR B 466 -7.62 -35.10 27.68
C THR B 466 -8.61 -35.80 26.76
N VAL B 467 -8.43 -37.09 26.57
CA VAL B 467 -9.08 -37.83 25.49
C VAL B 467 -9.72 -39.07 26.09
N GLN B 468 -10.97 -39.32 25.70
CA GLN B 468 -11.79 -40.37 26.26
C GLN B 468 -12.54 -41.05 25.12
N LYS B 469 -12.36 -42.36 24.96
CA LYS B 469 -13.13 -43.11 23.98
C LYS B 469 -14.44 -43.57 24.62
N LYS B 470 -15.56 -43.22 23.99
CA LYS B 470 -16.89 -43.58 24.47
C LYS B 470 -17.57 -44.32 23.31
N GLY B 471 -17.29 -45.62 23.21
CA GLY B 471 -17.88 -46.36 22.11
C GLY B 471 -17.04 -46.15 20.87
N LYS B 472 -17.64 -45.47 19.90
CA LYS B 472 -16.99 -45.13 18.63
C LYS B 472 -16.76 -43.64 18.50
N GLU B 473 -16.77 -42.92 19.62
CA GLU B 473 -16.52 -41.48 19.61
C GLU B 473 -15.44 -41.18 20.64
N LEU B 474 -14.60 -40.20 20.33
CA LEU B 474 -13.62 -39.68 21.27
C LEU B 474 -14.16 -38.37 21.83
N PHE B 475 -14.25 -38.29 23.15
CA PHE B 475 -14.55 -37.02 23.78
C PHE B 475 -13.21 -36.35 24.08
N ILE B 476 -13.07 -35.10 23.64
CA ILE B 476 -11.82 -34.38 23.78
C ILE B 476 -12.13 -33.04 24.42
N GLN B 477 -11.42 -32.73 25.51
CA GLN B 477 -11.59 -31.51 26.25
C GLN B 477 -10.23 -30.85 26.42
N GLN B 478 -10.24 -29.54 26.64
CA GLN B 478 -9.00 -28.79 26.74
C GLN B 478 -8.94 -28.02 28.04
N GLU B 479 -7.74 -27.96 28.61
CA GLU B 479 -7.49 -27.22 29.84
C GLU B 479 -6.04 -26.75 29.84
N ARG B 480 -5.76 -25.77 30.70
CA ARG B 480 -4.39 -25.33 30.91
C ARG B 480 -3.58 -26.39 31.67
N PHE B 481 -2.36 -26.63 31.20
CA PHE B 481 -1.45 -27.55 31.89
C PHE B 481 -0.71 -26.76 32.94
N PHE B 482 -1.20 -26.86 34.18
CA PHE B 482 -0.63 -26.15 35.32
C PHE B 482 -0.92 -27.02 36.52
N LEU B 483 0.05 -27.10 37.42
CA LEU B 483 -0.05 -27.92 38.61
C LEU B 483 0.05 -27.06 39.85
N ASN B 484 0.25 -27.68 41.01
CA ASN B 484 0.33 -26.93 42.26
C ASN B 484 1.72 -26.37 42.45
N MET B 485 1.77 -25.11 42.93
CA MET B 485 2.97 -24.36 43.30
C MET B 485 4.30 -24.87 42.74
N SER B 495 -7.52 -18.13 32.41
CA SER B 495 -6.94 -18.67 31.18
C SER B 495 -7.97 -18.71 30.07
N TYR B 496 -7.53 -18.44 28.85
CA TYR B 496 -8.39 -18.47 27.68
C TYR B 496 -8.18 -19.82 26.99
N LEU B 497 -8.87 -20.03 25.88
CA LEU B 497 -8.78 -21.30 25.18
C LEU B 497 -7.77 -21.21 24.05
N TRP B 498 -7.33 -22.37 23.59
CA TRP B 498 -6.38 -22.47 22.49
C TRP B 498 -7.12 -22.97 21.25
N HIS B 499 -6.66 -22.53 20.09
CA HIS B 499 -7.14 -23.05 18.81
C HIS B 499 -6.17 -24.16 18.41
N ILE B 500 -6.45 -25.36 18.88
CA ILE B 500 -5.52 -26.48 18.83
C ILE B 500 -5.76 -27.26 17.53
N PRO B 501 -4.77 -27.38 16.64
CA PRO B 501 -4.85 -28.36 15.54
C PRO B 501 -4.52 -29.73 16.08
N LEU B 502 -5.54 -30.57 16.21
CA LEU B 502 -5.36 -31.93 16.70
C LEU B 502 -5.14 -32.90 15.56
N SER B 503 -4.24 -33.85 15.80
CA SER B 503 -4.00 -34.97 14.91
C SER B 503 -4.05 -36.23 15.74
N TYR B 504 -4.48 -37.32 15.12
CA TYR B 504 -4.53 -38.59 15.83
C TYR B 504 -4.38 -39.72 14.82
N VAL B 505 -3.79 -40.82 15.28
CA VAL B 505 -3.67 -42.04 14.50
C VAL B 505 -4.43 -43.12 15.27
N THR B 506 -5.11 -43.99 14.54
CA THR B 506 -5.95 -44.98 15.16
C THR B 506 -5.85 -46.29 14.38
N GLU B 507 -5.85 -47.41 15.10
CA GLU B 507 -5.89 -48.73 14.49
C GLU B 507 -7.10 -49.48 15.02
N GLY B 508 -7.87 -50.09 14.11
CA GLY B 508 -9.01 -50.90 14.47
C GLY B 508 -8.78 -52.35 14.12
N ARG B 509 -9.87 -53.12 14.16
CA ARG B 509 -9.83 -54.43 13.51
C ARG B 509 -9.73 -54.19 12.00
N ASN B 510 -9.16 -55.15 11.28
CA ASN B 510 -8.46 -55.00 9.99
C ASN B 510 -7.05 -54.54 10.36
N TYR B 511 -6.82 -54.16 11.62
CA TYR B 511 -5.55 -53.85 12.29
C TYR B 511 -4.63 -52.88 11.54
N SER B 512 -5.14 -52.20 10.51
CA SER B 512 -4.40 -51.14 9.85
C SER B 512 -4.71 -49.81 10.51
N LYS B 513 -3.87 -48.82 10.22
CA LYS B 513 -3.88 -47.54 10.90
C LYS B 513 -4.41 -46.42 10.00
N TYR B 514 -5.33 -45.63 10.55
CA TYR B 514 -5.89 -44.46 9.87
C TYR B 514 -5.47 -43.19 10.63
N GLN B 515 -5.07 -42.17 9.88
CA GLN B 515 -4.70 -40.86 10.44
C GLN B 515 -5.73 -39.82 10.06
N SER B 516 -5.98 -38.86 10.97
CA SER B 516 -6.86 -37.75 10.66
C SER B 516 -6.45 -36.52 11.47
N VAL B 517 -7.16 -35.41 11.26
CA VAL B 517 -6.79 -34.11 11.81
C VAL B 517 -8.06 -33.32 12.15
N SER B 518 -7.94 -32.49 13.18
CA SER B 518 -9.06 -31.74 13.72
C SER B 518 -8.57 -30.38 14.18
N LEU B 519 -9.52 -29.48 14.47
CA LEU B 519 -9.21 -28.19 15.08
C LEU B 519 -10.16 -27.97 16.27
N LEU B 520 -9.62 -28.05 17.48
CA LEU B 520 -10.37 -27.72 18.69
C LEU B 520 -10.19 -26.23 19.00
N ASP B 521 -11.25 -25.47 18.80
CA ASP B 521 -11.28 -24.05 19.14
C ASP B 521 -12.25 -23.77 20.27
N LYS B 522 -12.85 -24.80 20.86
CA LYS B 522 -13.80 -24.67 21.95
C LYS B 522 -13.31 -25.55 23.10
N LYS B 523 -13.97 -25.44 24.27
CA LYS B 523 -13.47 -26.17 25.43
C LYS B 523 -13.59 -27.68 25.25
N SER B 524 -14.64 -28.14 24.58
CA SER B 524 -14.84 -29.58 24.41
C SER B 524 -15.35 -29.86 23.01
N GLY B 525 -15.14 -31.10 22.59
CA GLY B 525 -15.49 -31.53 21.25
C GLY B 525 -15.67 -33.04 21.24
N VAL B 526 -16.10 -33.54 20.08
CA VAL B 526 -16.27 -34.97 19.87
C VAL B 526 -15.75 -35.29 18.48
N ILE B 527 -14.85 -36.27 18.40
CA ILE B 527 -14.35 -36.77 17.13
C ILE B 527 -15.08 -38.08 16.88
N ASN B 528 -15.66 -38.22 15.72
CA ASN B 528 -16.30 -39.48 15.38
C ASN B 528 -15.32 -40.37 14.64
N LEU B 529 -15.34 -41.65 15.00
CA LEU B 529 -14.51 -42.68 14.41
C LEU B 529 -15.41 -43.57 13.56
N THR B 530 -14.90 -44.00 12.41
CA THR B 530 -15.75 -44.75 11.50
C THR B 530 -15.97 -46.18 11.99
N GLU B 531 -14.89 -46.87 12.34
CA GLU B 531 -14.93 -48.24 12.84
C GLU B 531 -14.56 -48.25 14.33
N GLU B 532 -14.51 -49.44 14.90
CA GLU B 532 -14.04 -49.64 16.26
C GLU B 532 -12.52 -49.75 16.27
N VAL B 533 -11.92 -49.19 17.33
CA VAL B 533 -10.49 -48.98 17.42
C VAL B 533 -9.89 -49.91 18.46
N LEU B 534 -8.63 -50.31 18.25
CA LEU B 534 -7.86 -51.02 19.26
C LEU B 534 -7.14 -50.07 20.21
N TRP B 535 -6.73 -48.91 19.72
CA TRP B 535 -6.00 -47.88 20.44
C TRP B 535 -6.01 -46.62 19.59
N VAL B 536 -5.94 -45.47 20.26
CA VAL B 536 -5.88 -44.18 19.60
C VAL B 536 -4.71 -43.39 20.19
N LYS B 537 -3.95 -42.73 19.32
CA LYS B 537 -2.81 -41.91 19.74
C LYS B 537 -2.96 -40.51 19.16
N VAL B 538 -3.06 -39.50 20.02
CA VAL B 538 -3.25 -38.11 19.63
C VAL B 538 -1.90 -37.40 19.62
N ASN B 539 -1.81 -36.34 18.81
CA ASN B 539 -0.59 -35.55 18.58
C ASN B 539 0.52 -36.40 17.95
N ILE B 540 0.29 -36.73 16.68
CA ILE B 540 1.19 -37.58 15.91
C ILE B 540 2.58 -36.94 15.87
N ASN B 541 3.57 -37.67 16.38
CA ASN B 541 4.97 -37.25 16.39
C ASN B 541 5.18 -35.95 17.17
N MET B 542 4.23 -35.63 18.06
CA MET B 542 4.21 -34.38 18.81
C MET B 542 4.47 -33.18 17.90
N ASN B 543 3.85 -33.19 16.71
CA ASN B 543 3.85 -31.98 15.89
C ASN B 543 3.06 -30.85 16.54
N GLY B 544 2.35 -31.13 17.63
CA GLY B 544 1.57 -30.13 18.33
C GLY B 544 2.16 -29.82 19.69
N TYR B 545 1.95 -28.59 20.14
CA TYR B 545 2.51 -28.11 21.41
C TYR B 545 1.50 -28.30 22.53
N TYR B 546 1.24 -29.56 22.85
CA TYR B 546 0.32 -29.86 23.94
C TYR B 546 0.62 -31.24 24.49
N ILE B 547 0.15 -31.49 25.70
CA ILE B 547 0.26 -32.79 26.36
C ILE B 547 -1.12 -33.42 26.35
N VAL B 548 -1.16 -34.72 26.09
CA VAL B 548 -2.40 -35.48 25.98
C VAL B 548 -2.51 -36.40 27.18
N HIS B 549 -3.63 -36.31 27.88
CA HIS B 549 -3.97 -37.28 28.91
C HIS B 549 -5.11 -38.15 28.39
N TYR B 550 -4.97 -39.45 28.53
CA TYR B 550 -6.01 -40.38 28.11
C TYR B 550 -6.66 -40.98 29.35
N ALA B 551 -7.84 -41.56 29.15
CA ALA B 551 -8.42 -42.38 30.19
C ALA B 551 -7.57 -43.63 30.39
N ASP B 552 -7.75 -44.30 31.53
CA ASP B 552 -6.83 -45.36 31.90
C ASP B 552 -6.99 -46.58 30.99
N ASP B 553 -8.23 -46.88 30.58
CA ASP B 553 -8.42 -47.94 29.59
C ASP B 553 -7.93 -47.51 28.21
N ASP B 554 -7.95 -46.21 27.93
CA ASP B 554 -7.35 -45.71 26.70
C ASP B 554 -5.84 -45.62 26.83
N TRP B 555 -5.36 -45.42 28.08
CA TRP B 555 -3.93 -45.52 28.35
C TRP B 555 -3.51 -46.98 28.34
N GLU B 556 -4.32 -47.86 28.92
CA GLU B 556 -3.97 -49.28 28.96
C GLU B 556 -3.97 -49.88 27.56
N ALA B 557 -4.86 -49.40 26.68
CA ALA B 557 -4.86 -49.86 25.30
C ALA B 557 -3.54 -49.53 24.62
N LEU B 558 -3.00 -48.33 24.87
CA LEU B 558 -1.73 -47.92 24.32
C LEU B 558 -0.54 -48.58 25.03
N ILE B 559 -0.74 -49.04 26.27
CA ILE B 559 0.34 -49.68 27.02
C ILE B 559 0.35 -51.17 26.71
N HIS B 560 -0.81 -51.75 26.40
CA HIS B 560 -0.85 -53.13 25.92
C HIS B 560 -0.12 -53.26 24.59
N GLN B 561 -0.29 -52.28 23.71
CA GLN B 561 0.35 -52.30 22.39
C GLN B 561 1.87 -52.28 22.49
N LEU B 562 2.42 -51.44 23.37
CA LEU B 562 3.88 -51.36 23.49
C LEU B 562 4.46 -52.70 23.92
N LYS B 563 3.81 -53.39 24.86
CA LYS B 563 4.33 -54.67 25.36
C LYS B 563 4.13 -55.82 24.37
N ILE B 564 3.39 -55.64 23.29
CA ILE B 564 3.25 -56.66 22.26
C ILE B 564 4.13 -56.32 21.05
N ASN B 565 3.90 -55.15 20.44
CA ASN B 565 4.74 -54.67 19.35
C ASN B 565 4.70 -53.16 19.37
N PRO B 566 5.72 -52.50 19.94
CA PRO B 566 5.66 -51.04 20.04
C PRO B 566 5.89 -50.36 18.71
N TYR B 567 6.49 -51.05 17.76
CA TYR B 567 6.86 -50.52 16.45
C TYR B 567 5.67 -50.29 15.54
N VAL B 568 4.41 -50.44 15.96
CA VAL B 568 3.32 -49.93 15.11
C VAL B 568 3.14 -48.44 15.33
N LEU B 569 3.85 -47.86 16.30
CA LEU B 569 3.94 -46.42 16.50
C LEU B 569 5.33 -45.95 16.08
N SER B 570 5.45 -44.67 15.77
CA SER B 570 6.77 -44.16 15.42
C SER B 570 7.63 -44.00 16.67
N ASP B 571 8.93 -43.85 16.47
CA ASP B 571 9.81 -43.57 17.59
C ASP B 571 9.49 -42.22 18.22
N LYS B 572 9.09 -41.23 17.40
CA LYS B 572 8.71 -39.94 17.95
C LYS B 572 7.47 -40.07 18.83
N ASP B 573 6.50 -40.88 18.41
CA ASP B 573 5.28 -41.05 19.18
C ASP B 573 5.47 -41.91 20.41
N ARG B 574 6.48 -42.78 20.43
CA ARG B 574 6.75 -43.58 21.61
C ARG B 574 7.52 -42.77 22.65
N ALA B 575 8.32 -41.80 22.21
CA ALA B 575 8.98 -40.89 23.15
C ALA B 575 8.03 -39.82 23.68
N ASN B 576 7.01 -39.44 22.90
CA ASN B 576 6.02 -38.50 23.39
C ASN B 576 5.21 -39.11 24.53
N LEU B 577 4.91 -40.41 24.44
CA LEU B 577 4.12 -41.06 25.47
C LEU B 577 4.92 -41.21 26.76
N ILE B 578 6.21 -41.56 26.65
CA ILE B 578 7.06 -41.64 27.83
C ILE B 578 7.15 -40.28 28.51
N ASN B 579 7.34 -39.22 27.72
CA ASN B 579 7.47 -37.89 28.30
C ASN B 579 6.18 -37.44 28.98
N ASN B 580 5.05 -37.59 28.28
CA ASN B 580 3.80 -37.06 28.78
C ASN B 580 3.30 -37.83 30.00
N ILE B 581 3.62 -39.12 30.11
CA ILE B 581 3.17 -39.89 31.26
C ILE B 581 3.98 -39.53 32.51
N PHE B 582 5.29 -39.31 32.35
CA PHE B 582 6.10 -38.87 33.49
C PHE B 582 5.79 -37.43 33.84
N GLU B 583 5.44 -36.61 32.85
CA GLU B 583 5.01 -35.25 33.13
C GLU B 583 3.66 -35.24 33.82
N LEU B 584 2.72 -36.05 33.32
CA LEU B 584 1.43 -36.18 33.99
C LEU B 584 1.55 -36.87 35.34
N ALA B 585 2.68 -37.51 35.63
CA ALA B 585 2.92 -38.13 36.92
C ALA B 585 3.39 -37.12 37.97
N GLY B 586 3.76 -35.92 37.56
CA GLY B 586 4.14 -34.88 38.50
C GLY B 586 2.92 -34.05 38.82
N LEU B 587 2.20 -33.66 37.76
CA LEU B 587 0.92 -32.99 37.94
C LEU B 587 -0.04 -33.78 38.83
N GLY B 588 0.12 -35.09 38.91
CA GLY B 588 -0.74 -35.92 39.72
C GLY B 588 -1.94 -36.51 39.01
N LYS B 589 -2.07 -36.27 37.70
CA LYS B 589 -3.19 -36.86 36.97
C LYS B 589 -3.04 -38.36 36.84
N VAL B 590 -1.82 -38.86 36.96
CA VAL B 590 -1.55 -40.29 36.88
C VAL B 590 -0.63 -40.62 38.05
N PRO B 591 -0.65 -41.85 38.54
CA PRO B 591 0.31 -42.26 39.56
C PRO B 591 1.63 -42.67 38.93
N LEU B 592 2.72 -42.37 39.63
CA LEU B 592 4.05 -42.73 39.15
C LEU B 592 4.14 -44.20 38.78
N LYS B 593 3.32 -45.04 39.42
CA LYS B 593 3.23 -46.44 39.03
C LYS B 593 2.90 -46.60 37.56
N ARG B 594 2.13 -45.66 36.99
CA ARG B 594 1.72 -45.77 35.59
C ARG B 594 2.87 -45.59 34.62
N ALA B 595 3.77 -44.65 34.89
CA ALA B 595 4.87 -44.39 33.96
C ALA B 595 5.92 -45.48 34.01
N PHE B 596 6.05 -46.19 35.12
CA PHE B 596 6.90 -47.38 35.16
C PHE B 596 6.22 -48.58 34.55
N ASP B 597 4.89 -48.64 34.61
CA ASP B 597 4.16 -49.65 33.85
C ASP B 597 4.42 -49.49 32.36
N LEU B 598 4.32 -48.25 31.88
CA LEU B 598 4.53 -47.98 30.44
C LEU B 598 5.92 -48.42 30.00
N ILE B 599 6.97 -47.97 30.69
CA ILE B 599 8.34 -48.18 30.23
C ILE B 599 8.80 -49.60 30.54
N ASN B 600 7.89 -50.43 31.06
CA ASN B 600 8.20 -51.86 31.15
C ASN B 600 8.13 -52.53 29.79
N TYR B 601 7.89 -51.74 28.73
CA TYR B 601 7.86 -52.21 27.35
C TYR B 601 9.23 -52.15 26.69
N LEU B 602 10.23 -51.56 27.35
CA LEU B 602 11.49 -51.24 26.72
C LEU B 602 12.36 -52.47 26.43
N GLY B 603 11.90 -53.68 26.73
CA GLY B 603 12.64 -54.87 26.36
C GLY B 603 12.61 -55.18 24.88
N ASN B 604 11.64 -54.62 24.16
CA ASN B 604 11.57 -54.73 22.71
C ASN B 604 11.93 -53.41 22.02
N GLU B 605 12.39 -52.42 22.77
CA GLU B 605 12.74 -51.13 22.20
C GLU B 605 14.16 -51.17 21.65
N ASN B 606 14.36 -50.60 20.47
CA ASN B 606 15.66 -50.61 19.82
C ASN B 606 16.09 -49.27 19.24
N HIS B 607 15.30 -48.22 19.40
CA HIS B 607 15.63 -46.92 18.83
C HIS B 607 15.99 -45.90 19.90
N THR B 608 16.82 -44.94 19.48
CA THR B 608 17.45 -44.01 20.44
C THR B 608 16.41 -43.13 21.12
N ALA B 609 15.66 -42.34 20.34
CA ALA B 609 14.74 -41.34 20.88
C ALA B 609 13.92 -41.82 22.07
N PRO B 610 13.19 -42.95 22.01
CA PRO B 610 12.49 -43.40 23.22
C PRO B 610 13.44 -43.74 24.35
N ILE B 611 14.58 -44.37 24.06
CA ILE B 611 15.56 -44.68 25.08
C ILE B 611 16.11 -43.39 25.68
N THR B 612 16.48 -42.44 24.80
CA THR B 612 16.94 -41.13 25.24
C THR B 612 16.02 -40.48 26.26
N GLU B 613 14.70 -40.66 26.10
CA GLU B 613 13.76 -40.01 26.99
C GLU B 613 13.55 -40.80 28.28
N ALA B 614 13.47 -42.13 28.16
CA ALA B 614 13.36 -42.96 29.35
C ALA B 614 14.61 -42.86 30.22
N LEU B 615 15.78 -42.73 29.58
CA LEU B 615 17.02 -42.57 30.34
C LEU B 615 17.06 -41.22 31.05
N PHE B 616 16.47 -40.18 30.47
CA PHE B 616 16.44 -38.88 31.14
C PHE B 616 15.58 -38.94 32.40
N GLN B 617 14.34 -39.44 32.26
CA GLN B 617 13.47 -39.54 33.43
C GLN B 617 14.08 -40.42 34.51
N THR B 618 14.67 -41.55 34.10
CA THR B 618 15.36 -42.41 35.05
C THR B 618 16.47 -41.67 35.77
N ASP B 619 17.33 -40.98 35.01
CA ASP B 619 18.48 -40.29 35.59
C ASP B 619 18.06 -39.09 36.43
N LEU B 620 16.93 -38.45 36.11
CA LEU B 620 16.46 -37.34 36.92
C LEU B 620 16.06 -37.81 38.31
N ILE B 621 15.26 -38.87 38.38
CA ILE B 621 14.84 -39.43 39.67
C ILE B 621 16.04 -39.99 40.44
N TYR B 622 17.04 -40.52 39.73
CA TYR B 622 18.23 -41.03 40.41
C TYR B 622 19.09 -39.90 40.97
N ASN B 623 19.20 -38.80 40.24
CA ASN B 623 20.06 -37.71 40.67
C ASN B 623 19.42 -36.89 41.79
N LEU B 624 18.09 -36.89 41.87
CA LEU B 624 17.42 -36.25 42.99
C LEU B 624 17.57 -37.07 44.27
N LEU B 625 17.36 -38.39 44.17
CA LEU B 625 17.42 -39.26 45.35
C LEU B 625 18.83 -39.31 45.92
N GLU B 626 19.83 -39.44 45.06
CA GLU B 626 21.22 -39.49 45.49
C GLU B 626 21.55 -38.33 46.43
N LYS B 627 21.08 -37.12 46.09
CA LYS B 627 21.40 -35.94 46.89
C LYS B 627 20.70 -35.99 48.25
N LEU B 628 19.50 -36.55 48.30
CA LEU B 628 18.77 -36.67 49.57
C LEU B 628 19.20 -37.91 50.35
N GLY B 629 20.14 -38.69 49.83
CA GLY B 629 20.67 -39.83 50.53
C GLY B 629 19.99 -41.16 50.25
N TYR B 630 18.93 -41.19 49.46
CA TYR B 630 18.26 -42.45 49.13
C TYR B 630 19.02 -43.15 48.01
N MET B 631 20.18 -43.70 48.37
CA MET B 631 21.07 -44.36 47.43
C MET B 631 20.71 -45.82 47.21
N ASP B 632 20.03 -46.44 48.19
CA ASP B 632 19.55 -47.80 48.07
C ASP B 632 18.27 -47.85 47.25
N LEU B 633 17.57 -46.73 47.13
CA LEU B 633 16.46 -46.58 46.20
C LEU B 633 16.93 -46.21 44.80
N ALA B 634 17.94 -45.34 44.72
CA ALA B 634 18.46 -44.88 43.44
C ALA B 634 19.16 -46.01 42.69
N SER B 635 19.89 -46.87 43.41
CA SER B 635 20.54 -47.99 42.74
C SER B 635 19.57 -49.10 42.43
N ARG B 636 18.39 -49.11 43.07
CA ARG B 636 17.33 -50.02 42.69
C ARG B 636 16.56 -49.53 41.47
N LEU B 637 16.63 -48.22 41.17
CA LEU B 637 16.01 -47.70 39.96
C LEU B 637 16.89 -47.95 38.74
N VAL B 638 18.21 -47.80 38.88
CA VAL B 638 19.09 -48.00 37.73
C VAL B 638 19.22 -49.47 37.38
N THR B 639 19.04 -50.35 38.36
CA THR B 639 19.15 -51.78 38.08
C THR B 639 17.91 -52.32 37.42
N ARG B 640 16.74 -51.74 37.72
CA ARG B 640 15.50 -52.17 37.07
CA ARG B 640 15.51 -52.17 37.06
C ARG B 640 15.38 -51.61 35.65
N VAL B 641 16.13 -50.57 35.32
CA VAL B 641 16.18 -50.09 33.94
C VAL B 641 17.28 -50.80 33.17
N PHE B 642 18.38 -51.15 33.85
CA PHE B 642 19.42 -51.95 33.23
C PHE B 642 18.91 -53.32 32.82
N LYS B 643 17.99 -53.89 33.60
CA LYS B 643 17.43 -55.20 33.26
C LYS B 643 16.42 -55.09 32.13
N LEU B 644 15.70 -53.96 32.04
CA LEU B 644 14.87 -53.69 30.87
C LEU B 644 15.72 -53.59 29.61
N LEU B 645 16.81 -52.84 29.70
CA LEU B 645 17.66 -52.50 28.57
C LEU B 645 18.84 -53.45 28.42
N GLN B 646 18.79 -54.62 29.07
CA GLN B 646 20.01 -55.40 29.25
C GLN B 646 20.49 -56.04 27.95
N ASN B 647 19.57 -56.61 27.19
CA ASN B 647 19.98 -57.22 25.93
C ASN B 647 20.55 -56.18 24.97
N GLN B 648 19.98 -54.97 24.97
CA GLN B 648 20.42 -53.95 24.03
C GLN B 648 21.76 -53.36 24.43
N ILE B 649 22.10 -53.37 25.72
CA ILE B 649 23.37 -52.81 26.17
C ILE B 649 24.51 -53.80 25.91
N GLN B 650 24.26 -55.08 26.14
CA GLN B 650 25.30 -56.09 25.97
C GLN B 650 25.59 -56.38 24.51
N GLN B 651 24.64 -56.10 23.61
CA GLN B 651 24.88 -56.25 22.19
C GLN B 651 25.63 -55.05 21.61
N GLN B 652 26.02 -54.08 22.44
CA GLN B 652 26.66 -52.88 21.94
C GLN B 652 28.16 -53.12 21.76
N THR B 653 28.69 -52.63 20.65
CA THR B 653 30.08 -52.81 20.28
C THR B 653 30.86 -51.56 20.63
N TRP B 654 32.09 -51.72 21.08
CA TRP B 654 32.96 -50.59 21.40
C TRP B 654 33.67 -50.07 20.15
N THR B 655 32.85 -49.65 19.19
CA THR B 655 33.29 -49.18 17.89
C THR B 655 32.54 -47.90 17.53
N ASP B 656 32.77 -47.42 16.31
CA ASP B 656 32.07 -46.27 15.74
C ASP B 656 31.15 -46.70 14.61
N GLU B 657 30.59 -47.91 14.70
CA GLU B 657 29.82 -48.50 13.62
C GLU B 657 28.35 -48.09 13.65
N GLY B 658 27.73 -48.12 12.48
CA GLY B 658 26.29 -48.01 12.36
C GLY B 658 25.87 -46.67 11.79
N THR B 659 24.55 -46.49 11.75
CA THR B 659 23.99 -45.21 11.37
C THR B 659 24.30 -44.20 12.46
N PRO B 660 24.26 -42.91 12.13
CA PRO B 660 24.44 -41.88 13.17
C PRO B 660 23.53 -42.07 14.37
N SER B 661 22.28 -42.49 14.17
CA SER B 661 21.38 -42.68 15.30
C SER B 661 21.74 -43.93 16.11
N MET B 662 22.42 -44.88 15.49
CA MET B 662 22.91 -46.05 16.22
C MET B 662 24.21 -45.79 16.94
N ARG B 663 25.00 -44.81 16.48
CA ARG B 663 26.20 -44.43 17.23
C ARG B 663 25.82 -43.69 18.51
N GLU B 664 24.71 -42.93 18.46
CA GLU B 664 24.25 -42.21 19.64
C GLU B 664 23.60 -43.14 20.67
N LEU B 665 22.96 -44.22 20.24
CA LEU B 665 22.43 -45.16 21.22
C LEU B 665 23.57 -45.91 21.90
N ARG B 666 24.69 -46.09 21.21
CA ARG B 666 25.83 -46.76 21.81
C ARG B 666 26.40 -45.93 22.95
N SER B 667 26.54 -44.62 22.75
CA SER B 667 27.10 -43.82 23.82
C SER B 667 26.08 -43.59 24.94
N ALA B 668 24.79 -43.56 24.61
CA ALA B 668 23.78 -43.47 25.65
C ALA B 668 23.81 -44.70 26.55
N LEU B 669 23.88 -45.89 25.96
CA LEU B 669 23.81 -47.12 26.73
C LEU B 669 25.08 -47.42 27.50
N LEU B 670 26.25 -47.10 26.93
CA LEU B 670 27.49 -47.35 27.63
C LEU B 670 27.80 -46.26 28.65
N GLU B 671 27.23 -45.07 28.50
CA GLU B 671 27.38 -44.04 29.52
C GLU B 671 26.51 -44.34 30.73
N PHE B 672 25.28 -44.78 30.47
CA PHE B 672 24.38 -45.17 31.55
C PHE B 672 24.91 -46.39 32.30
N ALA B 673 25.52 -47.33 31.58
CA ALA B 673 26.03 -48.55 32.21
C ALA B 673 27.20 -48.25 33.15
N CYS B 674 28.19 -47.49 32.68
CA CYS B 674 29.40 -47.26 33.48
C CYS B 674 29.21 -46.19 34.52
N THR B 675 28.35 -45.20 34.28
CA THR B 675 28.16 -44.14 35.24
C THR B 675 27.55 -44.67 36.54
N HIS B 676 26.71 -45.70 36.45
CA HIS B 676 26.13 -46.34 37.63
C HIS B 676 26.72 -47.71 37.91
N ASN B 677 27.94 -47.97 37.43
CA ASN B 677 28.68 -49.21 37.69
C ASN B 677 27.79 -50.43 37.55
N LEU B 678 27.20 -50.56 36.36
CA LEU B 678 26.32 -51.68 36.05
C LEU B 678 27.01 -52.52 34.98
N GLY B 679 27.32 -53.76 35.33
CA GLY B 679 27.94 -54.67 34.39
C GLY B 679 29.45 -54.60 34.28
N ASN B 680 29.98 -55.27 33.25
CA ASN B 680 31.42 -55.34 32.99
C ASN B 680 31.93 -54.16 32.17
N CYS B 681 31.11 -53.14 31.94
CA CYS B 681 31.48 -52.12 30.97
C CYS B 681 32.68 -51.29 31.44
N SER B 682 32.70 -50.90 32.73
CA SER B 682 33.81 -50.13 33.24
C SER B 682 35.12 -50.91 33.16
N THR B 683 35.06 -52.23 33.35
CA THR B 683 36.23 -53.07 33.11
C THR B 683 36.66 -53.00 31.66
N THR B 684 35.69 -52.91 30.74
CA THR B 684 36.01 -52.84 29.33
C THR B 684 36.60 -51.48 28.98
N ALA B 685 36.05 -50.41 29.58
CA ALA B 685 36.57 -49.08 29.32
C ALA B 685 37.91 -48.84 30.00
N MET B 686 38.12 -49.42 31.19
CA MET B 686 39.38 -49.22 31.89
C MET B 686 40.54 -49.89 31.16
N LYS B 687 40.29 -51.04 30.52
CA LYS B 687 41.34 -51.66 29.72
C LYS B 687 41.61 -50.85 28.45
N LEU B 688 40.56 -50.27 27.85
CA LEU B 688 40.76 -49.42 26.68
C LEU B 688 41.48 -48.13 27.06
N PHE B 689 41.22 -47.60 28.26
CA PHE B 689 41.93 -46.41 28.72
C PHE B 689 43.35 -46.75 29.13
N ASP B 690 43.54 -47.88 29.82
CA ASP B 690 44.86 -48.26 30.29
C ASP B 690 45.79 -48.63 29.14
N ASP B 691 45.29 -48.66 27.91
CA ASP B 691 46.09 -48.80 26.70
C ASP B 691 46.34 -47.47 26.00
N TRP B 692 45.34 -46.58 25.99
CA TRP B 692 45.52 -45.26 25.39
C TRP B 692 46.48 -44.40 26.20
N MET B 693 46.64 -44.70 27.48
CA MET B 693 47.63 -43.99 28.28
C MET B 693 49.04 -44.52 28.04
N ALA B 694 49.18 -45.84 27.91
CA ALA B 694 50.46 -46.39 27.51
C ALA B 694 50.80 -45.98 26.09
N SER B 695 49.79 -45.80 25.25
CA SER B 695 50.01 -45.19 23.97
C SER B 695 50.74 -43.86 24.07
N ASN B 696 50.49 -43.13 25.18
CA ASN B 696 50.84 -41.72 25.28
C ASN B 696 49.96 -40.90 24.33
N GLY B 697 48.70 -41.31 24.21
CA GLY B 697 47.72 -40.65 23.37
C GLY B 697 47.74 -41.00 21.90
N THR B 698 48.34 -42.12 21.50
CA THR B 698 48.41 -42.49 20.09
C THR B 698 47.42 -43.58 19.72
N GLN B 699 47.27 -44.61 20.55
CA GLN B 699 46.34 -45.69 20.28
C GLN B 699 44.95 -45.14 19.97
N SER B 700 44.41 -45.55 18.83
CA SER B 700 43.11 -45.05 18.38
C SER B 700 41.97 -45.53 19.28
N LEU B 701 41.08 -44.59 19.63
CA LEU B 701 39.86 -44.83 20.38
C LEU B 701 38.65 -44.57 19.49
N PRO B 702 37.65 -45.45 19.52
CA PRO B 702 36.38 -45.11 18.86
C PRO B 702 35.79 -43.87 19.50
N THR B 703 35.42 -42.89 18.67
CA THR B 703 34.90 -41.64 19.18
C THR B 703 33.55 -41.82 19.88
N ASP B 704 32.92 -42.99 19.76
CA ASP B 704 31.64 -43.26 20.39
C ASP B 704 31.79 -43.70 21.84
N VAL B 705 33.01 -44.04 22.25
CA VAL B 705 33.32 -44.54 23.59
C VAL B 705 34.34 -43.67 24.30
N MET B 706 34.68 -42.52 23.70
CA MET B 706 35.76 -41.68 24.22
C MET B 706 35.37 -41.03 25.55
N THR B 707 34.20 -40.40 25.61
CA THR B 707 33.79 -39.75 26.84
C THR B 707 33.61 -40.77 27.96
N THR B 708 33.04 -41.92 27.64
CA THR B 708 32.89 -43.01 28.60
C THR B 708 34.25 -43.55 29.06
N VAL B 709 35.19 -43.75 28.12
CA VAL B 709 36.49 -44.32 28.47
C VAL B 709 37.29 -43.32 29.29
N PHE B 710 37.32 -42.05 28.87
CA PHE B 710 38.05 -41.03 29.62
C PHE B 710 37.51 -40.89 31.04
N LYS B 711 36.21 -41.11 31.23
CA LYS B 711 35.59 -40.87 32.52
C LYS B 711 35.97 -41.92 33.56
N VAL B 712 36.10 -43.18 33.17
CA VAL B 712 36.48 -44.16 34.18
C VAL B 712 37.97 -44.07 34.47
N GLY B 713 38.79 -43.71 33.47
CA GLY B 713 40.21 -43.55 33.72
C GLY B 713 40.50 -42.35 34.60
N ALA B 714 39.68 -41.31 34.50
CA ALA B 714 39.85 -40.12 35.32
C ALA B 714 39.50 -40.37 36.78
N LYS B 715 38.96 -41.55 37.10
CA LYS B 715 38.63 -41.91 38.47
C LYS B 715 39.84 -42.39 39.24
N THR B 716 41.03 -42.27 38.66
CA THR B 716 42.29 -42.51 39.35
C THR B 716 43.13 -41.26 39.19
N ASP B 717 43.96 -40.99 40.20
CA ASP B 717 44.80 -39.79 40.15
C ASP B 717 45.81 -39.86 39.02
N LYS B 718 46.23 -41.07 38.67
CA LYS B 718 47.15 -41.23 37.54
C LYS B 718 46.44 -40.89 36.22
N GLY B 719 45.21 -41.39 36.05
CA GLY B 719 44.49 -41.10 34.82
C GLY B 719 43.95 -39.68 34.78
N TRP B 720 43.57 -39.12 35.93
CA TRP B 720 43.10 -37.74 35.96
C TRP B 720 44.20 -36.76 35.60
N SER B 721 45.42 -36.98 36.08
CA SER B 721 46.50 -36.04 35.80
C SER B 721 47.08 -36.25 34.41
N PHE B 722 47.10 -37.50 33.93
CA PHE B 722 47.49 -37.75 32.54
C PHE B 722 46.52 -37.07 31.59
N LEU B 723 45.21 -37.20 31.85
CA LEU B 723 44.21 -36.58 30.99
C LEU B 723 44.36 -35.07 31.00
N LEU B 724 44.87 -34.49 32.09
CA LEU B 724 45.11 -33.05 32.13
C LEU B 724 46.31 -32.65 31.29
N GLY B 725 47.27 -33.55 31.08
CA GLY B 725 48.39 -33.23 30.23
C GLY B 725 48.04 -33.22 28.75
N LYS B 726 47.05 -34.03 28.37
CA LYS B 726 46.59 -33.97 26.99
C LYS B 726 45.70 -32.76 26.76
N TYR B 727 44.92 -32.36 27.77
CA TYR B 727 44.05 -31.20 27.61
C TYR B 727 44.84 -29.94 27.32
N ILE B 728 45.97 -29.76 28.00
CA ILE B 728 46.74 -28.53 27.89
C ILE B 728 47.72 -28.63 26.73
N SER B 729 47.62 -29.72 25.95
CA SER B 729 48.57 -29.96 24.87
C SER B 729 47.96 -30.43 23.55
N ILE B 730 46.76 -31.01 23.54
CA ILE B 730 46.20 -31.49 22.28
C ILE B 730 45.50 -30.35 21.54
N GLY B 731 45.36 -30.51 20.23
CA GLY B 731 44.80 -29.50 19.35
C GLY B 731 43.37 -29.70 18.92
N SER B 732 42.71 -30.79 19.33
CA SER B 732 41.28 -30.93 19.12
C SER B 732 40.53 -30.18 20.22
N GLU B 733 39.65 -29.24 19.83
CA GLU B 733 38.81 -28.58 20.80
C GLU B 733 37.51 -29.32 21.05
N ALA B 734 37.36 -30.52 20.46
CA ALA B 734 36.20 -31.38 20.72
C ALA B 734 36.56 -32.61 21.53
N GLU B 735 37.78 -33.14 21.36
CA GLU B 735 38.28 -34.15 22.28
C GLU B 735 38.72 -33.51 23.59
N LYS B 736 39.08 -32.23 23.56
CA LYS B 736 39.38 -31.52 24.81
C LYS B 736 38.14 -31.36 25.67
N ASN B 737 36.99 -31.13 25.05
CA ASN B 737 35.76 -31.01 25.81
C ASN B 737 35.28 -32.35 26.35
N LYS B 738 35.81 -33.45 25.81
CA LYS B 738 35.49 -34.78 26.32
C LYS B 738 36.36 -35.15 27.51
N ILE B 739 37.57 -34.61 27.58
CA ILE B 739 38.42 -34.81 28.73
C ILE B 739 37.95 -33.97 29.89
N LEU B 740 37.45 -32.76 29.60
CA LEU B 740 36.96 -31.88 30.66
C LEU B 740 35.73 -32.46 31.36
N GLU B 741 34.82 -33.09 30.61
CA GLU B 741 33.69 -33.73 31.27
C GLU B 741 34.15 -34.88 32.15
N ALA B 742 35.14 -35.65 31.67
CA ALA B 742 35.72 -36.71 32.49
C ALA B 742 36.41 -36.14 33.73
N LEU B 743 37.26 -35.11 33.53
CA LEU B 743 37.92 -34.46 34.65
C LEU B 743 36.89 -33.89 35.62
N ALA B 744 35.87 -33.20 35.11
CA ALA B 744 34.88 -32.58 35.98
C ALA B 744 33.89 -33.59 36.56
N SER B 745 34.01 -34.86 36.19
CA SER B 745 33.22 -35.93 36.78
C SER B 745 34.02 -36.69 37.81
N SER B 746 35.19 -36.16 38.18
CA SER B 746 35.96 -36.70 39.28
C SER B 746 35.17 -36.62 40.58
N GLU B 747 35.49 -37.53 41.49
CA GLU B 747 34.88 -37.56 42.80
C GLU B 747 35.72 -36.87 43.86
N ASP B 748 36.85 -36.27 43.47
CA ASP B 748 37.74 -35.53 44.36
C ASP B 748 37.40 -34.04 44.28
N VAL B 749 36.79 -33.52 45.35
CA VAL B 749 36.27 -32.15 45.33
C VAL B 749 37.39 -31.11 45.32
N ARG B 750 38.62 -31.50 45.68
CA ARG B 750 39.74 -30.58 45.57
C ARG B 750 40.14 -30.36 44.11
N LYS B 751 40.05 -31.42 43.29
CA LYS B 751 40.28 -31.25 41.86
C LYS B 751 39.11 -30.51 41.22
N LEU B 752 37.89 -30.85 41.60
CA LEU B 752 36.72 -30.16 41.08
C LEU B 752 36.79 -28.67 41.38
N TYR B 753 37.20 -28.31 42.60
CA TYR B 753 37.29 -26.90 42.96
C TYR B 753 38.35 -26.19 42.14
N TRP B 754 39.49 -26.85 41.92
CA TRP B 754 40.54 -26.20 41.13
C TRP B 754 40.16 -26.09 39.65
N LEU B 755 39.26 -26.95 39.17
CA LEU B 755 38.81 -26.82 37.79
C LEU B 755 37.97 -25.56 37.61
N MET B 756 37.07 -25.27 38.56
CA MET B 756 36.22 -24.10 38.42
C MET B 756 36.98 -22.81 38.67
N LYS B 757 37.82 -22.78 39.72
CA LYS B 757 38.58 -21.58 40.02
C LYS B 757 39.52 -21.20 38.88
N SER B 758 39.98 -22.18 38.12
CA SER B 758 40.89 -21.90 37.01
C SER B 758 40.12 -21.42 35.78
N SER B 759 39.01 -22.07 35.44
CA SER B 759 38.18 -21.61 34.33
C SER B 759 37.64 -20.20 34.59
N LEU B 760 37.18 -19.95 35.82
CA LEU B 760 36.69 -18.63 36.19
C LEU B 760 37.75 -17.55 36.00
N ASN B 761 39.01 -17.87 36.32
CA ASN B 761 40.11 -16.91 36.19
C ASN B 761 40.87 -17.04 34.87
N GLY B 762 40.54 -18.05 34.06
CA GLY B 762 41.14 -18.23 32.76
C GLY B 762 42.45 -19.00 32.74
N ASP B 763 42.76 -19.72 33.81
CA ASP B 763 44.03 -20.44 33.92
C ASP B 763 43.82 -21.89 33.46
N ASN B 764 44.45 -22.24 32.35
CA ASN B 764 44.48 -23.59 31.78
C ASN B 764 43.12 -24.02 31.25
N PHE B 765 42.07 -23.34 31.71
CA PHE B 765 40.73 -23.54 31.20
C PHE B 765 40.18 -22.16 30.89
N ARG B 766 39.68 -21.97 29.67
CA ARG B 766 39.13 -20.67 29.33
C ARG B 766 37.76 -20.50 29.96
N THR B 767 37.41 -19.25 30.26
CA THR B 767 36.18 -18.97 30.98
C THR B 767 34.93 -19.35 30.20
N GLN B 768 35.05 -19.80 28.94
CA GLN B 768 33.89 -20.21 28.19
C GLN B 768 33.44 -21.63 28.56
N LYS B 769 34.25 -22.37 29.30
CA LYS B 769 33.91 -23.70 29.77
C LYS B 769 33.39 -23.71 31.22
N LEU B 770 33.34 -22.55 31.87
CA LEU B 770 32.97 -22.52 33.29
C LEU B 770 31.57 -23.07 33.54
N SER B 771 30.57 -22.61 32.78
CA SER B 771 29.22 -23.11 32.98
C SER B 771 29.15 -24.60 32.72
N PHE B 772 29.90 -25.07 31.71
CA PHE B 772 29.97 -26.50 31.41
C PHE B 772 30.58 -27.28 32.58
N ILE B 773 31.60 -26.72 33.24
CA ILE B 773 32.20 -27.39 34.39
C ILE B 773 31.26 -27.36 35.58
N ILE B 774 30.77 -26.17 35.95
CA ILE B 774 29.85 -26.03 37.08
C ILE B 774 28.67 -27.00 36.96
N ARG B 775 28.24 -27.25 35.73
CA ARG B 775 27.11 -28.15 35.51
C ARG B 775 27.48 -29.59 35.81
N THR B 776 28.60 -30.07 35.23
CA THR B 776 29.05 -31.44 35.47
C THR B 776 29.44 -31.66 36.95
N VAL B 777 29.96 -30.63 37.61
CA VAL B 777 30.35 -30.76 39.00
C VAL B 777 29.12 -30.91 39.90
N GLY B 778 28.14 -30.00 39.73
CA GLY B 778 26.95 -29.96 40.56
C GLY B 778 25.93 -31.06 40.30
N ARG B 779 26.17 -31.92 39.31
CA ARG B 779 25.19 -32.94 38.95
C ARG B 779 25.31 -34.21 39.78
N HIS B 780 26.53 -34.56 40.20
CA HIS B 780 26.78 -35.78 40.94
C HIS B 780 27.04 -35.49 42.42
N PHE B 781 26.93 -36.55 43.23
CA PHE B 781 26.97 -36.39 44.68
C PHE B 781 28.22 -35.71 45.23
N PRO B 782 29.45 -35.99 44.76
CA PRO B 782 30.61 -35.35 45.39
C PRO B 782 30.62 -33.83 45.31
N GLY B 783 30.26 -33.26 44.16
CA GLY B 783 30.37 -31.82 43.95
C GLY B 783 29.06 -31.07 43.95
N HIS B 784 27.97 -31.68 44.42
CA HIS B 784 26.66 -31.02 44.44
C HIS B 784 26.72 -29.69 45.18
N LEU B 785 27.26 -29.70 46.40
CA LEU B 785 27.32 -28.48 47.20
C LEU B 785 28.41 -27.54 46.72
N LEU B 786 29.53 -28.10 46.24
CA LEU B 786 30.65 -27.28 45.81
C LEU B 786 30.25 -26.31 44.70
N ALA B 787 29.38 -26.76 43.79
CA ALA B 787 29.00 -25.92 42.67
C ALA B 787 28.10 -24.77 43.10
N TRP B 788 27.05 -25.07 43.86
CA TRP B 788 26.16 -24.01 44.34
C TRP B 788 26.89 -23.02 45.24
N ASP B 789 27.88 -23.47 45.99
CA ASP B 789 28.65 -22.54 46.82
C ASP B 789 29.57 -21.67 45.96
N PHE B 790 30.17 -22.25 44.93
CA PHE B 790 31.05 -21.47 44.06
C PHE B 790 30.25 -20.40 43.32
N VAL B 791 29.03 -20.75 42.90
CA VAL B 791 28.15 -19.78 42.27
C VAL B 791 27.81 -18.67 43.25
N LYS B 792 27.33 -19.04 44.44
CA LYS B 792 27.02 -18.07 45.46
C LYS B 792 28.24 -17.22 45.81
N GLU B 793 29.39 -17.87 46.05
CA GLU B 793 30.56 -17.13 46.52
C GLU B 793 31.18 -16.26 45.43
N ASN B 794 31.14 -16.69 44.17
CA ASN B 794 31.73 -15.92 43.07
C ASN B 794 30.67 -15.30 42.18
N TRP B 795 29.53 -14.91 42.76
CA TRP B 795 28.39 -14.45 41.95
C TRP B 795 28.74 -13.18 41.17
N ASN B 796 29.33 -12.19 41.81
CA ASN B 796 29.54 -10.93 41.12
C ASN B 796 30.74 -10.96 40.17
N LYS B 797 31.58 -12.00 40.24
CA LYS B 797 32.54 -12.24 39.18
C LYS B 797 31.85 -12.80 37.94
N LEU B 798 30.81 -13.62 38.14
CA LEU B 798 30.03 -14.11 37.01
C LEU B 798 29.20 -13.00 36.39
N VAL B 799 28.76 -12.04 37.21
CA VAL B 799 27.99 -10.90 36.71
C VAL B 799 28.85 -9.92 35.93
N GLN B 800 30.18 -10.01 36.04
CA GLN B 800 31.06 -9.12 35.30
C GLN B 800 31.67 -9.78 34.06
N LYS B 801 31.42 -11.07 33.86
CA LYS B 801 31.94 -11.79 32.71
C LYS B 801 30.83 -12.31 31.81
N PHE B 802 29.68 -12.64 32.37
CA PHE B 802 28.49 -13.02 31.61
C PHE B 802 27.37 -12.10 32.09
N PRO B 803 26.74 -11.31 31.19
CA PRO B 803 25.69 -10.37 31.63
C PRO B 803 24.59 -11.04 32.45
N LEU B 804 23.79 -10.24 33.16
CA LEU B 804 22.95 -10.78 34.23
C LEU B 804 21.88 -11.74 33.69
N GLY B 805 21.22 -11.38 32.61
CA GLY B 805 20.20 -12.26 32.07
C GLY B 805 20.68 -13.29 31.07
N SER B 806 21.97 -13.27 30.73
CA SER B 806 22.52 -14.10 29.67
C SER B 806 22.28 -15.59 29.92
N TYR B 807 22.41 -16.36 28.84
CA TYR B 807 22.13 -17.80 28.87
C TYR B 807 23.03 -18.53 29.85
N THR B 808 24.31 -18.18 29.88
CA THR B 808 25.24 -18.82 30.82
C THR B 808 24.79 -18.60 32.26
N ILE B 809 24.36 -17.38 32.59
CA ILE B 809 23.90 -17.11 33.94
C ILE B 809 22.60 -17.88 34.21
N GLN B 810 21.78 -18.10 33.19
CA GLN B 810 20.58 -18.91 33.35
C GLN B 810 20.92 -20.39 33.46
N ASN B 811 21.92 -20.82 32.69
CA ASN B 811 22.33 -22.22 32.70
C ASN B 811 23.00 -22.60 34.01
N ILE B 812 23.72 -21.66 34.62
CA ILE B 812 24.41 -21.94 35.87
C ILE B 812 23.44 -21.94 37.03
N VAL B 813 22.48 -21.01 37.02
CA VAL B 813 21.49 -20.92 38.10
C VAL B 813 20.58 -22.14 38.07
N ALA B 814 20.12 -22.53 36.88
CA ALA B 814 19.24 -23.69 36.76
C ALA B 814 19.98 -24.96 37.15
N GLY B 815 21.18 -25.18 36.59
CA GLY B 815 21.89 -26.43 36.74
C GLY B 815 22.65 -26.62 38.04
N SER B 816 22.78 -25.59 38.86
CA SER B 816 23.38 -25.74 40.18
C SER B 816 22.32 -25.90 41.27
N THR B 817 21.04 -25.75 40.91
CA THR B 817 19.96 -25.76 41.89
C THR B 817 18.84 -26.74 41.59
N TYR B 818 18.82 -27.39 40.42
CA TYR B 818 17.66 -28.19 40.03
C TYR B 818 17.59 -29.54 40.72
N LEU B 819 18.67 -30.00 41.36
CA LEU B 819 18.64 -31.29 42.06
C LEU B 819 18.45 -31.11 43.56
N PHE B 820 18.08 -29.91 44.01
CA PHE B 820 17.71 -29.68 45.40
C PHE B 820 16.27 -30.10 45.62
N SER B 821 15.99 -30.70 46.79
CA SER B 821 14.65 -31.22 47.03
C SER B 821 14.16 -30.98 48.47
N THR B 822 14.63 -29.94 49.16
CA THR B 822 14.20 -29.71 50.53
C THR B 822 13.76 -28.28 50.75
N LYS B 823 12.76 -28.13 51.63
CA LYS B 823 12.31 -26.81 52.06
C LYS B 823 13.45 -26.03 52.71
N THR B 824 14.43 -26.72 53.28
CA THR B 824 15.60 -26.01 53.80
C THR B 824 16.35 -25.33 52.65
N HIS B 825 16.51 -26.04 51.53
CA HIS B 825 17.21 -25.45 50.40
C HIS B 825 16.37 -24.41 49.69
N LEU B 826 15.04 -24.56 49.71
CA LEU B 826 14.20 -23.55 49.12
C LEU B 826 14.35 -22.23 49.85
N SER B 827 14.41 -22.29 51.19
CA SER B 827 14.64 -21.07 51.95
C SER B 827 16.06 -20.56 51.75
N GLU B 828 17.02 -21.46 51.53
CA GLU B 828 18.41 -21.06 51.26
C GLU B 828 18.53 -20.31 49.93
N VAL B 829 18.09 -20.93 48.85
CA VAL B 829 18.23 -20.32 47.52
C VAL B 829 17.41 -19.05 47.41
N GLN B 830 16.19 -19.05 47.95
CA GLN B 830 15.38 -17.84 47.93
C GLN B 830 16.09 -16.69 48.65
N ALA B 831 16.64 -16.97 49.83
CA ALA B 831 17.29 -15.91 50.61
C ALA B 831 18.54 -15.38 49.93
N PHE B 832 19.32 -16.24 49.27
CA PHE B 832 20.51 -15.74 48.59
C PHE B 832 20.14 -14.72 47.52
N PHE B 833 19.22 -15.08 46.63
CA PHE B 833 18.87 -14.20 45.53
C PHE B 833 18.13 -12.95 45.99
N GLU B 834 17.46 -13.00 47.15
CA GLU B 834 16.90 -11.77 47.71
C GLU B 834 17.99 -10.82 48.21
N ASN B 835 19.10 -11.36 48.73
CA ASN B 835 20.20 -10.52 49.18
C ASN B 835 20.83 -9.74 48.04
N GLN B 836 20.47 -10.05 46.81
CA GLN B 836 20.98 -9.37 45.63
C GLN B 836 19.95 -8.35 45.15
N SER B 837 20.27 -7.67 44.05
CA SER B 837 19.37 -6.68 43.47
C SER B 837 18.00 -7.28 43.16
N GLU B 838 16.98 -6.42 43.17
CA GLU B 838 15.64 -6.84 42.77
C GLU B 838 15.63 -7.37 41.33
N ALA B 839 16.40 -6.74 40.45
CA ALA B 839 16.49 -7.22 39.06
C ALA B 839 17.05 -8.63 39.01
N THR B 840 17.96 -8.98 39.94
CA THR B 840 18.47 -10.34 40.01
C THR B 840 17.41 -11.29 40.57
N PHE B 841 16.69 -10.86 41.61
CA PHE B 841 15.67 -11.70 42.21
C PHE B 841 14.50 -11.93 41.26
N ARG B 842 14.18 -10.93 40.44
CA ARG B 842 13.04 -11.00 39.53
C ARG B 842 13.39 -11.66 38.20
N LEU B 843 14.63 -12.13 38.04
CA LEU B 843 14.99 -12.91 36.86
C LEU B 843 14.13 -14.16 36.78
N ARG B 844 13.68 -14.49 35.57
CA ARG B 844 12.84 -15.67 35.40
C ARG B 844 13.62 -16.95 35.69
N CYS B 845 14.91 -16.99 35.36
CA CYS B 845 15.71 -18.17 35.69
C CYS B 845 15.82 -18.37 37.20
N VAL B 846 15.72 -17.30 37.98
CA VAL B 846 15.74 -17.43 39.44
C VAL B 846 14.37 -17.86 39.96
N GLN B 847 13.31 -17.17 39.55
CA GLN B 847 11.97 -17.57 39.95
C GLN B 847 11.63 -18.99 39.49
N GLU B 848 12.14 -19.40 38.32
CA GLU B 848 11.93 -20.77 37.85
C GLU B 848 12.66 -21.78 38.72
N ALA B 849 13.89 -21.46 39.12
CA ALA B 849 14.67 -22.38 39.95
C ALA B 849 13.95 -22.66 41.26
N LEU B 850 13.35 -21.63 41.87
CA LEU B 850 12.64 -21.83 43.13
C LEU B 850 11.48 -22.79 42.97
N GLU B 851 10.74 -22.70 41.86
CA GLU B 851 9.57 -23.56 41.68
C GLU B 851 9.98 -25.00 41.38
N VAL B 852 11.09 -25.18 40.66
CA VAL B 852 11.64 -26.52 40.47
C VAL B 852 11.92 -27.19 41.82
N ILE B 853 12.47 -26.43 42.77
CA ILE B 853 12.76 -26.99 44.09
C ILE B 853 11.46 -27.37 44.79
N GLN B 854 10.46 -26.47 44.75
CA GLN B 854 9.17 -26.77 45.39
C GLN B 854 8.54 -28.01 44.77
N LEU B 855 8.59 -28.13 43.44
CA LEU B 855 8.01 -29.29 42.80
C LEU B 855 8.81 -30.55 43.08
N ASN B 856 10.10 -30.39 43.42
CA ASN B 856 10.90 -31.54 43.84
C ASN B 856 10.53 -31.95 45.26
N ILE B 857 10.14 -30.99 46.09
CA ILE B 857 9.67 -31.33 47.43
C ILE B 857 8.36 -32.09 47.34
N GLN B 858 7.46 -31.63 46.48
CA GLN B 858 6.15 -32.25 46.35
C GLN B 858 6.22 -33.60 45.66
N TRP B 859 7.00 -33.71 44.58
CA TRP B 859 7.16 -34.99 43.91
C TRP B 859 7.65 -36.07 44.87
N MET B 860 8.45 -35.69 45.88
CA MET B 860 8.99 -36.68 46.82
C MET B 860 8.06 -36.98 48.00
N GLU B 861 7.23 -36.02 48.43
CA GLU B 861 6.26 -36.35 49.47
C GLU B 861 5.07 -37.13 48.93
N LYS B 862 4.90 -37.16 47.61
CA LYS B 862 3.87 -37.97 46.96
C LYS B 862 4.32 -39.41 46.67
N ASN B 863 5.51 -39.60 46.09
CA ASN B 863 5.89 -40.89 45.52
C ASN B 863 7.14 -41.51 46.14
N LEU B 864 7.49 -41.16 47.38
CA LEU B 864 8.69 -41.79 47.93
C LEU B 864 8.34 -43.02 48.73
N LYS B 865 7.27 -42.95 49.52
CA LYS B 865 6.75 -44.16 50.13
C LYS B 865 6.16 -45.07 49.06
N SER B 866 5.68 -44.49 47.95
CA SER B 866 5.12 -45.30 46.87
C SER B 866 6.23 -45.94 46.03
N LEU B 867 7.31 -45.20 45.75
CA LEU B 867 8.40 -45.78 44.95
C LEU B 867 9.23 -46.78 45.74
N THR B 868 9.38 -46.60 47.05
CA THR B 868 10.08 -47.61 47.84
C THR B 868 9.33 -48.94 47.85
N TRP B 869 8.05 -48.92 47.48
CA TRP B 869 7.28 -50.16 47.42
C TRP B 869 7.53 -50.90 46.11
N TRP B 870 7.30 -50.23 44.98
CA TRP B 870 7.56 -50.79 43.66
C TRP B 870 9.03 -51.17 43.49
N LEU B 871 9.92 -50.58 44.28
CA LEU B 871 11.35 -50.84 44.19
C LEU B 871 11.81 -51.64 45.41
#